data_5H3D
#
_entry.id   5H3D
#
_cell.length_a   1
_cell.length_b   1
_cell.length_c   1
_cell.angle_alpha   90
_cell.angle_beta   90
_cell.angle_gamma   90
#
_symmetry.space_group_name_H-M   'P 1'
#
_entity_poly.entity_id   1
_entity_poly.type   'polypeptide(L)'
_entity_poly.pdbx_seq_one_letter_code
;GPLGSMTVKLDFEECLKDSPRFRASIELVEAEVSELETRLEKLLKLGTGLLESGRHYLAASRAFVVGICDLARLGPPEPM
MAECLEKFTVSLNHKLDSHAELLDATQHTLQQQIQTLVKEGLRGFREARRDFWRGAESLEAALTHNAEVPRRRAQEAEEA
GAALRTARAGYRGRALDYALQINVIEDKRKFDIMEFVLRLVEAQATHFQQGHEELSRLSQYRKELGAQLHQLVLNSAREK
RDMEQRHVLLKQKELGGEEPEPSLREGPGGLVMEGHLFKRASNAFKTWSRRWFTIQSNQLVYQKKYKDPVTVVVDDLRLC
TVKLCPDSERRFCFEVVSTSKSCLLQADSERLLQLWVSAVQSSIASAFSQARLDDSPRGPGQ
;
_entity_poly.pdbx_strand_id   A,B,C,D
#
# COMPACT_ATOMS: atom_id res chain seq x y z
N MET A 6 -28.42 -5.89 -10.70
CA MET A 6 -27.97 -5.52 -9.33
C MET A 6 -28.89 -5.64 -8.17
N THR A 7 -30.08 -4.99 -8.23
CA THR A 7 -31.06 -4.84 -7.09
C THR A 7 -31.56 -6.16 -6.60
N VAL A 8 -31.73 -7.13 -7.57
CA VAL A 8 -32.41 -8.35 -7.23
C VAL A 8 -31.43 -9.46 -7.15
N LYS A 9 -30.13 -9.19 -7.25
CA LYS A 9 -28.97 -10.05 -6.89
C LYS A 9 -28.51 -9.84 -5.43
N LEU A 10 -29.25 -9.00 -4.67
CA LEU A 10 -29.01 -8.66 -3.27
C LEU A 10 -30.36 -8.72 -2.62
N ASP A 11 -30.46 -9.66 -1.69
CA ASP A 11 -31.72 -9.92 -0.84
C ASP A 11 -31.57 -8.86 0.35
N PHE A 12 -32.40 -7.75 0.17
CA PHE A 12 -32.54 -6.71 1.21
C PHE A 12 -33.30 -7.25 2.42
N GLU A 13 -34.24 -8.15 2.12
CA GLU A 13 -35.21 -8.88 2.90
C GLU A 13 -34.52 -9.65 3.97
N GLU A 14 -33.36 -10.26 3.69
CA GLU A 14 -32.70 -11.18 4.58
C GLU A 14 -31.45 -10.58 5.18
N CYS A 15 -31.25 -9.27 5.01
CA CYS A 15 -30.09 -8.58 5.54
C CYS A 15 -30.02 -8.47 7.01
N LEU A 16 -31.10 -8.51 7.84
CA LEU A 16 -31.04 -8.60 9.28
C LEU A 16 -30.96 -9.99 9.72
N LYS A 17 -31.44 -10.96 8.99
CA LYS A 17 -31.53 -12.36 9.21
C LYS A 17 -30.22 -13.07 9.00
N ASP A 18 -29.55 -12.78 7.90
CA ASP A 18 -28.15 -13.31 7.60
C ASP A 18 -28.12 -14.81 7.27
N SER A 19 -28.94 -15.19 6.30
CA SER A 19 -29.07 -16.61 5.82
C SER A 19 -27.96 -16.82 4.77
N PRO A 20 -27.62 -18.10 4.49
CA PRO A 20 -26.85 -18.50 3.33
C PRO A 20 -27.35 -17.96 2.02
N ARG A 21 -28.61 -17.75 1.83
CA ARG A 21 -29.25 -16.91 0.86
C ARG A 21 -28.70 -15.51 0.78
N PHE A 22 -28.61 -14.84 1.97
CA PHE A 22 -28.08 -13.53 2.07
C PHE A 22 -26.62 -13.47 1.76
N ARG A 23 -25.84 -14.46 2.34
CA ARG A 23 -24.44 -14.60 2.02
C ARG A 23 -24.11 -14.94 0.60
N ALA A 24 -24.95 -15.81 -0.10
CA ALA A 24 -24.82 -16.09 -1.52
C ALA A 24 -25.03 -14.75 -2.31
N SER A 25 -26.04 -13.95 -1.91
CA SER A 25 -26.37 -12.71 -2.65
C SER A 25 -25.30 -11.65 -2.62
N ILE A 26 -24.75 -11.35 -1.45
CA ILE A 26 -23.64 -10.45 -1.23
C ILE A 26 -22.41 -10.83 -2.03
N GLU A 27 -22.07 -12.10 -2.16
CA GLU A 27 -21.07 -12.48 -3.10
C GLU A 27 -21.49 -12.37 -4.57
N LEU A 28 -22.73 -12.77 -4.97
CA LEU A 28 -23.15 -12.65 -6.37
C LEU A 28 -23.26 -11.25 -6.91
N VAL A 29 -23.84 -10.21 -6.14
CA VAL A 29 -24.02 -8.84 -6.62
C VAL A 29 -22.80 -8.07 -7.00
N GLU A 30 -21.67 -8.27 -6.32
CA GLU A 30 -20.47 -7.60 -6.58
C GLU A 30 -19.87 -7.75 -8.00
N ALA A 31 -20.12 -8.91 -8.66
CA ALA A 31 -19.46 -9.09 -9.97
C ALA A 31 -20.08 -8.17 -11.01
N GLU A 32 -21.36 -7.85 -11.01
CA GLU A 32 -21.99 -6.91 -11.96
C GLU A 32 -21.58 -5.49 -11.72
N VAL A 33 -21.43 -4.98 -10.44
CA VAL A 33 -20.75 -3.69 -10.18
C VAL A 33 -19.37 -3.68 -10.76
N SER A 34 -18.55 -4.73 -10.55
CA SER A 34 -17.21 -4.67 -11.15
C SER A 34 -17.11 -4.69 -12.70
N GLU A 35 -18.09 -5.45 -13.32
CA GLU A 35 -18.21 -5.53 -14.76
C GLU A 35 -18.45 -4.16 -15.35
N LEU A 36 -19.42 -3.50 -14.78
CA LEU A 36 -19.94 -2.22 -15.07
C LEU A 36 -18.93 -1.15 -14.93
N GLU A 37 -18.18 -1.18 -13.85
CA GLU A 37 -17.05 -0.27 -13.63
C GLU A 37 -15.96 -0.29 -14.66
N THR A 38 -15.73 -1.50 -15.16
CA THR A 38 -14.75 -1.82 -16.19
C THR A 38 -15.26 -1.35 -17.56
N ARG A 39 -16.53 -1.52 -17.91
CA ARG A 39 -17.16 -0.96 -19.09
C ARG A 39 -17.29 0.55 -19.16
N LEU A 40 -17.58 1.21 -18.02
CA LEU A 40 -17.53 2.70 -17.81
C LEU A 40 -16.17 3.26 -18.08
N GLU A 41 -15.11 2.57 -17.69
CA GLU A 41 -13.82 3.09 -17.96
C GLU A 41 -13.53 2.97 -19.42
N LYS A 42 -13.99 1.84 -20.06
CA LYS A 42 -13.73 1.73 -21.48
C LYS A 42 -14.36 2.81 -22.31
N LEU A 43 -15.58 3.29 -21.96
CA LEU A 43 -16.15 4.45 -22.63
C LEU A 43 -15.52 5.75 -22.36
N LEU A 44 -15.07 6.13 -21.19
CA LEU A 44 -14.33 7.32 -20.83
C LEU A 44 -13.04 7.42 -21.57
N LYS A 45 -12.25 6.35 -21.71
CA LYS A 45 -11.09 6.41 -22.59
C LYS A 45 -11.40 6.54 -24.10
N LEU A 46 -12.36 5.78 -24.71
CA LEU A 46 -12.76 5.88 -26.12
C LEU A 46 -13.32 7.27 -26.44
N GLY A 47 -13.96 7.87 -25.49
CA GLY A 47 -14.46 9.24 -25.59
C GLY A 47 -13.48 10.32 -25.71
N THR A 48 -12.42 10.23 -24.93
CA THR A 48 -11.22 11.05 -25.15
C THR A 48 -10.41 10.76 -26.43
N GLY A 49 -10.52 9.56 -26.94
CA GLY A 49 -10.01 9.00 -28.21
C GLY A 49 -10.65 9.66 -29.37
N LEU A 50 -11.98 9.83 -29.28
CA LEU A 50 -12.72 10.65 -30.23
C LEU A 50 -12.41 12.11 -30.09
N LEU A 51 -12.23 12.58 -28.77
CA LEU A 51 -11.81 13.98 -28.56
C LEU A 51 -10.48 14.35 -29.11
N GLU A 52 -9.42 13.59 -28.93
CA GLU A 52 -8.16 13.72 -29.70
C GLU A 52 -8.16 13.53 -31.18
N SER A 53 -8.72 12.42 -31.75
CA SER A 53 -8.77 12.45 -33.22
C SER A 53 -9.64 13.52 -33.80
N GLY A 54 -10.82 13.81 -33.19
CA GLY A 54 -11.68 14.93 -33.62
C GLY A 54 -11.00 16.19 -33.69
N ARG A 55 -10.27 16.46 -32.58
CA ARG A 55 -9.62 17.77 -32.53
C ARG A 55 -8.45 17.98 -33.49
N HIS A 56 -7.72 16.90 -33.68
CA HIS A 56 -6.63 16.80 -34.69
C HIS A 56 -7.17 16.92 -36.08
N TYR A 57 -8.30 16.30 -36.29
CA TYR A 57 -9.01 16.43 -37.58
C TYR A 57 -9.52 17.86 -38.00
N LEU A 58 -10.07 18.61 -36.99
CA LEU A 58 -10.48 20.00 -37.09
C LEU A 58 -9.30 21.02 -37.12
N ALA A 59 -8.16 20.70 -36.47
CA ALA A 59 -6.87 21.46 -36.65
C ALA A 59 -6.36 21.28 -38.06
N ALA A 60 -6.49 20.11 -38.64
CA ALA A 60 -6.05 19.80 -40.03
C ALA A 60 -6.97 20.49 -41.00
N SER A 61 -8.37 20.40 -40.76
CA SER A 61 -9.50 20.98 -41.47
C SER A 61 -9.45 22.46 -41.46
N ARG A 62 -9.25 23.18 -40.34
CA ARG A 62 -9.25 24.58 -40.33
C ARG A 62 -8.05 25.15 -41.11
N ALA A 63 -6.88 24.48 -40.94
CA ALA A 63 -5.69 24.86 -41.60
C ALA A 63 -5.68 24.71 -43.12
N PHE A 64 -6.30 23.63 -43.57
CA PHE A 64 -6.59 23.36 -44.96
C PHE A 64 -7.50 24.39 -45.53
N VAL A 65 -8.56 24.88 -44.73
CA VAL A 65 -9.64 25.79 -45.24
C VAL A 65 -9.09 27.16 -45.55
N VAL A 66 -8.24 27.70 -44.65
CA VAL A 66 -7.44 28.94 -44.94
C VAL A 66 -6.68 28.85 -46.22
N GLY A 67 -6.08 27.69 -46.53
CA GLY A 67 -5.13 27.46 -47.66
C GLY A 67 -5.74 27.19 -48.95
N ILE A 68 -6.83 26.43 -49.02
CA ILE A 68 -7.68 26.31 -50.22
C ILE A 68 -8.30 27.66 -50.76
N CYS A 69 -8.64 28.58 -49.79
CA CYS A 69 -9.27 29.93 -50.09
C CYS A 69 -8.26 30.87 -50.57
N ASP A 70 -7.07 30.96 -49.86
CA ASP A 70 -5.96 31.84 -50.13
C ASP A 70 -5.34 31.55 -51.49
N LEU A 71 -5.28 30.30 -51.92
CA LEU A 71 -4.74 29.77 -53.19
C LEU A 71 -5.67 30.19 -54.32
N ALA A 72 -6.99 30.06 -54.19
CA ALA A 72 -7.97 30.63 -55.04
C ALA A 72 -8.03 32.17 -55.18
N ARG A 73 -7.89 32.92 -54.00
CA ARG A 73 -7.76 34.35 -53.96
C ARG A 73 -6.60 34.96 -54.66
N LEU A 74 -5.47 34.26 -54.62
CA LEU A 74 -4.32 34.41 -55.50
C LEU A 74 -4.44 34.02 -56.95
N GLY A 75 -5.54 33.24 -57.23
CA GLY A 75 -5.96 32.83 -58.59
C GLY A 75 -6.30 34.03 -59.52
N PRO A 76 -6.37 33.81 -60.82
CA PRO A 76 -6.57 34.95 -61.80
C PRO A 76 -7.85 35.66 -61.78
N PRO A 77 -8.17 36.96 -62.21
CA PRO A 77 -9.19 37.76 -61.70
C PRO A 77 -10.55 37.37 -62.25
N GLU A 78 -11.61 37.22 -61.44
CA GLU A 78 -12.94 37.01 -61.75
C GLU A 78 -13.91 37.48 -60.66
N PRO A 79 -14.79 38.51 -60.87
CA PRO A 79 -15.55 39.19 -59.87
C PRO A 79 -16.62 38.32 -59.18
N MET A 80 -17.14 37.28 -59.92
CA MET A 80 -18.11 36.37 -59.21
C MET A 80 -17.46 35.42 -58.30
N MET A 81 -16.17 35.06 -58.60
CA MET A 81 -15.33 34.21 -57.77
C MET A 81 -14.85 34.99 -56.56
N ALA A 82 -14.54 36.32 -56.72
CA ALA A 82 -14.13 37.16 -55.63
C ALA A 82 -15.15 37.27 -54.54
N GLU A 83 -16.42 37.37 -54.83
CA GLU A 83 -17.51 37.32 -53.78
C GLU A 83 -17.91 35.94 -53.36
N CYS A 84 -18.01 35.02 -54.24
CA CYS A 84 -18.41 33.66 -54.00
C CYS A 84 -17.54 32.90 -53.10
N LEU A 85 -16.22 33.13 -53.20
CA LEU A 85 -15.26 32.46 -52.34
C LEU A 85 -15.31 32.88 -50.90
N GLU A 86 -15.63 34.18 -50.64
CA GLU A 86 -15.88 34.82 -49.36
C GLU A 86 -17.14 34.18 -48.67
N LYS A 87 -18.21 33.97 -49.49
CA LYS A 87 -19.40 33.23 -49.07
C LYS A 87 -18.98 31.79 -48.72
N PHE A 88 -18.16 31.19 -49.53
CA PHE A 88 -17.60 29.92 -49.27
C PHE A 88 -16.73 29.78 -48.02
N THR A 89 -15.77 30.75 -47.82
CA THR A 89 -14.81 30.81 -46.71
C THR A 89 -15.51 30.83 -45.39
N VAL A 90 -16.55 31.72 -45.22
CA VAL A 90 -17.27 31.79 -43.98
C VAL A 90 -18.11 30.53 -43.78
N SER A 91 -18.75 29.98 -44.87
CA SER A 91 -19.44 28.75 -44.78
C SER A 91 -18.56 27.65 -44.33
N LEU A 92 -17.33 27.53 -44.86
CA LEU A 92 -16.41 26.43 -44.53
C LEU A 92 -15.99 26.40 -43.08
N ASN A 93 -15.60 27.58 -42.57
CA ASN A 93 -15.36 27.77 -41.14
C ASN A 93 -16.54 27.69 -40.18
N HIS A 94 -17.76 28.13 -40.59
CA HIS A 94 -18.98 28.17 -39.81
C HIS A 94 -19.54 26.77 -39.46
N LYS A 95 -19.42 25.84 -40.44
CA LYS A 95 -19.62 24.42 -40.32
C LYS A 95 -18.62 23.76 -39.41
N LEU A 96 -17.37 24.19 -39.41
CA LEU A 96 -16.36 23.73 -38.49
C LEU A 96 -16.52 24.15 -37.08
N ASP A 97 -17.01 25.36 -36.85
CA ASP A 97 -17.24 25.93 -35.55
C ASP A 97 -18.37 25.18 -34.85
N SER A 98 -19.39 24.86 -35.66
CA SER A 98 -20.44 23.94 -35.22
C SER A 98 -19.84 22.60 -34.84
N HIS A 99 -18.80 22.07 -35.55
CA HIS A 99 -18.22 20.79 -35.26
C HIS A 99 -17.23 20.81 -34.05
N ALA A 100 -16.66 21.99 -33.70
CA ALA A 100 -15.78 22.19 -32.54
C ALA A 100 -16.56 22.24 -31.26
N GLU A 101 -17.71 22.90 -31.33
CA GLU A 101 -18.76 22.96 -30.41
C GLU A 101 -19.34 21.53 -30.11
N LEU A 102 -19.58 20.70 -31.16
CA LEU A 102 -20.04 19.26 -30.93
C LEU A 102 -18.96 18.46 -30.12
N LEU A 103 -17.65 18.64 -30.26
CA LEU A 103 -16.60 18.03 -29.44
C LEU A 103 -16.65 18.54 -28.01
N ASP A 104 -16.81 19.82 -27.82
CA ASP A 104 -16.91 20.39 -26.51
C ASP A 104 -18.17 20.00 -25.73
N ALA A 105 -19.35 19.92 -26.46
CA ALA A 105 -20.54 19.33 -25.87
C ALA A 105 -20.39 17.89 -25.49
N THR A 106 -19.77 17.13 -26.38
CA THR A 106 -19.38 15.75 -26.16
C THR A 106 -18.44 15.51 -24.95
N GLN A 107 -17.41 16.39 -24.86
CA GLN A 107 -16.53 16.55 -23.69
C GLN A 107 -17.29 16.85 -22.38
N HIS A 108 -18.21 17.88 -22.32
CA HIS A 108 -19.01 18.16 -21.15
C HIS A 108 -19.87 17.06 -20.67
N THR A 109 -20.60 16.37 -21.58
CA THR A 109 -21.42 15.21 -21.18
C THR A 109 -20.54 14.03 -20.65
N LEU A 110 -19.32 13.79 -21.27
CA LEU A 110 -18.44 12.78 -20.77
C LEU A 110 -18.04 13.03 -19.30
N GLN A 111 -17.86 14.33 -18.93
CA GLN A 111 -17.65 14.77 -17.54
C GLN A 111 -18.83 14.70 -16.59
N GLN A 112 -19.98 15.22 -17.04
CA GLN A 112 -21.23 15.20 -16.25
C GLN A 112 -21.79 13.77 -16.01
N GLN A 113 -21.77 12.88 -17.01
CA GLN A 113 -22.40 11.58 -16.92
C GLN A 113 -21.34 10.55 -16.55
N ILE A 114 -20.70 9.98 -17.55
CA ILE A 114 -19.76 8.85 -17.47
C ILE A 114 -18.51 8.91 -16.56
N GLN A 115 -17.71 9.97 -16.61
CA GLN A 115 -16.58 10.21 -15.73
C GLN A 115 -16.96 10.40 -14.29
N THR A 116 -18.02 11.19 -14.03
CA THR A 116 -18.76 11.29 -12.76
C THR A 116 -19.29 9.99 -12.25
N LEU A 117 -19.88 9.16 -13.10
CA LEU A 117 -20.47 7.91 -12.64
C LEU A 117 -19.37 6.98 -12.02
N VAL A 118 -18.21 6.88 -12.73
CA VAL A 118 -17.15 5.98 -12.30
C VAL A 118 -16.39 6.60 -11.13
N LYS A 119 -16.11 7.93 -11.10
CA LYS A 119 -15.44 8.63 -10.09
C LYS A 119 -16.20 8.67 -8.73
N GLU A 120 -17.45 9.09 -8.72
CA GLU A 120 -18.23 9.34 -7.54
C GLU A 120 -19.10 8.15 -7.05
N GLY A 121 -19.71 7.33 -7.98
CA GLY A 121 -21.04 6.69 -7.74
C GLY A 121 -20.90 5.33 -7.09
N LEU A 122 -19.65 4.89 -7.00
CA LEU A 122 -19.37 3.61 -6.36
C LEU A 122 -18.60 3.70 -5.11
N ARG A 123 -18.25 4.93 -4.68
CA ARG A 123 -17.52 5.33 -3.52
C ARG A 123 -18.18 4.91 -2.26
N GLY A 124 -19.45 5.30 -2.03
CA GLY A 124 -20.20 4.94 -0.88
C GLY A 124 -20.55 3.47 -0.73
N PHE A 125 -20.90 2.71 -1.82
CA PHE A 125 -21.03 1.26 -1.89
C PHE A 125 -19.74 0.64 -1.49
N ARG A 126 -18.56 1.10 -2.06
CA ARG A 126 -17.25 0.53 -1.66
C ARG A 126 -16.91 0.80 -0.17
N GLU A 127 -17.18 1.96 0.41
CA GLU A 127 -17.00 2.35 1.80
C GLU A 127 -17.85 1.55 2.77
N ALA A 128 -19.08 1.27 2.38
CA ALA A 128 -19.89 0.22 2.96
C ALA A 128 -19.51 -1.17 2.74
N ARG A 129 -19.07 -1.54 1.54
CA ARG A 129 -18.53 -2.90 1.28
C ARG A 129 -17.27 -3.29 2.01
N ARG A 130 -16.32 -2.35 2.12
CA ARG A 130 -15.09 -2.45 2.86
C ARG A 130 -15.28 -2.70 4.37
N ASP A 131 -15.98 -1.79 5.01
CA ASP A 131 -16.40 -2.00 6.40
C ASP A 131 -17.32 -3.26 6.54
N PHE A 132 -18.24 -3.56 5.62
CA PHE A 132 -19.10 -4.78 5.70
C PHE A 132 -18.39 -6.16 5.65
N TRP A 133 -17.35 -6.31 4.86
CA TRP A 133 -16.46 -7.42 4.96
C TRP A 133 -15.47 -7.26 6.04
N ARG A 134 -15.03 -6.09 6.48
CA ARG A 134 -14.42 -6.14 7.76
C ARG A 134 -15.25 -6.64 9.01
N GLY A 135 -16.54 -6.32 9.07
CA GLY A 135 -17.51 -6.80 10.03
C GLY A 135 -17.93 -8.23 9.76
N ALA A 136 -17.98 -8.73 8.53
CA ALA A 136 -18.31 -10.11 8.27
C ALA A 136 -17.23 -11.09 8.75
N GLU A 137 -15.96 -10.74 8.50
CA GLU A 137 -14.77 -11.38 8.97
C GLU A 137 -14.69 -11.37 10.45
N SER A 138 -14.98 -10.17 11.03
CA SER A 138 -15.14 -9.94 12.51
C SER A 138 -16.25 -10.79 13.08
N LEU A 139 -17.40 -10.79 12.42
CA LEU A 139 -18.48 -11.69 12.85
C LEU A 139 -18.17 -13.20 12.80
N GLU A 140 -17.53 -13.67 11.73
CA GLU A 140 -17.20 -15.04 11.66
C GLU A 140 -16.26 -15.61 12.67
N ALA A 141 -15.15 -14.89 12.90
CA ALA A 141 -14.39 -15.19 14.11
C ALA A 141 -15.05 -14.90 15.51
N ALA A 142 -15.86 -13.84 15.73
CA ALA A 142 -16.65 -13.54 16.94
C ALA A 142 -17.51 -14.77 17.32
N LEU A 143 -18.23 -15.33 16.38
CA LEU A 143 -18.88 -16.62 16.45
C LEU A 143 -17.84 -17.81 16.60
N THR A 144 -16.74 -17.81 15.82
CA THR A 144 -15.77 -18.94 16.08
C THR A 144 -15.19 -19.08 17.47
N HIS A 145 -14.84 -17.87 18.05
CA HIS A 145 -14.25 -17.78 19.32
C HIS A 145 -15.31 -17.97 20.45
N ASN A 146 -16.61 -17.69 20.10
CA ASN A 146 -17.71 -17.99 20.94
C ASN A 146 -18.07 -19.47 20.97
N ALA A 147 -17.98 -20.21 19.85
CA ALA A 147 -18.28 -21.60 19.81
C ALA A 147 -17.20 -22.39 20.44
N GLU A 148 -16.00 -21.96 20.26
CA GLU A 148 -14.80 -22.89 20.62
C GLU A 148 -14.30 -22.74 22.05
N VAL A 149 -14.90 -21.85 22.90
CA VAL A 149 -14.49 -21.82 24.29
C VAL A 149 -15.29 -22.83 25.14
N PRO A 150 -14.78 -23.83 25.85
CA PRO A 150 -15.58 -24.68 26.77
C PRO A 150 -16.37 -23.88 27.79
N ARG A 151 -17.39 -24.52 28.34
CA ARG A 151 -18.30 -24.05 29.39
C ARG A 151 -17.59 -23.55 30.67
N ARG A 152 -16.54 -24.25 31.14
CA ARG A 152 -15.69 -23.87 32.28
C ARG A 152 -14.80 -22.75 32.03
N ARG A 153 -14.65 -22.34 30.72
CA ARG A 153 -13.86 -21.13 30.39
C ARG A 153 -14.84 -20.00 30.12
N ALA A 154 -15.70 -19.77 31.08
CA ALA A 154 -16.57 -18.55 31.12
C ALA A 154 -16.09 -17.21 30.71
N GLN A 155 -14.96 -16.74 31.24
CA GLN A 155 -14.42 -15.42 30.95
C GLN A 155 -14.10 -15.13 29.46
N GLU A 156 -13.39 -16.11 28.74
CA GLU A 156 -13.07 -16.09 27.32
C GLU A 156 -14.32 -16.12 26.53
N ALA A 157 -15.40 -16.92 26.94
CA ALA A 157 -16.66 -16.96 26.23
C ALA A 157 -17.37 -15.63 26.25
N GLU A 158 -17.40 -14.90 27.36
CA GLU A 158 -17.94 -13.56 27.58
C GLU A 158 -17.30 -12.50 26.80
N GLU A 159 -15.98 -12.54 26.78
CA GLU A 159 -15.22 -11.63 25.86
C GLU A 159 -15.65 -11.85 24.37
N ALA A 160 -15.75 -13.13 23.88
CA ALA A 160 -16.08 -13.38 22.48
C ALA A 160 -17.54 -13.01 22.09
N GLY A 161 -18.49 -13.30 23.08
CA GLY A 161 -19.88 -12.84 22.95
C GLY A 161 -20.10 -11.36 23.02
N ALA A 162 -19.29 -10.63 23.74
CA ALA A 162 -19.35 -9.16 23.67
C ALA A 162 -18.86 -8.69 22.29
N ALA A 163 -17.76 -9.19 21.74
CA ALA A 163 -17.40 -8.92 20.42
C ALA A 163 -18.48 -9.28 19.33
N LEU A 164 -19.15 -10.46 19.52
CA LEU A 164 -20.28 -10.87 18.62
C LEU A 164 -21.45 -9.94 18.57
N ARG A 165 -21.76 -9.42 19.81
CA ARG A 165 -22.91 -8.47 19.88
C ARG A 165 -22.60 -7.23 19.13
N THR A 166 -21.34 -6.72 19.24
CA THR A 166 -20.74 -5.68 18.39
C THR A 166 -20.78 -6.10 16.90
N ALA A 167 -20.20 -7.20 16.48
CA ALA A 167 -20.17 -7.68 15.12
C ALA A 167 -21.56 -7.84 14.50
N ARG A 168 -22.50 -8.56 15.16
CA ARG A 168 -23.87 -8.81 14.64
C ARG A 168 -24.74 -7.58 14.44
N ALA A 169 -24.78 -6.70 15.46
CA ALA A 169 -25.29 -5.32 15.23
C ALA A 169 -24.63 -4.53 14.17
N GLY A 170 -23.24 -4.41 14.16
CA GLY A 170 -22.67 -3.57 13.13
C GLY A 170 -22.60 -4.12 11.78
N TYR A 171 -22.56 -5.46 11.66
CA TYR A 171 -22.90 -6.12 10.41
C TYR A 171 -24.35 -5.95 9.85
N ARG A 172 -25.33 -5.97 10.71
CA ARG A 172 -26.70 -5.57 10.31
C ARG A 172 -26.83 -4.13 9.83
N GLY A 173 -26.15 -3.22 10.62
CA GLY A 173 -25.95 -1.84 10.21
C GLY A 173 -25.37 -1.67 8.80
N ARG A 174 -24.25 -2.36 8.58
CA ARG A 174 -23.65 -2.36 7.31
C ARG A 174 -24.38 -2.96 6.12
N ALA A 175 -25.20 -4.06 6.28
CA ALA A 175 -25.94 -4.74 5.25
C ALA A 175 -27.00 -3.84 4.72
N LEU A 176 -27.71 -3.11 5.55
CA LEU A 176 -28.55 -1.98 5.04
C LEU A 176 -27.88 -0.92 4.10
N ASP A 177 -26.68 -0.44 4.37
CA ASP A 177 -26.05 0.54 3.48
C ASP A 177 -25.71 0.07 2.14
N TYR A 178 -25.15 -1.13 2.23
CA TYR A 178 -24.73 -1.92 1.09
C TYR A 178 -25.87 -2.24 0.22
N ALA A 179 -27.07 -2.63 0.75
CA ALA A 179 -28.42 -2.74 0.12
C ALA A 179 -28.92 -1.49 -0.47
N LEU A 180 -28.71 -0.36 0.28
CA LEU A 180 -29.05 0.98 -0.26
C LEU A 180 -28.29 1.37 -1.48
N GLN A 181 -26.96 1.23 -1.54
CA GLN A 181 -26.06 1.76 -2.63
C GLN A 181 -26.01 0.91 -3.85
N ILE A 182 -26.10 -0.40 -3.65
CA ILE A 182 -26.62 -1.24 -4.74
C ILE A 182 -27.96 -0.90 -5.39
N ASN A 183 -29.04 -0.58 -4.61
CA ASN A 183 -30.39 -0.20 -5.09
C ASN A 183 -30.31 1.11 -5.82
N VAL A 184 -29.52 2.03 -5.39
CA VAL A 184 -29.21 3.32 -6.08
C VAL A 184 -28.59 3.11 -7.41
N ILE A 185 -27.54 2.21 -7.60
CA ILE A 185 -26.77 2.15 -8.88
C ILE A 185 -27.58 1.45 -9.98
N GLU A 186 -28.52 0.57 -9.57
CA GLU A 186 -29.47 -0.09 -10.47
C GLU A 186 -30.36 0.84 -11.32
N ASP A 187 -30.89 1.82 -10.59
CA ASP A 187 -31.63 2.85 -11.20
C ASP A 187 -30.73 3.84 -12.02
N LYS A 188 -29.62 4.30 -11.45
CA LYS A 188 -28.71 5.27 -11.95
C LYS A 188 -28.04 4.92 -13.28
N ARG A 189 -27.62 3.67 -13.40
CA ARG A 189 -26.98 3.10 -14.57
C ARG A 189 -27.76 3.26 -15.87
N LYS A 190 -29.02 3.05 -15.95
CA LYS A 190 -29.73 3.27 -17.19
C LYS A 190 -29.84 4.74 -17.67
N PHE A 191 -30.15 5.61 -16.66
CA PHE A 191 -30.55 6.92 -16.78
C PHE A 191 -29.40 7.79 -17.31
N ASP A 192 -28.15 7.68 -16.75
CA ASP A 192 -26.93 8.33 -17.17
C ASP A 192 -26.46 7.94 -18.64
N ILE A 193 -26.50 6.62 -19.04
CA ILE A 193 -26.17 6.25 -20.41
C ILE A 193 -27.16 6.65 -21.45
N MET A 194 -28.46 6.52 -21.16
CA MET A 194 -29.52 7.15 -21.92
C MET A 194 -29.45 8.66 -22.05
N GLU A 195 -29.18 9.39 -20.86
CA GLU A 195 -28.89 10.83 -20.87
C GLU A 195 -27.68 11.15 -21.74
N PHE A 196 -26.58 10.36 -21.71
CA PHE A 196 -25.36 10.52 -22.44
C PHE A 196 -25.56 10.34 -24.05
N VAL A 197 -26.27 9.34 -24.54
CA VAL A 197 -26.65 9.24 -25.92
C VAL A 197 -27.61 10.33 -26.35
N LEU A 198 -28.59 10.71 -25.46
CA LEU A 198 -29.40 11.86 -25.61
C LEU A 198 -28.62 13.23 -25.74
N ARG A 199 -27.68 13.62 -24.81
CA ARG A 199 -26.95 14.86 -24.89
C ARG A 199 -25.93 14.92 -26.03
N LEU A 200 -25.27 13.83 -26.39
CA LEU A 200 -24.53 13.60 -27.57
C LEU A 200 -25.22 13.97 -28.89
N VAL A 201 -26.40 13.29 -29.14
CA VAL A 201 -27.13 13.58 -30.37
C VAL A 201 -27.87 14.91 -30.34
N GLU A 202 -28.13 15.58 -29.20
CA GLU A 202 -28.53 16.98 -29.19
C GLU A 202 -27.58 17.91 -29.83
N ALA A 203 -26.25 17.76 -29.51
CA ALA A 203 -25.09 18.42 -30.08
C ALA A 203 -24.86 18.06 -31.53
N GLN A 204 -25.16 16.86 -31.97
CA GLN A 204 -25.27 16.49 -33.35
C GLN A 204 -26.36 17.16 -34.14
N ALA A 205 -27.56 17.17 -33.60
CA ALA A 205 -28.68 17.90 -34.22
C ALA A 205 -28.43 19.37 -34.33
N THR A 206 -27.77 19.95 -33.30
CA THR A 206 -27.35 21.29 -33.25
C THR A 206 -26.16 21.68 -34.25
N HIS A 207 -25.12 20.83 -34.33
CA HIS A 207 -24.07 20.88 -35.34
C HIS A 207 -24.50 20.72 -36.85
N PHE A 208 -25.40 19.78 -37.15
CA PHE A 208 -25.94 19.58 -38.43
C PHE A 208 -26.92 20.65 -38.86
N GLN A 209 -27.65 21.36 -37.92
CA GLN A 209 -28.64 22.44 -38.14
C GLN A 209 -27.88 23.67 -38.50
N GLN A 210 -26.74 23.97 -37.86
CA GLN A 210 -25.86 25.04 -38.23
C GLN A 210 -25.38 25.02 -39.69
N GLY A 211 -25.05 23.78 -40.23
CA GLY A 211 -24.75 23.58 -41.65
C GLY A 211 -25.89 23.50 -42.62
N HIS A 212 -27.15 23.35 -42.06
CA HIS A 212 -28.37 23.33 -42.81
C HIS A 212 -29.00 24.72 -42.81
N GLU A 213 -28.75 25.59 -41.76
CA GLU A 213 -29.30 26.88 -41.63
C GLU A 213 -28.65 27.72 -42.72
N GLU A 214 -27.35 27.46 -42.98
CA GLU A 214 -26.78 28.13 -44.11
C GLU A 214 -26.87 27.36 -45.50
N LEU A 215 -27.36 26.09 -45.59
CA LEU A 215 -27.53 25.38 -46.86
C LEU A 215 -28.21 26.21 -48.04
N SER A 216 -29.27 26.95 -47.78
CA SER A 216 -29.89 27.85 -48.72
C SER A 216 -29.15 28.96 -49.31
N ARG A 217 -28.44 29.79 -48.54
CA ARG A 217 -27.45 30.78 -48.96
C ARG A 217 -26.28 30.14 -49.69
N LEU A 218 -25.82 29.00 -49.20
CA LEU A 218 -24.67 28.36 -49.83
C LEU A 218 -25.02 27.79 -51.20
N SER A 219 -26.28 27.23 -51.33
CA SER A 219 -26.80 26.82 -52.65
C SER A 219 -26.98 27.96 -53.67
N GLN A 220 -27.51 29.10 -53.26
CA GLN A 220 -27.47 30.30 -54.16
C GLN A 220 -26.04 30.69 -54.70
N TYR A 221 -25.06 30.84 -53.82
CA TYR A 221 -23.67 31.16 -54.28
C TYR A 221 -23.07 30.06 -55.04
N ARG A 222 -23.37 28.80 -54.71
CA ARG A 222 -22.78 27.60 -55.38
C ARG A 222 -23.24 27.63 -56.83
N LYS A 223 -24.56 27.80 -57.08
CA LYS A 223 -25.32 27.90 -58.31
C LYS A 223 -24.82 29.07 -59.19
N GLU A 224 -24.74 30.29 -58.57
CA GLU A 224 -24.24 31.45 -59.27
C GLU A 224 -22.77 31.46 -59.66
N LEU A 225 -21.85 30.96 -58.79
CA LEU A 225 -20.50 30.69 -59.27
C LEU A 225 -20.44 29.63 -60.39
N GLY A 226 -21.30 28.60 -60.20
CA GLY A 226 -21.33 27.34 -61.05
C GLY A 226 -21.79 27.64 -62.41
N ALA A 227 -22.92 28.38 -62.58
CA ALA A 227 -23.32 28.88 -63.87
C ALA A 227 -22.36 29.81 -64.54
N GLN A 228 -21.66 30.64 -63.73
CA GLN A 228 -20.69 31.49 -64.21
C GLN A 228 -19.45 30.86 -64.75
N LEU A 229 -18.92 29.84 -64.06
CA LEU A 229 -17.88 28.92 -64.50
C LEU A 229 -18.18 28.15 -65.70
N HIS A 230 -19.40 27.65 -65.79
CA HIS A 230 -19.85 26.90 -66.98
C HIS A 230 -19.96 27.93 -68.21
N GLN A 231 -20.28 29.18 -67.94
CA GLN A 231 -20.13 30.22 -68.90
C GLN A 231 -18.77 30.68 -69.37
N LEU A 232 -17.91 30.88 -68.37
CA LEU A 232 -16.47 31.05 -68.51
C LEU A 232 -15.87 29.90 -69.29
N VAL A 233 -16.22 28.60 -69.04
CA VAL A 233 -15.68 27.43 -69.82
C VAL A 233 -16.00 27.55 -71.31
N LEU A 234 -17.26 27.84 -71.74
CA LEU A 234 -17.61 28.23 -73.14
C LEU A 234 -17.02 29.53 -73.74
N ASN A 235 -16.91 30.52 -72.79
CA ASN A 235 -16.27 31.76 -73.13
C ASN A 235 -14.78 31.52 -73.46
N SER A 236 -14.12 30.71 -72.68
CA SER A 236 -12.73 30.17 -72.89
C SER A 236 -12.54 29.21 -74.13
N ALA A 237 -13.50 28.34 -74.39
CA ALA A 237 -13.61 27.62 -75.66
C ALA A 237 -13.60 28.56 -76.90
N ARG A 238 -14.57 29.49 -76.90
CA ARG A 238 -14.67 30.53 -77.92
C ARG A 238 -13.39 31.40 -78.04
N GLU A 239 -12.80 31.85 -76.90
CA GLU A 239 -11.56 32.65 -76.85
C GLU A 239 -10.33 31.97 -77.38
N LYS A 240 -10.20 30.66 -77.07
CA LYS A 240 -9.17 29.76 -77.61
C LYS A 240 -9.42 29.37 -79.07
N ARG A 241 -10.69 29.29 -79.52
CA ARG A 241 -11.02 29.23 -80.96
C ARG A 241 -10.58 30.40 -81.76
N ASP A 242 -10.78 31.59 -81.23
CA ASP A 242 -10.38 32.85 -81.76
C ASP A 242 -8.89 32.99 -81.83
N MET A 243 -8.14 32.60 -80.69
CA MET A 243 -6.68 32.55 -80.66
C MET A 243 -6.09 31.64 -81.63
N GLU A 244 -6.72 30.45 -81.78
CA GLU A 244 -6.30 29.50 -82.69
C GLU A 244 -6.43 29.82 -84.11
N GLN A 245 -7.53 30.50 -84.56
CA GLN A 245 -7.61 30.98 -85.90
C GLN A 245 -6.65 32.07 -86.21
N ARG A 246 -6.37 33.09 -85.39
CA ARG A 246 -5.39 34.16 -85.60
C ARG A 246 -3.97 33.68 -85.54
N HIS A 247 -3.67 32.68 -84.75
CA HIS A 247 -2.42 31.95 -84.72
C HIS A 247 -2.05 31.32 -86.12
N VAL A 248 -3.07 30.63 -86.69
CA VAL A 248 -3.12 30.01 -88.01
C VAL A 248 -2.79 31.03 -89.11
N LEU A 249 -3.49 32.16 -89.14
CA LEU A 249 -3.35 33.20 -90.19
C LEU A 249 -1.97 33.87 -90.21
N LEU A 250 -1.33 34.18 -89.09
CA LEU A 250 0.04 34.70 -89.07
C LEU A 250 1.00 33.62 -89.56
N LYS A 251 0.80 32.33 -89.17
CA LYS A 251 1.64 31.30 -89.72
C LYS A 251 1.36 30.96 -91.20
N GLN A 252 0.12 31.20 -91.71
CA GLN A 252 -0.23 31.08 -93.15
C GLN A 252 0.52 31.98 -94.07
N LYS A 253 0.62 33.27 -93.63
CA LYS A 253 1.14 34.33 -94.54
C LYS A 253 1.70 35.73 -94.01
N GLU A 254 2.09 35.91 -92.71
CA GLU A 254 2.36 37.22 -92.20
C GLU A 254 3.33 37.23 -91.05
N LEU A 255 3.97 36.08 -90.84
CA LEU A 255 4.91 36.01 -89.69
C LEU A 255 6.24 36.76 -89.84
N GLY A 256 6.82 36.75 -91.07
CA GLY A 256 8.07 37.42 -91.43
C GLY A 256 9.29 36.59 -91.03
N GLY A 257 10.37 36.70 -91.85
CA GLY A 257 11.64 36.14 -91.62
C GLY A 257 12.76 37.16 -91.45
N GLU A 258 12.69 38.42 -91.88
CA GLU A 258 13.57 39.58 -91.50
C GLU A 258 13.60 39.98 -90.05
N GLU A 259 14.73 40.59 -89.68
CA GLU A 259 15.00 41.06 -88.38
C GLU A 259 14.04 42.21 -87.96
N PRO A 260 13.44 42.28 -86.75
CA PRO A 260 12.58 43.45 -86.40
C PRO A 260 13.33 44.75 -86.35
N GLU A 261 12.89 45.71 -87.16
CA GLU A 261 13.45 47.01 -87.34
C GLU A 261 13.55 47.91 -86.11
N PRO A 262 14.70 48.45 -85.72
CA PRO A 262 14.78 49.53 -84.73
C PRO A 262 13.85 50.67 -85.06
N SER A 263 13.17 51.27 -84.00
CA SER A 263 12.32 52.49 -84.21
C SER A 263 13.07 53.81 -84.19
N LEU A 264 13.22 54.45 -85.37
CA LEU A 264 13.74 55.86 -85.41
C LEU A 264 12.63 56.87 -85.06
N ARG A 265 12.86 57.72 -84.04
CA ARG A 265 11.96 58.83 -83.82
C ARG A 265 12.68 59.83 -82.92
N GLU A 266 12.04 60.99 -82.74
CA GLU A 266 12.51 62.05 -81.79
C GLU A 266 13.50 62.96 -82.58
N GLY A 267 13.37 62.98 -83.89
CA GLY A 267 14.15 63.75 -84.86
C GLY A 267 15.63 63.46 -84.92
N PRO A 268 16.46 64.29 -85.46
CA PRO A 268 17.86 63.91 -85.70
C PRO A 268 18.58 64.24 -84.38
N GLY A 269 17.90 64.76 -83.29
CA GLY A 269 18.52 65.48 -82.19
C GLY A 269 18.24 65.02 -80.83
N GLY A 270 16.87 64.79 -80.57
CA GLY A 270 16.50 63.92 -79.52
C GLY A 270 16.70 62.39 -79.81
N LEU A 271 16.85 62.14 -81.05
CA LEU A 271 16.90 60.76 -81.73
C LEU A 271 16.94 59.57 -80.70
N VAL A 272 15.77 58.84 -80.55
CA VAL A 272 15.63 57.78 -79.65
C VAL A 272 15.37 56.56 -80.49
N MET A 273 16.27 55.54 -80.44
CA MET A 273 16.26 54.33 -81.22
C MET A 273 17.05 53.23 -80.58
N GLU A 274 16.40 52.02 -80.52
CA GLU A 274 16.99 50.90 -79.81
C GLU A 274 16.94 49.71 -80.80
N GLY A 275 17.91 48.81 -80.68
CA GLY A 275 18.22 47.68 -81.55
C GLY A 275 19.53 47.07 -81.24
N HIS A 276 19.75 45.74 -81.61
CA HIS A 276 20.97 45.12 -81.23
C HIS A 276 22.05 45.31 -82.32
N LEU A 277 23.34 45.18 -82.00
CA LEU A 277 24.49 45.18 -82.92
C LEU A 277 25.55 44.30 -82.19
N PHE A 278 26.67 44.04 -82.90
CA PHE A 278 27.85 43.42 -82.57
C PHE A 278 28.96 44.43 -82.34
N LYS A 279 29.67 44.42 -81.25
CA LYS A 279 30.72 45.35 -81.03
C LYS A 279 32.07 44.66 -80.89
N ARG A 280 33.06 45.40 -81.30
CA ARG A 280 34.42 45.00 -81.01
C ARG A 280 35.19 46.29 -80.64
N ALA A 281 35.93 46.23 -79.51
CA ALA A 281 36.62 47.38 -79.06
C ALA A 281 38.05 46.98 -78.91
N SER A 282 38.94 47.97 -78.87
CA SER A 282 40.42 47.79 -78.77
C SER A 282 40.84 47.33 -77.37
N ASN A 283 41.44 46.10 -77.33
CA ASN A 283 41.97 45.53 -76.13
C ASN A 283 43.20 44.69 -76.46
N ALA A 284 44.00 44.21 -75.50
CA ALA A 284 45.11 43.31 -75.74
C ALA A 284 44.66 41.98 -76.28
N PHE A 285 43.44 41.54 -75.92
CA PHE A 285 42.80 40.51 -76.72
C PHE A 285 41.49 41.08 -77.07
N LYS A 286 41.03 40.98 -78.33
CA LYS A 286 40.04 41.88 -78.81
C LYS A 286 39.14 41.03 -79.66
N THR A 287 37.88 40.90 -79.26
CA THR A 287 36.89 39.98 -79.90
C THR A 287 35.52 40.44 -79.87
N TRP A 288 34.58 39.72 -80.60
CA TRP A 288 33.22 40.13 -80.72
C TRP A 288 32.35 39.82 -79.60
N SER A 289 31.34 40.69 -79.27
CA SER A 289 30.27 40.29 -78.41
C SER A 289 29.13 41.15 -78.84
N ARG A 290 27.93 40.71 -78.49
CA ARG A 290 26.66 41.34 -78.78
C ARG A 290 26.01 42.04 -77.59
N ARG A 291 25.38 43.21 -77.85
CA ARG A 291 24.75 44.03 -76.86
C ARG A 291 23.50 44.48 -77.44
N TRP A 292 22.55 44.90 -76.66
CA TRP A 292 21.41 45.62 -77.12
C TRP A 292 21.84 47.10 -77.02
N PHE A 293 21.70 47.82 -78.13
CA PHE A 293 22.22 49.17 -78.35
C PHE A 293 21.05 50.17 -78.22
N THR A 294 21.35 51.41 -77.89
CA THR A 294 20.40 52.58 -77.85
C THR A 294 21.04 53.88 -78.17
N ILE A 295 20.48 54.60 -79.13
CA ILE A 295 20.83 56.01 -79.39
C ILE A 295 19.77 56.78 -78.62
N GLN A 296 20.00 57.65 -77.59
CA GLN A 296 18.97 58.48 -77.11
C GLN A 296 19.60 59.79 -76.91
N SER A 297 18.98 60.88 -77.44
CA SER A 297 19.33 62.22 -77.16
C SER A 297 20.59 62.66 -77.92
N ASN A 298 21.03 61.74 -78.74
CA ASN A 298 22.35 61.80 -79.43
C ASN A 298 23.58 61.23 -78.63
N GLN A 299 23.25 60.31 -77.63
CA GLN A 299 24.13 59.65 -76.68
C GLN A 299 23.98 58.24 -77.03
N LEU A 300 25.13 57.58 -77.43
CA LEU A 300 25.17 56.22 -77.77
C LEU A 300 25.43 55.37 -76.56
N VAL A 301 24.54 54.43 -76.24
CA VAL A 301 24.67 53.65 -75.04
C VAL A 301 24.22 52.22 -75.33
N TYR A 302 24.64 51.24 -74.53
CA TYR A 302 24.32 49.83 -74.77
C TYR A 302 23.89 49.23 -73.45
N GLN A 303 23.36 48.01 -73.47
CA GLN A 303 22.86 47.29 -72.38
C GLN A 303 22.94 45.81 -72.73
N LYS A 304 23.47 45.02 -71.82
CA LYS A 304 23.94 43.62 -72.04
C LYS A 304 22.88 42.59 -72.30
N LYS A 305 21.64 43.12 -72.20
CA LYS A 305 20.30 42.51 -72.08
C LYS A 305 19.20 43.53 -72.30
N TYR A 306 18.01 43.04 -72.61
CA TYR A 306 16.77 43.83 -72.57
C TYR A 306 16.62 44.48 -71.13
N LYS A 307 17.04 43.68 -70.11
CA LYS A 307 16.82 43.98 -68.73
C LYS A 307 18.00 44.52 -67.88
N ASP A 308 19.02 44.88 -68.62
CA ASP A 308 20.12 45.62 -68.08
C ASP A 308 19.74 47.07 -68.36
N PRO A 309 19.86 48.03 -67.34
CA PRO A 309 19.91 49.48 -67.57
C PRO A 309 21.13 49.92 -68.40
N VAL A 310 21.18 51.12 -68.98
CA VAL A 310 22.19 51.47 -69.96
C VAL A 310 23.54 51.89 -69.50
N THR A 311 24.60 51.61 -70.32
CA THR A 311 25.99 52.11 -70.09
C THR A 311 26.45 52.89 -71.27
N VAL A 312 27.15 54.00 -71.09
CA VAL A 312 27.75 54.84 -72.13
C VAL A 312 28.78 54.05 -72.99
N VAL A 313 28.60 54.24 -74.33
CA VAL A 313 29.59 53.92 -75.33
C VAL A 313 30.18 55.24 -75.89
N VAL A 314 29.36 56.00 -76.62
CA VAL A 314 29.75 57.38 -76.92
C VAL A 314 28.80 58.33 -76.29
N ASP A 315 29.32 59.35 -75.48
CA ASP A 315 28.59 60.33 -74.70
C ASP A 315 27.88 61.23 -75.65
N ASP A 316 28.58 61.76 -76.62
CA ASP A 316 27.99 62.76 -77.50
C ASP A 316 28.61 62.72 -78.84
N LEU A 317 27.70 62.80 -79.85
CA LEU A 317 28.00 62.49 -81.26
C LEU A 317 28.23 63.75 -82.03
N ARG A 318 28.42 64.91 -81.33
CA ARG A 318 28.81 66.13 -81.97
C ARG A 318 30.08 66.04 -82.85
N LEU A 319 31.16 65.31 -82.42
CA LEU A 319 32.37 65.32 -83.13
C LEU A 319 32.59 64.01 -83.83
N CYS A 320 31.55 63.09 -83.78
CA CYS A 320 31.86 61.74 -84.16
C CYS A 320 31.80 61.65 -85.68
N THR A 321 32.27 60.58 -86.34
CA THR A 321 31.88 60.23 -87.68
C THR A 321 31.78 58.76 -87.94
N VAL A 322 30.86 58.29 -88.80
CA VAL A 322 30.71 56.87 -89.06
C VAL A 322 31.35 56.48 -90.34
N LYS A 323 32.06 55.37 -90.41
CA LYS A 323 32.71 54.82 -91.56
C LYS A 323 32.12 53.46 -91.76
N LEU A 324 31.59 53.26 -92.92
CA LEU A 324 31.08 51.94 -93.32
C LEU A 324 32.23 51.18 -93.92
N CYS A 325 32.75 50.23 -93.07
CA CYS A 325 33.92 49.42 -93.28
C CYS A 325 33.98 48.82 -94.70
N PRO A 326 34.98 49.05 -95.63
CA PRO A 326 35.14 48.22 -96.84
C PRO A 326 35.77 46.89 -96.56
N ASP A 327 36.57 46.87 -95.54
CA ASP A 327 37.20 45.62 -95.14
C ASP A 327 37.13 45.34 -93.68
N SER A 328 36.82 44.12 -93.21
CA SER A 328 36.72 43.74 -91.81
C SER A 328 36.70 42.21 -91.76
N GLU A 329 36.65 41.67 -90.55
CA GLU A 329 36.45 40.23 -90.45
C GLU A 329 35.05 39.73 -90.67
N ARG A 330 34.07 40.64 -90.56
CA ARG A 330 32.71 40.39 -90.77
C ARG A 330 32.19 41.36 -91.83
N ARG A 331 31.22 40.98 -92.63
CA ARG A 331 30.30 41.75 -93.53
C ARG A 331 29.32 42.63 -92.73
N PHE A 332 28.68 43.71 -93.34
CA PHE A 332 27.68 44.56 -92.67
C PHE A 332 28.30 45.23 -91.41
N CYS A 333 29.52 45.77 -91.61
CA CYS A 333 30.24 46.25 -90.51
C CYS A 333 30.56 47.74 -90.67
N PHE A 334 30.56 48.53 -89.58
CA PHE A 334 30.83 49.93 -89.62
C PHE A 334 31.68 50.27 -88.40
N GLU A 335 32.32 51.41 -88.47
CA GLU A 335 33.33 51.90 -87.46
C GLU A 335 32.86 53.31 -87.11
N VAL A 336 33.04 53.63 -85.82
CA VAL A 336 32.46 54.78 -85.21
C VAL A 336 33.62 55.41 -84.47
N VAL A 337 34.07 56.62 -84.96
CA VAL A 337 35.30 57.14 -84.41
C VAL A 337 34.89 58.43 -83.75
N SER A 338 35.33 58.65 -82.47
CA SER A 338 34.86 59.61 -81.47
C SER A 338 36.04 60.39 -80.96
N THR A 339 35.92 61.42 -80.16
CA THR A 339 37.04 62.08 -79.50
C THR A 339 37.58 61.31 -78.30
N SER A 340 36.78 60.33 -77.83
CA SER A 340 37.19 59.27 -76.89
C SER A 340 36.23 58.13 -76.93
N LYS A 341 36.59 56.89 -76.52
CA LYS A 341 35.84 55.62 -76.63
C LYS A 341 35.33 55.32 -77.97
N SER A 342 36.23 55.32 -79.00
CA SER A 342 35.94 54.97 -80.42
C SER A 342 35.49 53.45 -80.40
N CYS A 343 34.83 52.89 -81.44
CA CYS A 343 34.39 51.43 -81.35
C CYS A 343 34.13 50.94 -82.76
N LEU A 344 33.98 49.61 -82.86
CA LEU A 344 33.76 48.95 -84.20
C LEU A 344 32.42 48.28 -83.99
N LEU A 345 31.52 48.34 -85.04
CA LEU A 345 30.17 47.79 -84.94
C LEU A 345 29.88 46.87 -86.09
N GLN A 346 28.93 45.86 -85.90
CA GLN A 346 28.44 45.13 -86.98
C GLN A 346 26.93 44.87 -86.80
N ALA A 347 26.17 45.06 -87.88
CA ALA A 347 24.73 45.02 -87.88
C ALA A 347 24.24 43.79 -88.58
N ASP A 348 23.02 43.31 -88.28
CA ASP A 348 22.69 41.91 -88.55
C ASP A 348 22.05 41.76 -89.95
N SER A 349 21.72 42.88 -90.66
CA SER A 349 21.02 42.78 -91.96
C SER A 349 21.16 44.10 -92.74
N GLU A 350 21.03 44.07 -94.09
CA GLU A 350 21.43 45.23 -94.99
C GLU A 350 20.65 46.49 -94.68
N ARG A 351 19.35 46.37 -94.28
CA ARG A 351 18.61 47.58 -93.90
C ARG A 351 18.86 48.06 -92.51
N LEU A 352 19.14 47.17 -91.57
CA LEU A 352 19.46 47.48 -90.20
C LEU A 352 20.76 48.25 -90.10
N LEU A 353 21.68 47.69 -90.88
CA LEU A 353 23.03 48.20 -91.19
C LEU A 353 22.88 49.62 -91.78
N GLN A 354 22.03 49.85 -92.74
CA GLN A 354 21.70 51.12 -93.40
C GLN A 354 21.05 52.13 -92.43
N LEU A 355 20.07 51.72 -91.69
CA LEU A 355 19.37 52.53 -90.73
C LEU A 355 20.30 52.94 -89.59
N TRP A 356 21.09 51.98 -88.98
CA TRP A 356 22.01 52.39 -87.92
C TRP A 356 22.98 53.41 -88.42
N VAL A 357 23.64 53.16 -89.56
CA VAL A 357 24.62 54.12 -90.03
C VAL A 357 24.06 55.49 -90.32
N SER A 358 22.88 55.50 -90.91
CA SER A 358 22.17 56.73 -91.14
C SER A 358 21.70 57.41 -89.91
N ALA A 359 21.08 56.69 -88.96
CA ALA A 359 20.55 57.20 -87.65
C ALA A 359 21.77 57.78 -86.81
N VAL A 360 22.91 57.08 -86.77
CA VAL A 360 24.07 57.60 -86.11
C VAL A 360 24.64 58.83 -86.90
N GLN A 361 24.74 58.79 -88.21
CA GLN A 361 25.11 60.01 -88.95
C GLN A 361 24.22 61.16 -88.83
N SER A 362 22.92 60.93 -88.81
CA SER A 362 21.89 61.95 -88.48
C SER A 362 22.07 62.60 -87.12
N SER A 363 22.30 61.73 -86.10
CA SER A 363 22.57 62.28 -84.74
C SER A 363 23.75 63.27 -84.66
N ILE A 364 24.81 62.95 -85.43
CA ILE A 364 25.95 63.77 -85.61
C ILE A 364 25.66 65.19 -86.20
N ALA A 365 24.84 65.24 -87.22
CA ALA A 365 24.53 66.47 -87.85
C ALA A 365 23.81 67.44 -86.94
N SER A 366 22.79 66.93 -86.22
CA SER A 366 22.11 67.68 -85.22
C SER A 366 23.00 68.20 -84.14
N ALA A 367 23.89 67.36 -83.54
CA ALA A 367 24.87 67.68 -82.49
C ALA A 367 25.86 68.73 -82.92
N PHE A 368 26.38 68.68 -84.14
CA PHE A 368 27.31 69.65 -84.69
C PHE A 368 26.75 70.99 -85.17
N SER A 369 25.41 71.01 -85.40
CA SER A 369 24.68 72.16 -85.74
C SER A 369 24.73 73.24 -84.68
N MET B 6 -0.33 37.01 -63.19
CA MET B 6 0.18 36.81 -64.60
C MET B 6 -0.55 37.73 -65.59
N THR B 7 -0.08 37.83 -66.85
CA THR B 7 -0.78 38.66 -67.86
C THR B 7 -2.17 38.03 -68.07
N VAL B 8 -3.10 38.90 -68.50
CA VAL B 8 -4.43 38.55 -68.75
C VAL B 8 -4.68 38.70 -70.26
N LYS B 9 -5.14 37.63 -70.87
CA LYS B 9 -5.43 37.56 -72.28
C LYS B 9 -4.43 38.23 -73.33
N LEU B 10 -3.30 37.60 -73.68
CA LEU B 10 -2.21 38.00 -74.60
C LEU B 10 -2.34 37.64 -76.10
N ASP B 11 -1.87 38.40 -77.10
CA ASP B 11 -1.96 38.11 -78.45
C ASP B 11 -0.59 38.38 -79.15
N PHE B 12 -0.43 37.97 -80.44
CA PHE B 12 0.79 37.64 -81.15
C PHE B 12 1.76 38.73 -81.56
N GLU B 13 1.45 40.02 -81.73
CA GLU B 13 2.34 41.00 -82.32
C GLU B 13 3.70 41.23 -81.68
N GLU B 14 3.65 41.48 -80.36
CA GLU B 14 4.84 41.70 -79.60
C GLU B 14 5.74 40.49 -79.49
N CYS B 15 5.03 39.39 -79.50
CA CYS B 15 5.59 38.06 -79.32
C CYS B 15 6.60 37.66 -80.46
N LEU B 16 6.17 37.92 -81.69
CA LEU B 16 6.84 37.77 -82.96
C LEU B 16 7.70 38.93 -83.31
N LYS B 17 7.61 40.14 -82.66
CA LYS B 17 8.46 41.30 -83.02
C LYS B 17 9.58 41.46 -82.05
N ASP B 18 9.66 40.44 -81.18
CA ASP B 18 10.62 40.21 -80.16
C ASP B 18 10.53 41.33 -79.09
N SER B 19 9.34 41.66 -78.64
CA SER B 19 9.10 42.80 -77.66
C SER B 19 9.71 42.49 -76.24
N PRO B 20 10.15 43.50 -75.54
CA PRO B 20 10.68 43.27 -74.14
C PRO B 20 9.57 43.01 -73.12
N ARG B 21 8.37 43.62 -73.48
CA ARG B 21 7.09 43.34 -72.84
C ARG B 21 6.61 41.93 -72.84
N PHE B 22 6.62 41.24 -73.99
CA PHE B 22 6.50 39.81 -74.10
C PHE B 22 7.49 39.12 -73.22
N ARG B 23 8.80 39.42 -73.46
CA ARG B 23 9.93 38.79 -72.73
C ARG B 23 9.85 38.86 -71.16
N ALA B 24 9.41 39.99 -70.52
CA ALA B 24 9.22 40.12 -69.11
C ALA B 24 7.94 39.42 -68.69
N SER B 25 6.91 39.45 -69.52
CA SER B 25 5.65 38.69 -69.37
C SER B 25 5.68 37.15 -69.44
N ILE B 26 6.55 36.57 -70.29
CA ILE B 26 6.83 35.19 -70.23
C ILE B 26 7.71 34.80 -68.99
N GLU B 27 8.61 35.62 -68.52
CA GLU B 27 9.38 35.52 -67.27
C GLU B 27 8.45 35.49 -66.07
N LEU B 28 7.40 36.33 -66.08
CA LEU B 28 6.69 36.45 -64.85
C LEU B 28 5.64 35.30 -64.62
N VAL B 29 5.15 34.74 -65.73
CA VAL B 29 4.23 33.56 -65.67
C VAL B 29 4.96 32.27 -65.31
N GLU B 30 6.22 32.03 -65.67
CA GLU B 30 6.91 30.83 -65.27
C GLU B 30 7.16 30.76 -63.81
N ALA B 31 7.42 31.98 -63.24
CA ALA B 31 7.48 32.07 -61.83
C ALA B 31 6.08 31.87 -61.13
N GLU B 32 4.99 32.37 -61.68
CA GLU B 32 3.66 32.08 -61.10
C GLU B 32 3.27 30.57 -61.09
N VAL B 33 3.65 29.90 -62.22
CA VAL B 33 3.53 28.44 -62.30
C VAL B 33 4.49 27.69 -61.31
N SER B 34 5.74 28.07 -61.06
CA SER B 34 6.60 27.59 -59.98
C SER B 34 5.98 27.83 -58.54
N GLU B 35 5.37 28.97 -58.25
CA GLU B 35 4.60 29.19 -57.08
C GLU B 35 3.39 28.28 -56.93
N LEU B 36 2.70 28.06 -58.07
CA LEU B 36 1.46 27.36 -58.18
C LEU B 36 1.70 25.93 -57.78
N GLU B 37 2.80 25.28 -58.22
CA GLU B 37 3.16 23.91 -57.97
C GLU B 37 3.51 23.58 -56.60
N THR B 38 4.19 24.48 -55.88
CA THR B 38 4.43 24.46 -54.45
C THR B 38 3.11 24.49 -53.70
N ARG B 39 2.19 25.32 -54.16
CA ARG B 39 0.91 25.52 -53.44
C ARG B 39 0.02 24.26 -53.55
N LEU B 40 0.03 23.67 -54.79
CA LEU B 40 -0.47 22.32 -55.01
C LEU B 40 0.10 21.15 -54.18
N GLU B 41 1.46 21.04 -54.10
CA GLU B 41 2.04 19.92 -53.32
C GLU B 41 1.83 20.17 -51.87
N LYS B 42 1.82 21.42 -51.34
CA LYS B 42 1.41 21.68 -49.95
C LYS B 42 -0.09 21.35 -49.63
N LEU B 43 -1.01 21.78 -50.53
CA LEU B 43 -2.35 21.34 -50.49
C LEU B 43 -2.60 19.87 -50.58
N LEU B 44 -1.89 19.17 -51.50
CA LEU B 44 -1.89 17.72 -51.48
C LEU B 44 -1.48 17.11 -50.15
N LYS B 45 -0.25 17.41 -49.56
CA LYS B 45 0.12 16.80 -48.34
C LYS B 45 -0.75 17.18 -47.16
N LEU B 46 -1.23 18.46 -47.07
CA LEU B 46 -2.12 18.94 -46.04
C LEU B 46 -3.46 18.30 -46.10
N GLY B 47 -4.15 18.17 -47.34
CA GLY B 47 -5.33 17.29 -47.48
C GLY B 47 -5.18 15.79 -47.32
N THR B 48 -3.97 15.29 -47.59
CA THR B 48 -3.69 13.89 -47.17
C THR B 48 -3.75 13.74 -45.65
N GLY B 49 -3.15 14.65 -44.82
CA GLY B 49 -3.20 14.63 -43.38
C GLY B 49 -4.58 14.88 -42.84
N LEU B 50 -5.36 15.67 -43.54
CA LEU B 50 -6.75 15.78 -43.15
C LEU B 50 -7.53 14.46 -43.22
N LEU B 51 -7.45 13.74 -44.35
CA LEU B 51 -8.13 12.53 -44.64
C LEU B 51 -7.81 11.40 -43.64
N GLU B 52 -6.51 11.29 -43.27
CA GLU B 52 -5.92 10.47 -42.24
C GLU B 52 -6.43 10.91 -40.87
N SER B 53 -6.42 12.17 -40.57
CA SER B 53 -7.00 12.63 -39.31
C SER B 53 -8.50 12.38 -39.17
N GLY B 54 -9.33 12.62 -40.27
CA GLY B 54 -10.73 12.22 -40.28
C GLY B 54 -10.91 10.68 -40.16
N ARG B 55 -10.13 9.78 -40.88
CA ARG B 55 -10.27 8.31 -40.78
C ARG B 55 -9.85 7.77 -39.45
N HIS B 56 -8.84 8.34 -38.76
CA HIS B 56 -8.72 8.11 -37.29
C HIS B 56 -9.89 8.56 -36.40
N TYR B 57 -10.54 9.72 -36.70
CA TYR B 57 -11.69 10.22 -36.05
C TYR B 57 -12.89 9.31 -36.18
N LEU B 58 -13.26 8.94 -37.40
CA LEU B 58 -14.29 7.92 -37.62
C LEU B 58 -14.02 6.60 -36.94
N ALA B 59 -12.77 6.08 -36.94
CA ALA B 59 -12.47 4.85 -36.19
C ALA B 59 -12.67 4.94 -34.72
N ALA B 60 -12.18 6.08 -34.21
CA ALA B 60 -12.40 6.55 -32.93
C ALA B 60 -13.80 6.77 -32.42
N SER B 61 -14.61 7.44 -33.20
CA SER B 61 -16.06 7.55 -33.05
C SER B 61 -16.89 6.23 -33.14
N ARG B 62 -16.55 5.36 -34.10
CA ARG B 62 -17.15 4.07 -34.32
C ARG B 62 -16.93 3.08 -33.17
N ALA B 63 -15.68 3.07 -32.61
CA ALA B 63 -15.30 2.36 -31.44
C ALA B 63 -15.91 2.78 -30.20
N PHE B 64 -16.06 4.08 -30.07
CA PHE B 64 -16.90 4.85 -29.09
C PHE B 64 -18.37 4.58 -29.14
N VAL B 65 -18.96 4.59 -30.24
CA VAL B 65 -20.36 4.18 -30.32
C VAL B 65 -20.61 2.71 -30.02
N VAL B 66 -19.62 1.85 -30.43
CA VAL B 66 -19.61 0.44 -29.96
C VAL B 66 -19.49 0.45 -28.41
N GLY B 67 -18.60 1.26 -27.83
CA GLY B 67 -18.47 1.31 -26.37
C GLY B 67 -19.68 1.73 -25.54
N ILE B 68 -20.49 2.60 -26.11
CA ILE B 68 -21.68 3.09 -25.48
C ILE B 68 -22.80 2.06 -25.40
N CYS B 69 -22.94 1.26 -26.53
CA CYS B 69 -23.87 0.15 -26.64
C CYS B 69 -23.58 -0.90 -25.62
N ASP B 70 -22.35 -1.03 -25.17
CA ASP B 70 -21.86 -2.14 -24.42
C ASP B 70 -22.40 -1.94 -22.95
N LEU B 71 -22.61 -0.68 -22.48
CA LEU B 71 -23.22 -0.35 -21.14
C LEU B 71 -24.63 -0.86 -20.90
N ALA B 72 -25.40 -0.71 -22.02
CA ALA B 72 -26.79 -0.99 -22.22
C ALA B 72 -27.19 -2.46 -22.21
N ARG B 73 -26.38 -3.24 -22.91
CA ARG B 73 -26.61 -4.65 -22.91
C ARG B 73 -26.30 -5.39 -21.62
N LEU B 74 -25.50 -4.84 -20.72
CA LEU B 74 -25.13 -5.48 -19.46
C LEU B 74 -26.31 -5.32 -18.55
N GLY B 75 -27.07 -4.14 -18.54
CA GLY B 75 -28.27 -3.86 -17.74
C GLY B 75 -29.50 -4.66 -18.18
N PRO B 76 -30.49 -4.89 -17.35
CA PRO B 76 -31.63 -5.66 -17.79
C PRO B 76 -32.30 -5.16 -19.02
N PRO B 77 -32.88 -6.05 -19.88
CA PRO B 77 -33.67 -5.61 -20.99
C PRO B 77 -34.86 -4.84 -20.62
N GLU B 78 -35.04 -3.57 -21.12
CA GLU B 78 -36.13 -2.68 -20.90
C GLU B 78 -36.38 -1.81 -22.19
N PRO B 79 -37.60 -1.25 -22.49
CA PRO B 79 -37.88 -0.44 -23.62
C PRO B 79 -36.76 0.55 -24.02
N MET B 80 -36.25 1.30 -23.00
CA MET B 80 -35.18 2.28 -23.30
C MET B 80 -33.85 1.84 -23.78
N MET B 81 -33.34 0.78 -23.13
CA MET B 81 -32.03 0.20 -23.49
C MET B 81 -32.16 -0.53 -24.76
N ALA B 82 -33.17 -1.40 -24.85
CA ALA B 82 -33.36 -2.33 -25.97
C ALA B 82 -33.57 -1.65 -27.30
N GLU B 83 -34.41 -0.61 -27.35
CA GLU B 83 -34.85 0.09 -28.54
C GLU B 83 -34.29 1.52 -28.68
N CYS B 84 -34.61 2.42 -27.71
CA CYS B 84 -34.31 3.87 -27.80
C CYS B 84 -32.81 4.11 -27.92
N LEU B 85 -32.09 3.41 -27.05
CA LEU B 85 -30.65 3.62 -26.89
C LEU B 85 -29.87 3.16 -28.16
N GLU B 86 -30.29 2.05 -28.71
CA GLU B 86 -29.86 1.57 -30.03
C GLU B 86 -30.26 2.38 -31.14
N LYS B 87 -31.41 3.04 -31.15
CA LYS B 87 -31.78 3.89 -32.30
C LYS B 87 -30.96 5.18 -32.37
N PHE B 88 -30.56 5.71 -31.23
CA PHE B 88 -29.69 6.88 -31.15
C PHE B 88 -28.31 6.44 -31.70
N THR B 89 -27.85 5.20 -31.41
CA THR B 89 -26.48 4.78 -31.69
C THR B 89 -26.30 4.27 -33.11
N VAL B 90 -27.33 3.64 -33.71
CA VAL B 90 -27.28 3.36 -35.13
C VAL B 90 -27.42 4.56 -36.04
N SER B 91 -28.21 5.60 -35.73
CA SER B 91 -28.09 6.82 -36.41
C SER B 91 -26.68 7.42 -36.30
N LEU B 92 -25.98 7.30 -35.14
CA LEU B 92 -24.56 7.64 -35.00
C LEU B 92 -23.63 6.92 -35.93
N ASN B 93 -23.82 5.61 -36.24
CA ASN B 93 -22.92 4.85 -37.17
C ASN B 93 -23.22 5.27 -38.61
N HIS B 94 -24.50 5.52 -38.91
CA HIS B 94 -24.96 6.10 -40.18
C HIS B 94 -24.34 7.45 -40.41
N LYS B 95 -24.36 8.35 -39.37
CA LYS B 95 -23.72 9.69 -39.50
C LYS B 95 -22.18 9.61 -39.79
N LEU B 96 -21.48 8.66 -39.22
CA LEU B 96 -20.11 8.32 -39.52
C LEU B 96 -19.83 7.90 -40.88
N ASP B 97 -20.60 6.96 -41.45
CA ASP B 97 -20.55 6.68 -42.80
C ASP B 97 -20.83 7.81 -43.75
N SER B 98 -21.76 8.78 -43.46
CA SER B 98 -21.94 9.94 -44.24
C SER B 98 -20.76 10.85 -44.19
N HIS B 99 -20.14 10.98 -43.01
CA HIS B 99 -18.87 11.57 -42.81
C HIS B 99 -17.70 10.90 -43.60
N ALA B 100 -17.69 9.53 -43.69
CA ALA B 100 -16.81 8.81 -44.58
C ALA B 100 -17.01 9.21 -46.04
N GLU B 101 -18.28 9.34 -46.57
CA GLU B 101 -18.48 9.74 -47.94
C GLU B 101 -17.94 11.11 -48.17
N LEU B 102 -18.03 12.03 -47.20
CA LEU B 102 -17.33 13.28 -47.30
C LEU B 102 -15.80 13.14 -47.30
N LEU B 103 -15.17 12.26 -46.51
CA LEU B 103 -13.71 12.09 -46.70
C LEU B 103 -13.45 11.41 -48.05
N ASP B 104 -14.25 10.46 -48.61
CA ASP B 104 -14.16 9.97 -49.98
C ASP B 104 -14.27 11.09 -50.94
N ALA B 105 -15.19 12.10 -50.78
CA ALA B 105 -15.33 13.20 -51.74
C ALA B 105 -14.23 14.18 -51.60
N THR B 106 -13.76 14.52 -50.30
CA THR B 106 -12.51 15.30 -50.21
C THR B 106 -11.26 14.78 -50.94
N GLN B 107 -10.96 13.46 -50.83
CA GLN B 107 -9.95 12.73 -51.59
C GLN B 107 -10.15 12.68 -53.14
N HIS B 108 -11.39 12.38 -53.63
CA HIS B 108 -11.79 12.46 -55.07
C HIS B 108 -11.60 13.78 -55.77
N THR B 109 -12.14 14.84 -55.11
CA THR B 109 -12.00 16.24 -55.41
C THR B 109 -10.52 16.62 -55.49
N LEU B 110 -9.67 16.29 -54.44
CA LEU B 110 -8.28 16.62 -54.36
C LEU B 110 -7.40 15.86 -55.48
N GLN B 111 -7.66 14.53 -55.67
CA GLN B 111 -7.10 13.81 -56.82
C GLN B 111 -7.58 14.25 -58.18
N GLN B 112 -8.83 14.63 -58.33
CA GLN B 112 -9.39 15.18 -59.54
C GLN B 112 -8.79 16.38 -60.11
N GLN B 113 -8.76 17.46 -59.25
CA GLN B 113 -8.47 18.81 -59.61
C GLN B 113 -7.02 19.05 -59.34
N ILE B 114 -6.52 18.87 -58.08
CA ILE B 114 -5.25 19.39 -57.58
C ILE B 114 -4.09 18.41 -57.98
N GLN B 115 -4.31 17.10 -57.96
CA GLN B 115 -3.33 16.15 -58.51
C GLN B 115 -3.18 16.24 -59.94
N THR B 116 -4.34 16.29 -60.65
CA THR B 116 -4.29 16.56 -62.11
C THR B 116 -3.68 17.83 -62.52
N LEU B 117 -3.94 19.01 -61.86
CA LEU B 117 -3.31 20.33 -62.18
C LEU B 117 -1.84 20.22 -61.95
N VAL B 118 -1.33 19.71 -60.84
CA VAL B 118 0.12 19.47 -60.81
C VAL B 118 0.68 18.55 -61.90
N LYS B 119 0.01 17.43 -62.15
CA LYS B 119 0.43 16.29 -62.95
C LYS B 119 0.45 16.66 -64.43
N GLU B 120 -0.47 17.40 -65.02
CA GLU B 120 -0.42 17.45 -66.45
C GLU B 120 -1.12 18.72 -66.90
N GLY B 121 -1.22 19.68 -65.96
CA GLY B 121 -1.99 20.88 -66.25
C GLY B 121 -0.94 21.97 -66.51
N LEU B 122 0.36 21.78 -66.21
CA LEU B 122 1.30 22.78 -66.46
C LEU B 122 2.22 22.44 -67.62
N ARG B 123 2.00 21.32 -68.24
CA ARG B 123 2.93 20.71 -69.12
C ARG B 123 3.16 21.32 -70.48
N GLY B 124 2.13 21.78 -71.10
CA GLY B 124 2.29 22.33 -72.41
C GLY B 124 2.73 23.74 -72.37
N PHE B 125 2.39 24.46 -71.28
CA PHE B 125 3.00 25.68 -70.93
C PHE B 125 4.54 25.54 -70.69
N ARG B 126 4.95 24.42 -70.00
CA ARG B 126 6.34 24.20 -69.83
C ARG B 126 7.06 23.61 -71.09
N GLU B 127 6.51 22.68 -71.92
CA GLU B 127 6.96 22.42 -73.29
C GLU B 127 7.19 23.59 -74.27
N ALA B 128 6.17 24.43 -74.40
CA ALA B 128 6.21 25.65 -75.20
C ALA B 128 7.23 26.60 -74.65
N ARG B 129 7.34 26.88 -73.33
CA ARG B 129 8.35 27.80 -72.74
C ARG B 129 9.77 27.35 -73.04
N ARG B 130 10.08 26.09 -72.79
CA ARG B 130 11.39 25.50 -73.10
C ARG B 130 11.67 25.49 -74.63
N ASP B 131 10.71 25.29 -75.47
CA ASP B 131 10.85 25.41 -76.90
C ASP B 131 11.12 26.81 -77.37
N PHE B 132 10.39 27.81 -76.83
CA PHE B 132 10.62 29.22 -77.05
C PHE B 132 12.07 29.70 -76.73
N TRP B 133 12.63 29.36 -75.56
CA TRP B 133 13.92 29.65 -75.08
C TRP B 133 15.00 28.92 -75.85
N ARG B 134 14.78 27.64 -76.22
CA ARG B 134 15.54 26.97 -77.24
C ARG B 134 15.57 27.77 -78.55
N GLY B 135 14.37 28.31 -78.92
CA GLY B 135 14.22 29.15 -80.04
C GLY B 135 15.05 30.39 -80.08
N ALA B 136 15.29 31.05 -78.94
CA ALA B 136 16.26 32.12 -78.84
C ALA B 136 17.69 31.64 -78.66
N GLU B 137 17.98 30.46 -78.14
CA GLU B 137 19.36 29.94 -78.00
C GLU B 137 20.00 29.74 -79.33
N SER B 138 19.11 29.05 -80.15
CA SER B 138 19.26 28.75 -81.58
C SER B 138 19.38 30.01 -82.41
N LEU B 139 18.60 31.09 -82.10
CA LEU B 139 18.71 32.34 -82.79
C LEU B 139 20.09 32.97 -82.44
N GLU B 140 20.46 32.87 -81.12
CA GLU B 140 21.69 33.49 -80.62
C GLU B 140 22.90 33.05 -81.35
N ALA B 141 23.01 31.71 -81.60
CA ALA B 141 23.99 30.99 -82.40
C ALA B 141 23.88 31.38 -83.91
N ALA B 142 22.72 31.43 -84.44
CA ALA B 142 22.48 31.74 -85.83
C ALA B 142 22.66 33.22 -86.22
N LEU B 143 22.53 34.19 -85.28
CA LEU B 143 22.98 35.57 -85.31
C LEU B 143 24.57 35.63 -85.37
N THR B 144 25.33 34.75 -84.61
CA THR B 144 26.74 34.60 -84.89
C THR B 144 27.01 33.98 -86.29
N HIS B 145 26.26 32.92 -86.68
CA HIS B 145 26.48 32.28 -88.02
C HIS B 145 26.27 33.26 -89.19
N ASN B 146 25.27 34.17 -89.05
CA ASN B 146 25.05 35.19 -90.13
C ASN B 146 26.20 36.19 -90.32
N ALA B 147 26.98 36.35 -89.25
CA ALA B 147 27.76 37.54 -89.07
C ALA B 147 29.22 37.20 -89.33
N GLU B 148 29.62 36.00 -88.95
CA GLU B 148 30.89 35.48 -89.32
C GLU B 148 31.08 35.09 -90.83
N VAL B 149 30.98 36.09 -91.73
CA VAL B 149 31.34 35.99 -93.13
C VAL B 149 32.27 37.12 -93.43
N PRO B 150 33.46 37.08 -93.94
CA PRO B 150 34.33 38.15 -94.50
C PRO B 150 33.72 39.29 -95.24
N ARG B 151 34.05 40.51 -94.83
CA ARG B 151 33.43 41.65 -95.54
C ARG B 151 33.55 41.74 -97.12
N ARG B 152 34.60 41.23 -97.75
CA ARG B 152 34.72 41.15 -99.19
C ARG B 152 33.67 40.19 -99.83
N ARG B 153 33.26 39.11 -99.19
CA ARG B 153 32.45 37.99 -99.65
C ARG B 153 30.90 38.26 -99.64
N ALA B 154 30.24 37.69 -100.69
CA ALA B 154 28.80 38.05 -100.95
C ALA B 154 27.96 36.81 -101.11
N GLN B 155 28.45 35.73 -101.67
CA GLN B 155 27.65 34.52 -101.88
C GLN B 155 27.59 33.74 -100.58
N GLU B 156 28.62 33.68 -99.74
CA GLU B 156 28.57 33.13 -98.45
C GLU B 156 27.73 33.88 -97.48
N ALA B 157 27.78 35.23 -97.65
CA ALA B 157 27.03 36.27 -97.02
C ALA B 157 25.48 36.12 -97.25
N GLU B 158 25.02 35.78 -98.49
CA GLU B 158 23.62 35.57 -98.74
C GLU B 158 23.08 34.28 -98.16
N GLU B 159 23.92 33.22 -98.07
CA GLU B 159 23.68 31.98 -97.29
C GLU B 159 23.65 32.07 -95.82
N ALA B 160 24.60 32.81 -95.26
CA ALA B 160 24.75 33.16 -93.83
C ALA B 160 23.50 34.01 -93.37
N GLY B 161 23.10 35.05 -94.20
CA GLY B 161 21.88 35.77 -94.01
C GLY B 161 20.62 34.95 -94.12
N ALA B 162 20.64 33.93 -94.94
CA ALA B 162 19.54 32.98 -95.14
C ALA B 162 19.34 32.03 -93.91
N ALA B 163 20.42 31.66 -93.30
CA ALA B 163 20.43 30.86 -92.04
C ALA B 163 19.67 31.58 -90.93
N LEU B 164 19.97 32.95 -90.84
CA LEU B 164 19.34 33.77 -89.89
C LEU B 164 17.85 33.91 -90.08
N ARG B 165 17.42 34.07 -91.41
CA ARG B 165 16.09 34.21 -91.83
C ARG B 165 15.21 33.08 -91.29
N THR B 166 15.63 31.79 -91.39
CA THR B 166 14.86 30.61 -90.95
C THR B 166 14.84 30.43 -89.39
N ALA B 167 15.98 30.70 -88.74
CA ALA B 167 16.14 31.00 -87.27
C ALA B 167 15.30 32.15 -86.59
N ARG B 168 15.15 33.25 -87.34
CA ARG B 168 14.31 34.31 -86.84
C ARG B 168 12.86 34.00 -86.92
N ALA B 169 12.47 33.34 -88.03
CA ALA B 169 11.15 32.91 -88.46
C ALA B 169 10.57 31.84 -87.50
N GLY B 170 11.47 30.94 -87.08
CA GLY B 170 11.29 29.75 -86.15
C GLY B 170 11.18 30.24 -84.72
N TYR B 171 12.00 31.23 -84.28
CA TYR B 171 11.86 31.99 -83.03
C TYR B 171 10.47 32.62 -82.94
N ARG B 172 9.98 33.16 -84.13
CA ARG B 172 8.62 33.77 -84.04
C ARG B 172 7.48 32.85 -83.85
N GLY B 173 7.52 31.71 -84.49
CA GLY B 173 6.47 30.70 -84.38
C GLY B 173 6.43 30.04 -83.10
N ARG B 174 7.62 29.85 -82.54
CA ARG B 174 7.82 29.26 -81.26
C ARG B 174 7.41 30.17 -80.13
N ALA B 175 7.62 31.49 -80.31
CA ALA B 175 7.07 32.62 -79.50
C ALA B 175 5.47 32.59 -79.62
N LEU B 176 4.82 32.52 -80.73
CA LEU B 176 3.34 32.29 -80.86
C LEU B 176 2.87 31.02 -80.13
N ASP B 177 3.46 29.85 -80.23
CA ASP B 177 3.15 28.68 -79.53
C ASP B 177 3.34 28.91 -77.99
N TYR B 178 4.26 29.59 -77.43
CA TYR B 178 4.37 29.94 -76.01
C TYR B 178 3.24 30.88 -75.55
N ALA B 179 2.99 31.94 -76.46
CA ALA B 179 1.98 33.00 -76.28
C ALA B 179 0.55 32.36 -76.15
N LEU B 180 0.17 31.39 -77.03
CA LEU B 180 -1.08 30.64 -77.02
C LEU B 180 -1.15 29.81 -75.74
N GLN B 181 -0.03 29.14 -75.25
CA GLN B 181 -0.19 28.26 -74.11
C GLN B 181 -0.39 29.16 -72.86
N ILE B 182 0.12 30.35 -72.94
CA ILE B 182 0.10 31.28 -71.80
C ILE B 182 -1.29 31.84 -71.68
N ASN B 183 -2.04 32.05 -72.78
CA ASN B 183 -3.48 32.09 -72.57
C ASN B 183 -4.21 30.83 -72.05
N VAL B 184 -3.84 29.63 -72.52
CA VAL B 184 -4.43 28.43 -72.02
C VAL B 184 -4.29 28.08 -70.55
N ILE B 185 -3.13 28.32 -69.98
CA ILE B 185 -2.69 28.20 -68.64
C ILE B 185 -3.39 29.06 -67.64
N GLU B 186 -3.78 30.32 -67.98
CA GLU B 186 -4.38 31.40 -67.23
C GLU B 186 -5.84 31.07 -66.85
N ASP B 187 -6.58 30.45 -67.80
CA ASP B 187 -7.91 29.80 -67.67
C ASP B 187 -7.77 28.45 -66.98
N LYS B 188 -6.75 27.61 -67.31
CA LYS B 188 -6.53 26.38 -66.57
C LYS B 188 -6.28 26.51 -65.05
N ARG B 189 -5.43 27.52 -64.75
CA ARG B 189 -5.26 27.91 -63.38
C ARG B 189 -6.51 28.38 -62.77
N LYS B 190 -7.33 29.20 -63.44
CA LYS B 190 -8.54 29.68 -62.86
C LYS B 190 -9.54 28.59 -62.54
N PHE B 191 -9.97 27.76 -63.50
CA PHE B 191 -11.12 26.91 -63.39
C PHE B 191 -10.79 25.72 -62.53
N ASP B 192 -9.53 25.14 -62.51
CA ASP B 192 -9.26 24.04 -61.56
C ASP B 192 -9.27 24.48 -60.08
N ILE B 193 -8.76 25.65 -59.77
CA ILE B 193 -8.66 26.06 -58.42
C ILE B 193 -10.09 26.57 -57.87
N MET B 194 -10.84 27.27 -58.75
CA MET B 194 -12.21 27.70 -58.50
C MET B 194 -13.21 26.53 -58.32
N GLU B 195 -13.12 25.54 -59.19
CA GLU B 195 -13.85 24.27 -59.06
C GLU B 195 -13.57 23.37 -57.87
N PHE B 196 -12.21 23.21 -57.58
CA PHE B 196 -11.71 22.49 -56.37
C PHE B 196 -12.39 23.00 -55.07
N VAL B 197 -12.35 24.34 -54.81
CA VAL B 197 -13.04 24.94 -53.72
C VAL B 197 -14.61 24.75 -53.75
N LEU B 198 -15.22 24.98 -54.91
CA LEU B 198 -16.68 24.96 -55.14
C LEU B 198 -17.32 23.54 -54.89
N ARG B 199 -16.59 22.47 -55.24
CA ARG B 199 -16.84 21.03 -54.88
C ARG B 199 -16.73 20.68 -53.36
N LEU B 200 -15.67 21.20 -52.73
CA LEU B 200 -15.46 21.03 -51.33
C LEU B 200 -16.54 21.61 -50.46
N VAL B 201 -16.86 22.88 -50.75
CA VAL B 201 -17.92 23.55 -49.98
C VAL B 201 -19.28 22.99 -50.11
N GLU B 202 -19.69 22.55 -51.33
CA GLU B 202 -20.97 21.89 -51.61
C GLU B 202 -21.03 20.57 -50.95
N ALA B 203 -20.00 19.68 -51.01
CA ALA B 203 -20.06 18.42 -50.42
C ALA B 203 -20.02 18.46 -48.90
N GLN B 204 -19.32 19.46 -48.33
CA GLN B 204 -19.29 19.78 -46.93
C GLN B 204 -20.65 20.10 -46.43
N ALA B 205 -21.38 20.97 -47.16
CA ALA B 205 -22.72 21.40 -46.85
C ALA B 205 -23.64 20.26 -46.84
N THR B 206 -23.51 19.32 -47.77
CA THR B 206 -24.32 18.12 -47.96
C THR B 206 -24.28 17.13 -46.77
N HIS B 207 -23.12 16.88 -46.14
CA HIS B 207 -23.07 15.87 -45.05
C HIS B 207 -23.98 16.40 -43.84
N PHE B 208 -23.94 17.77 -43.58
CA PHE B 208 -24.76 18.51 -42.64
C PHE B 208 -26.26 18.45 -42.97
N GLN B 209 -26.67 18.61 -44.27
CA GLN B 209 -28.08 18.38 -44.71
C GLN B 209 -28.64 16.98 -44.42
N GLN B 210 -27.85 15.92 -44.77
CA GLN B 210 -28.19 14.51 -44.60
C GLN B 210 -28.27 14.19 -43.11
N GLY B 211 -27.41 14.86 -42.29
CA GLY B 211 -27.25 14.71 -40.87
C GLY B 211 -28.50 15.23 -40.22
N HIS B 212 -28.81 16.46 -40.56
CA HIS B 212 -29.87 17.30 -40.04
C HIS B 212 -31.26 16.65 -40.31
N GLU B 213 -31.49 16.08 -41.57
CA GLU B 213 -32.60 15.25 -41.92
C GLU B 213 -33.02 14.19 -40.93
N GLU B 214 -32.07 13.27 -40.51
CA GLU B 214 -32.18 12.38 -39.40
C GLU B 214 -32.27 12.92 -38.07
N LEU B 215 -31.28 13.77 -37.82
CA LEU B 215 -31.00 14.22 -36.52
C LEU B 215 -32.11 15.15 -36.08
N SER B 216 -32.83 15.79 -36.94
CA SER B 216 -34.11 16.45 -36.55
C SER B 216 -35.28 15.51 -36.22
N ARG B 217 -35.51 14.38 -36.95
CA ARG B 217 -36.40 13.32 -36.36
C ARG B 217 -35.94 12.73 -35.00
N LEU B 218 -34.66 12.37 -34.88
CA LEU B 218 -34.01 11.98 -33.62
C LEU B 218 -34.11 13.10 -32.49
N SER B 219 -34.11 14.41 -32.82
CA SER B 219 -34.35 15.54 -31.90
C SER B 219 -35.77 15.59 -31.25
N GLN B 220 -36.80 15.35 -32.09
CA GLN B 220 -38.16 15.18 -31.61
C GLN B 220 -38.34 13.93 -30.65
N TYR B 221 -37.73 12.80 -30.98
CA TYR B 221 -37.63 11.53 -30.21
C TYR B 221 -36.84 11.74 -28.86
N ARG B 222 -35.71 12.49 -28.98
CA ARG B 222 -34.86 12.88 -27.91
C ARG B 222 -35.58 13.60 -26.87
N LYS B 223 -36.24 14.76 -27.20
CA LYS B 223 -36.92 15.62 -26.25
C LYS B 223 -38.12 14.82 -25.60
N GLU B 224 -38.85 13.96 -26.37
CA GLU B 224 -39.96 13.16 -25.89
C GLU B 224 -39.58 12.15 -24.90
N LEU B 225 -38.53 11.38 -25.23
CA LEU B 225 -37.92 10.43 -24.38
C LEU B 225 -37.32 11.15 -23.10
N GLY B 226 -36.63 12.30 -23.28
CA GLY B 226 -36.03 13.06 -22.27
C GLY B 226 -37.02 13.51 -21.26
N ALA B 227 -38.24 13.75 -21.71
CA ALA B 227 -39.31 14.05 -20.71
C ALA B 227 -39.80 12.86 -19.89
N GLN B 228 -40.00 11.66 -20.52
CA GLN B 228 -40.17 10.52 -19.69
C GLN B 228 -38.94 10.11 -18.77
N LEU B 229 -37.67 10.25 -19.28
CA LEU B 229 -36.40 9.91 -18.68
C LEU B 229 -36.08 10.65 -17.38
N HIS B 230 -36.38 11.99 -17.48
CA HIS B 230 -36.21 12.87 -16.30
C HIS B 230 -37.25 12.53 -15.23
N GLN B 231 -38.47 12.24 -15.65
CA GLN B 231 -39.53 11.99 -14.66
C GLN B 231 -39.27 10.67 -13.89
N LEU B 232 -38.81 9.64 -14.66
CA LEU B 232 -38.40 8.35 -14.08
C LEU B 232 -37.26 8.59 -13.03
N VAL B 233 -36.25 9.36 -13.33
CA VAL B 233 -35.19 9.59 -12.36
C VAL B 233 -35.60 10.63 -11.19
N LEU B 234 -36.55 11.51 -11.45
CA LEU B 234 -37.16 12.27 -10.36
C LEU B 234 -37.89 11.39 -9.36
N ASN B 235 -38.74 10.46 -9.90
CA ASN B 235 -39.35 9.25 -9.23
C ASN B 235 -38.40 8.37 -8.45
N SER B 236 -37.31 7.97 -9.08
CA SER B 236 -36.20 7.36 -8.36
C SER B 236 -35.48 8.11 -7.29
N ALA B 237 -35.19 9.39 -7.53
CA ALA B 237 -34.45 10.24 -6.62
C ALA B 237 -35.17 10.35 -5.26
N ARG B 238 -36.56 10.50 -5.33
CA ARG B 238 -37.43 10.18 -4.20
C ARG B 238 -37.30 8.76 -3.65
N GLU B 239 -37.39 7.74 -4.54
CA GLU B 239 -37.30 6.35 -4.20
C GLU B 239 -36.14 5.97 -3.28
N LYS B 240 -34.88 6.34 -3.69
CA LYS B 240 -33.71 5.99 -2.86
C LYS B 240 -33.67 6.91 -1.68
N ARG B 241 -34.31 8.12 -1.63
CA ARG B 241 -34.41 8.88 -0.46
C ARG B 241 -35.29 8.21 0.54
N ASP B 242 -36.45 7.61 0.22
CA ASP B 242 -37.23 6.77 1.18
C ASP B 242 -36.57 5.55 1.81
N MET B 243 -35.86 4.79 1.00
CA MET B 243 -34.99 3.72 1.52
C MET B 243 -33.88 4.23 2.45
N GLU B 244 -33.25 5.35 2.06
CA GLU B 244 -32.25 5.99 2.91
C GLU B 244 -32.78 6.48 4.18
N GLN B 245 -34.02 7.11 4.16
CA GLN B 245 -34.76 7.65 5.27
C GLN B 245 -35.22 6.61 6.29
N ARG B 246 -35.84 5.43 5.81
CA ARG B 246 -36.06 4.35 6.68
C ARG B 246 -34.82 3.71 7.28
N HIS B 247 -33.73 3.54 6.46
CA HIS B 247 -32.45 2.79 6.86
C HIS B 247 -31.76 3.52 7.94
N VAL B 248 -31.59 4.83 7.98
CA VAL B 248 -31.09 5.59 9.17
C VAL B 248 -32.04 5.63 10.36
N LEU B 249 -33.44 5.53 10.22
CA LEU B 249 -34.37 5.19 11.32
C LEU B 249 -34.15 3.80 11.89
N LEU B 250 -33.90 2.83 11.06
CA LEU B 250 -33.62 1.50 11.47
C LEU B 250 -32.35 1.43 12.15
N LYS B 251 -31.22 1.98 11.60
CA LYS B 251 -29.93 1.95 12.15
C LYS B 251 -29.76 2.56 13.54
N GLN B 252 -30.35 3.69 13.81
CA GLN B 252 -30.20 4.42 15.07
C GLN B 252 -30.96 3.84 16.20
N LYS B 253 -32.19 3.37 15.93
CA LYS B 253 -33.18 3.24 16.95
C LYS B 253 -33.56 1.81 17.19
N GLU B 254 -33.65 0.98 16.12
CA GLU B 254 -34.17 -0.38 16.35
C GLU B 254 -33.20 -1.53 16.09
N LEU B 255 -31.97 -1.12 15.80
CA LEU B 255 -30.86 -2.02 15.27
C LEU B 255 -30.29 -2.81 16.43
N GLY B 256 -30.55 -4.14 16.41
CA GLY B 256 -30.33 -5.08 17.55
C GLY B 256 -29.12 -5.95 17.29
N GLY B 257 -28.44 -6.33 18.40
CA GLY B 257 -27.16 -7.08 18.41
C GLY B 257 -27.19 -8.55 18.76
N GLU B 258 -28.35 -8.97 19.32
CA GLU B 258 -28.68 -10.34 19.61
C GLU B 258 -28.57 -11.17 18.31
N GLU B 259 -28.26 -12.48 18.36
CA GLU B 259 -28.27 -13.35 17.23
C GLU B 259 -29.66 -13.63 16.69
N PRO B 260 -29.96 -13.71 15.31
CA PRO B 260 -31.12 -14.31 14.71
C PRO B 260 -31.74 -15.50 15.43
N GLU B 261 -33.11 -15.42 15.55
CA GLU B 261 -33.71 -16.53 16.18
C GLU B 261 -34.76 -17.08 15.22
N PRO B 262 -34.67 -18.40 14.81
CA PRO B 262 -35.77 -19.13 14.22
C PRO B 262 -37.15 -19.03 14.76
N SER B 263 -38.20 -19.56 14.05
CA SER B 263 -39.60 -19.37 14.44
C SER B 263 -40.16 -20.72 14.33
N LEU B 264 -40.68 -21.23 15.40
CA LEU B 264 -41.35 -22.49 15.46
C LEU B 264 -42.85 -22.23 15.13
N ARG B 265 -43.29 -22.45 13.90
CA ARG B 265 -44.57 -22.21 13.41
C ARG B 265 -44.93 -23.45 12.67
N GLU B 266 -46.19 -23.88 12.73
CA GLU B 266 -46.74 -25.02 12.01
C GLU B 266 -46.62 -24.75 10.49
N GLY B 267 -46.36 -25.83 9.73
CA GLY B 267 -46.29 -25.65 8.31
C GLY B 267 -46.99 -26.84 7.75
N PRO B 268 -46.85 -27.11 6.49
CA PRO B 268 -47.22 -28.36 5.86
C PRO B 268 -46.43 -29.53 6.39
N GLY B 269 -47.13 -30.63 6.87
CA GLY B 269 -46.48 -31.81 7.32
C GLY B 269 -46.14 -31.89 8.83
N GLY B 270 -46.46 -30.83 9.55
CA GLY B 270 -46.15 -30.64 10.97
C GLY B 270 -45.20 -29.45 11.16
N LEU B 271 -44.47 -29.46 12.28
CA LEU B 271 -43.75 -28.21 12.70
C LEU B 271 -42.59 -27.78 11.87
N VAL B 272 -42.49 -26.50 11.56
CA VAL B 272 -41.41 -26.01 10.64
C VAL B 272 -40.63 -25.03 11.55
N MET B 273 -39.29 -25.10 11.49
CA MET B 273 -38.38 -24.14 12.04
C MET B 273 -37.04 -24.22 11.22
N GLU B 274 -36.31 -23.13 10.98
CA GLU B 274 -35.06 -23.12 10.21
C GLU B 274 -34.01 -22.17 10.79
N GLY B 275 -32.69 -22.52 10.76
CA GLY B 275 -31.60 -21.67 11.33
C GLY B 275 -30.21 -22.35 11.56
N HIS B 276 -29.18 -21.56 11.73
CA HIS B 276 -27.84 -21.97 11.90
C HIS B 276 -27.65 -22.72 13.23
N LEU B 277 -26.87 -23.78 13.15
CA LEU B 277 -26.40 -24.65 14.29
C LEU B 277 -25.02 -25.07 14.02
N PHE B 278 -24.27 -25.42 15.05
CA PHE B 278 -22.89 -25.97 15.05
C PHE B 278 -23.01 -27.44 15.21
N LYS B 279 -22.10 -28.22 14.54
CA LYS B 279 -22.23 -29.66 14.52
C LYS B 279 -20.81 -30.24 14.47
N ARG B 280 -20.54 -31.56 14.59
CA ARG B 280 -19.20 -32.00 14.58
C ARG B 280 -18.95 -32.60 13.23
N ALA B 281 -17.78 -32.25 12.57
CA ALA B 281 -17.34 -32.60 11.24
C ALA B 281 -16.47 -33.82 11.25
N SER B 282 -16.07 -34.31 10.06
CA SER B 282 -15.16 -35.48 9.83
C SER B 282 -13.74 -35.17 9.87
N ASN B 283 -13.32 -33.98 10.40
CA ASN B 283 -12.01 -33.72 10.95
C ASN B 283 -11.67 -34.63 12.10
N ALA B 284 -10.42 -35.03 12.23
CA ALA B 284 -10.00 -36.09 13.17
C ALA B 284 -10.34 -35.74 14.63
N PHE B 285 -10.37 -34.46 15.06
CA PHE B 285 -10.59 -34.08 16.49
C PHE B 285 -12.11 -34.09 16.74
N LYS B 286 -12.85 -34.18 15.62
CA LYS B 286 -14.28 -34.00 15.46
C LYS B 286 -14.68 -32.53 15.37
N THR B 287 -13.84 -31.69 14.75
CA THR B 287 -13.90 -30.23 14.78
C THR B 287 -15.30 -29.69 14.51
N TRP B 288 -15.75 -28.91 15.46
CA TRP B 288 -17.15 -28.26 15.39
C TRP B 288 -17.28 -27.22 14.28
N SER B 289 -18.49 -27.05 13.71
CA SER B 289 -18.65 -26.23 12.51
C SER B 289 -20.07 -25.87 12.19
N ARG B 290 -20.33 -24.68 11.57
CA ARG B 290 -21.59 -24.02 11.42
C ARG B 290 -22.39 -24.28 10.10
N ARG B 291 -23.65 -24.79 10.30
CA ARG B 291 -24.45 -25.11 9.11
C ARG B 291 -25.91 -24.66 9.35
N TRP B 292 -26.69 -24.50 8.28
CA TRP B 292 -28.04 -24.07 8.36
C TRP B 292 -29.00 -25.25 8.32
N PHE B 293 -29.86 -25.43 9.38
CA PHE B 293 -30.63 -26.61 9.59
C PHE B 293 -32.14 -26.33 9.44
N THR B 294 -32.88 -27.26 8.88
CA THR B 294 -34.37 -27.09 8.83
C THR B 294 -35.10 -28.29 9.47
N ILE B 295 -36.11 -28.00 10.29
CA ILE B 295 -37.05 -29.02 10.80
C ILE B 295 -38.30 -28.91 9.89
N GLN B 296 -38.63 -30.05 9.23
CA GLN B 296 -39.83 -30.09 8.41
C GLN B 296 -40.35 -31.51 8.18
N SER B 297 -41.65 -31.68 8.09
CA SER B 297 -42.38 -32.92 7.93
C SER B 297 -41.91 -34.05 8.87
N ASN B 298 -41.69 -33.73 10.19
CA ASN B 298 -41.23 -34.63 11.21
C ASN B 298 -39.85 -35.17 10.87
N GLN B 299 -38.92 -34.33 10.39
CA GLN B 299 -37.61 -34.65 9.90
C GLN B 299 -36.72 -33.47 10.21
N LEU B 300 -35.37 -33.74 10.36
CA LEU B 300 -34.28 -32.68 10.57
C LEU B 300 -33.34 -32.83 9.43
N VAL B 301 -33.20 -31.83 8.57
CA VAL B 301 -32.19 -31.87 7.53
C VAL B 301 -31.18 -30.80 7.74
N TYR B 302 -30.07 -30.89 7.06
CA TYR B 302 -29.03 -29.85 6.99
C TYR B 302 -28.58 -29.50 5.58
N GLN B 303 -28.23 -28.19 5.44
CA GLN B 303 -27.89 -27.68 4.10
C GLN B 303 -26.40 -27.68 3.85
N LYS B 304 -26.14 -28.13 2.61
CA LYS B 304 -24.78 -28.47 2.13
C LYS B 304 -24.25 -27.24 1.40
N LYS B 305 -24.96 -26.75 0.43
CA LYS B 305 -24.83 -25.29 -0.08
C LYS B 305 -26.28 -24.90 -0.49
N TYR B 306 -26.65 -23.55 -0.43
CA TYR B 306 -27.96 -23.02 -0.81
C TYR B 306 -28.45 -23.28 -2.26
N LYS B 307 -29.69 -23.74 -2.30
CA LYS B 307 -30.27 -24.25 -3.58
C LYS B 307 -29.85 -25.66 -3.96
N ASP B 308 -28.61 -26.13 -3.69
CA ASP B 308 -28.27 -27.54 -3.85
C ASP B 308 -29.07 -28.35 -2.79
N PRO B 309 -29.44 -29.58 -3.05
CA PRO B 309 -30.23 -30.39 -2.13
C PRO B 309 -29.60 -30.64 -0.72
N VAL B 310 -30.42 -30.86 0.32
CA VAL B 310 -30.12 -30.95 1.73
C VAL B 310 -29.82 -32.42 1.96
N THR B 311 -29.34 -32.72 3.14
CA THR B 311 -28.96 -34.01 3.70
C THR B 311 -29.74 -34.28 4.91
N VAL B 312 -30.22 -35.46 5.09
CA VAL B 312 -30.84 -35.89 6.24
C VAL B 312 -29.98 -36.03 7.53
N VAL B 313 -30.49 -35.58 8.75
CA VAL B 313 -29.82 -35.67 10.07
C VAL B 313 -30.40 -36.78 10.95
N VAL B 314 -31.73 -36.92 10.96
CA VAL B 314 -32.61 -37.91 11.52
C VAL B 314 -33.70 -38.25 10.49
N ASP B 315 -33.98 -39.53 10.18
CA ASP B 315 -34.93 -39.95 9.21
C ASP B 315 -36.35 -39.44 9.57
N ASP B 316 -36.83 -39.71 10.80
CA ASP B 316 -37.98 -39.23 11.49
C ASP B 316 -37.67 -38.79 12.93
N LEU B 317 -38.00 -37.51 13.29
CA LEU B 317 -37.80 -36.99 14.60
C LEU B 317 -38.78 -37.66 15.60
N ARG B 318 -39.69 -38.53 15.22
CA ARG B 318 -40.66 -38.89 16.21
C ARG B 318 -40.33 -40.22 16.92
N LEU B 319 -39.21 -40.79 16.42
CA LEU B 319 -38.55 -41.93 16.95
C LEU B 319 -37.22 -41.44 17.56
N CYS B 320 -37.02 -40.13 17.78
CA CYS B 320 -35.87 -39.45 18.31
C CYS B 320 -36.13 -39.22 19.84
N THR B 321 -34.99 -38.90 20.55
CA THR B 321 -34.81 -38.43 21.97
C THR B 321 -33.90 -37.21 21.82
N VAL B 322 -33.93 -36.22 22.72
CA VAL B 322 -33.10 -35.11 22.59
C VAL B 322 -32.52 -34.82 23.88
N LYS B 323 -31.23 -35.00 23.92
CA LYS B 323 -30.38 -35.04 25.12
C LYS B 323 -29.75 -33.76 25.41
N LEU B 324 -29.98 -33.16 26.60
CA LEU B 324 -29.35 -31.90 26.98
C LEU B 324 -27.88 -32.02 27.36
N CYS B 325 -27.44 -33.29 27.49
CA CYS B 325 -26.01 -33.55 27.41
C CYS B 325 -25.01 -32.92 28.39
N PRO B 326 -25.17 -33.12 29.73
CA PRO B 326 -24.53 -32.27 30.74
C PRO B 326 -23.07 -32.66 30.99
N ASP B 327 -22.67 -33.75 30.42
CA ASP B 327 -21.35 -34.18 30.49
C ASP B 327 -20.43 -33.71 29.27
N SER B 328 -20.97 -33.18 28.17
CA SER B 328 -20.07 -32.48 27.23
C SER B 328 -19.59 -31.20 27.92
N GLU B 329 -18.41 -30.69 27.68
CA GLU B 329 -18.01 -29.40 28.26
C GLU B 329 -18.35 -28.28 27.18
N ARG B 330 -18.94 -28.62 26.06
CA ARG B 330 -19.13 -27.84 24.93
C ARG B 330 -20.31 -26.87 25.09
N ARG B 331 -20.09 -25.54 24.98
CA ARG B 331 -21.06 -24.54 25.46
C ARG B 331 -22.29 -24.65 24.69
N PHE B 332 -23.36 -25.01 25.39
CA PHE B 332 -24.74 -25.16 24.88
C PHE B 332 -24.78 -26.31 23.84
N CYS B 333 -24.24 -27.51 24.21
CA CYS B 333 -24.34 -28.61 23.31
C CYS B 333 -25.49 -29.55 23.65
N PHE B 334 -26.09 -30.25 22.65
CA PHE B 334 -27.14 -31.27 22.79
C PHE B 334 -26.75 -32.34 21.80
N GLU B 335 -27.27 -33.52 21.92
CA GLU B 335 -27.20 -34.72 21.17
C GLU B 335 -28.60 -35.26 20.79
N VAL B 336 -28.82 -35.57 19.51
CA VAL B 336 -30.12 -36.07 18.98
C VAL B 336 -29.78 -37.52 18.69
N VAL B 337 -30.52 -38.43 19.44
CA VAL B 337 -30.36 -39.84 19.32
C VAL B 337 -31.67 -40.42 18.81
N SER B 338 -31.66 -40.88 17.56
CA SER B 338 -32.85 -41.45 16.95
C SER B 338 -32.56 -42.94 16.62
N THR B 339 -33.62 -43.72 16.33
CA THR B 339 -33.66 -45.19 15.98
C THR B 339 -32.62 -45.60 15.00
N SER B 340 -32.53 -45.02 13.83
CA SER B 340 -31.52 -45.21 12.81
C SER B 340 -30.25 -44.45 13.04
N LYS B 341 -30.33 -43.25 13.62
CA LYS B 341 -29.23 -42.31 13.45
C LYS B 341 -29.07 -41.46 14.68
N SER B 342 -27.81 -41.14 15.08
CA SER B 342 -27.49 -40.07 16.02
C SER B 342 -26.71 -38.92 15.37
N CYS B 343 -26.82 -37.80 16.06
CA CYS B 343 -26.13 -36.55 15.58
C CYS B 343 -25.87 -35.57 16.77
N LEU B 344 -24.61 -35.12 16.82
CA LEU B 344 -24.30 -34.02 17.68
C LEU B 344 -24.62 -32.61 17.17
N LEU B 345 -25.01 -31.65 18.12
CA LEU B 345 -25.40 -30.30 17.77
C LEU B 345 -25.04 -29.40 18.90
N GLN B 346 -24.98 -28.14 18.55
CA GLN B 346 -24.62 -27.02 19.34
C GLN B 346 -25.36 -25.75 18.81
N ALA B 347 -25.87 -25.08 19.82
CA ALA B 347 -26.50 -23.78 19.71
C ALA B 347 -25.58 -22.66 20.18
N ASP B 348 -25.83 -21.38 19.68
CA ASP B 348 -24.91 -20.28 19.76
C ASP B 348 -24.95 -19.58 21.15
N SER B 349 -25.99 -19.94 21.91
CA SER B 349 -26.58 -19.19 23.09
C SER B 349 -27.37 -20.24 23.94
N GLU B 350 -27.62 -19.98 25.25
CA GLU B 350 -28.58 -20.85 25.95
C GLU B 350 -30.02 -20.68 25.49
N ARG B 351 -30.47 -19.48 25.15
CA ARG B 351 -31.74 -19.38 24.45
C ARG B 351 -31.80 -20.34 23.21
N LEU B 352 -30.78 -20.30 22.25
CA LEU B 352 -30.90 -21.11 21.05
C LEU B 352 -30.83 -22.60 21.46
N LEU B 353 -30.16 -22.99 22.58
CA LEU B 353 -30.14 -24.38 23.09
C LEU B 353 -31.57 -24.85 23.50
N GLN B 354 -32.30 -24.06 24.33
CA GLN B 354 -33.54 -24.39 24.89
C GLN B 354 -34.68 -24.35 23.83
N LEU B 355 -34.71 -23.40 22.89
CA LEU B 355 -35.59 -23.40 21.76
C LEU B 355 -35.27 -24.50 20.78
N TRP B 356 -33.97 -24.78 20.40
CA TRP B 356 -33.68 -25.90 19.52
C TRP B 356 -33.94 -27.22 20.11
N VAL B 357 -33.71 -27.41 21.42
CA VAL B 357 -34.02 -28.62 22.13
C VAL B 357 -35.49 -28.69 22.27
N SER B 358 -36.22 -27.56 22.55
CA SER B 358 -37.66 -27.66 22.60
C SER B 358 -38.41 -27.89 21.27
N ALA B 359 -37.95 -27.36 20.14
CA ALA B 359 -38.44 -27.51 18.82
C ALA B 359 -38.24 -28.91 18.40
N VAL B 360 -37.10 -29.47 18.69
CA VAL B 360 -36.99 -30.91 18.50
C VAL B 360 -37.87 -31.82 19.40
N GLN B 361 -38.04 -31.53 20.78
CA GLN B 361 -38.80 -32.26 21.77
C GLN B 361 -40.33 -32.25 21.46
N SER B 362 -40.85 -31.14 20.99
CA SER B 362 -42.22 -30.90 20.45
C SER B 362 -42.33 -31.67 19.12
N SER B 363 -41.29 -31.67 18.25
CA SER B 363 -41.23 -32.51 17.05
C SER B 363 -41.26 -34.03 17.31
N ILE B 364 -40.55 -34.57 18.35
CA ILE B 364 -40.66 -35.91 18.92
C ILE B 364 -42.03 -36.29 19.50
N ALA B 365 -42.67 -35.29 20.04
CA ALA B 365 -44.08 -35.36 20.47
C ALA B 365 -45.12 -35.16 19.38
N SER B 366 -44.70 -35.05 18.08
CA SER B 366 -45.67 -34.90 16.91
C SER B 366 -46.00 -36.27 16.35
N MET C 6 -8.93 15.47 24.57
CA MET C 6 -9.51 15.22 23.26
C MET C 6 -10.77 16.02 22.95
N THR C 7 -11.80 16.05 23.76
CA THR C 7 -13.04 16.80 23.50
C THR C 7 -12.91 18.26 23.16
N VAL C 8 -12.20 19.14 23.84
CA VAL C 8 -12.12 20.57 23.60
C VAL C 8 -11.03 20.91 22.53
N LYS C 9 -10.29 19.91 22.05
CA LYS C 9 -9.38 19.93 20.98
C LYS C 9 -10.15 19.93 19.63
N LEU C 10 -11.45 19.53 19.64
CA LEU C 10 -12.40 19.68 18.49
C LEU C 10 -13.66 20.41 18.90
N ASP C 11 -13.99 21.53 18.21
CA ASP C 11 -15.21 22.30 18.32
C ASP C 11 -16.41 21.58 17.74
N PHE C 12 -17.29 21.02 18.60
CA PHE C 12 -18.53 20.35 18.15
C PHE C 12 -19.58 21.28 17.67
N GLU C 13 -19.57 22.55 18.10
CA GLU C 13 -20.66 23.46 17.80
C GLU C 13 -20.27 24.38 16.60
N GLU C 14 -19.10 24.24 16.02
CA GLU C 14 -18.74 25.06 14.83
C GLU C 14 -18.65 24.14 13.63
N CYS C 15 -19.26 22.90 13.86
CA CYS C 15 -19.10 21.79 12.97
C CYS C 15 -19.82 22.00 11.68
N LEU C 16 -21.08 22.51 11.69
CA LEU C 16 -21.83 22.89 10.53
C LEU C 16 -21.18 24.11 9.97
N LYS C 17 -21.02 25.13 10.84
CA LYS C 17 -20.50 26.48 10.59
C LYS C 17 -19.12 26.71 9.94
N ASP C 18 -18.10 25.82 10.20
CA ASP C 18 -16.86 25.73 9.48
C ASP C 18 -15.98 26.96 9.51
N SER C 19 -15.54 27.46 10.66
CA SER C 19 -14.69 28.58 10.95
C SER C 19 -13.28 28.08 10.88
N PRO C 20 -12.34 28.87 10.61
CA PRO C 20 -10.92 28.60 10.81
C PRO C 20 -10.51 28.04 12.13
N ARG C 21 -11.17 28.41 13.30
CA ARG C 21 -11.06 27.65 14.56
C ARG C 21 -11.28 26.19 14.44
N PHE C 22 -12.45 25.86 13.77
CA PHE C 22 -12.84 24.46 13.58
C PHE C 22 -11.77 23.79 12.73
N ARG C 23 -11.23 24.39 11.65
CA ARG C 23 -10.10 23.85 10.97
C ARG C 23 -8.78 23.68 11.67
N ALA C 24 -8.47 24.63 12.54
CA ALA C 24 -7.36 24.45 13.50
C ALA C 24 -7.64 23.16 14.39
N SER C 25 -8.88 22.98 14.78
CA SER C 25 -9.31 21.94 15.72
C SER C 25 -9.20 20.51 15.19
N ILE C 26 -9.68 20.34 13.94
CA ILE C 26 -9.64 19.16 13.12
C ILE C 26 -8.12 18.72 13.01
N GLU C 27 -7.14 19.67 12.82
CA GLU C 27 -5.73 19.30 12.83
C GLU C 27 -5.12 18.94 14.20
N LEU C 28 -5.47 19.79 15.21
CA LEU C 28 -5.01 19.72 16.57
C LEU C 28 -5.43 18.42 17.24
N VAL C 29 -6.69 17.94 17.07
CA VAL C 29 -7.17 16.83 17.86
C VAL C 29 -6.43 15.47 17.57
N GLU C 30 -5.95 15.27 16.35
CA GLU C 30 -5.27 14.15 15.94
C GLU C 30 -3.99 13.83 16.69
N ALA C 31 -3.25 14.86 17.17
CA ALA C 31 -2.01 14.55 17.82
C ALA C 31 -2.13 13.83 19.19
N GLU C 32 -3.17 14.16 19.98
CA GLU C 32 -3.42 13.48 21.25
C GLU C 32 -3.79 11.99 21.06
N VAL C 33 -4.62 11.72 20.02
CA VAL C 33 -5.10 10.41 19.57
C VAL C 33 -3.88 9.58 19.21
N SER C 34 -2.99 10.12 18.42
CA SER C 34 -1.82 9.34 18.04
C SER C 34 -0.94 9.07 19.26
N GLU C 35 -0.91 10.08 20.20
CA GLU C 35 -0.12 9.85 21.40
C GLU C 35 -0.67 8.64 22.19
N LEU C 36 -2.01 8.64 22.45
CA LEU C 36 -2.68 7.65 23.22
C LEU C 36 -2.49 6.29 22.57
N GLU C 37 -2.61 6.19 21.21
CA GLU C 37 -2.36 4.98 20.50
C GLU C 37 -0.93 4.37 20.54
N THR C 38 0.04 5.27 20.55
CA THR C 38 1.42 4.79 20.77
C THR C 38 1.69 4.34 22.17
N ARG C 39 1.19 5.19 23.09
CA ARG C 39 1.38 4.95 24.55
C ARG C 39 0.72 3.64 25.03
N LEU C 40 -0.48 3.33 24.50
CA LEU C 40 -1.11 2.04 24.66
C LEU C 40 -0.53 0.82 24.13
N GLU C 41 -0.04 0.89 22.89
CA GLU C 41 0.55 -0.18 22.13
C GLU C 41 1.90 -0.62 22.81
N LYS C 42 2.69 0.39 23.29
CA LYS C 42 3.98 0.20 24.01
C LYS C 42 3.65 -0.48 25.35
N LEU C 43 2.49 -0.27 26.02
CA LEU C 43 2.02 -0.84 27.25
C LEU C 43 1.66 -2.36 27.05
N LEU C 44 1.08 -2.65 25.86
CA LEU C 44 0.81 -4.06 25.44
C LEU C 44 2.13 -4.82 25.34
N LYS C 45 3.16 -4.18 24.80
CA LYS C 45 4.54 -4.75 24.64
C LYS C 45 5.24 -5.00 25.97
N LEU C 46 5.19 -4.06 26.85
CA LEU C 46 5.61 -4.19 28.18
C LEU C 46 4.80 -5.24 28.86
N GLY C 47 3.46 -5.44 28.58
CA GLY C 47 2.65 -6.49 29.21
C GLY C 47 2.97 -7.95 28.94
N THR C 48 3.21 -8.22 27.69
CA THR C 48 3.75 -9.52 27.24
C THR C 48 5.20 -9.76 27.70
N GLY C 49 5.98 -8.70 27.95
CA GLY C 49 7.20 -8.81 28.73
C GLY C 49 7.07 -9.23 30.10
N LEU C 50 6.03 -8.68 30.83
CA LEU C 50 5.73 -9.12 32.18
C LEU C 50 5.14 -10.50 32.37
N LEU C 51 4.27 -10.94 31.47
CA LEU C 51 3.79 -12.30 31.39
C LEU C 51 4.80 -13.30 30.98
N GLU C 52 5.64 -12.99 29.94
CA GLU C 52 6.79 -13.93 29.52
C GLU C 52 7.73 -14.23 30.71
N SER C 53 8.24 -13.10 31.34
CA SER C 53 9.10 -13.22 32.50
C SER C 53 8.42 -13.83 33.70
N GLY C 54 7.16 -13.44 34.00
CA GLY C 54 6.25 -13.94 35.09
C GLY C 54 6.09 -15.43 35.06
N ARG C 55 5.79 -15.99 33.90
CA ARG C 55 5.56 -17.37 33.68
C ARG C 55 6.87 -18.18 33.74
N HIS C 56 8.02 -17.71 33.20
CA HIS C 56 9.38 -18.27 33.43
C HIS C 56 9.73 -18.12 34.91
N TYR C 57 9.42 -17.04 35.62
CA TYR C 57 9.74 -16.92 37.11
C TYR C 57 9.02 -18.00 37.94
N LEU C 58 7.73 -18.36 37.59
CA LEU C 58 6.97 -19.41 38.19
C LEU C 58 7.35 -20.83 37.75
N ALA C 59 7.94 -20.97 36.51
CA ALA C 59 8.50 -22.22 35.99
C ALA C 59 9.68 -22.71 36.73
N ALA C 60 10.62 -21.70 37.02
CA ALA C 60 11.87 -21.74 37.78
C ALA C 60 11.66 -21.90 39.27
N SER C 61 10.62 -21.19 39.81
CA SER C 61 10.14 -21.35 41.17
C SER C 61 9.75 -22.74 41.40
N ARG C 62 8.88 -23.24 40.51
CA ARG C 62 8.15 -24.45 40.70
C ARG C 62 9.13 -25.75 40.65
N ALA C 63 10.15 -25.71 39.74
CA ALA C 63 11.15 -26.65 39.62
C ALA C 63 12.08 -26.69 40.83
N PHE C 64 12.45 -25.51 41.33
CA PHE C 64 13.23 -25.34 42.56
C PHE C 64 12.48 -25.80 43.82
N VAL C 65 11.15 -25.62 43.97
CA VAL C 65 10.33 -25.97 45.20
C VAL C 65 10.26 -27.49 45.36
N VAL C 66 10.03 -28.23 44.30
CA VAL C 66 10.24 -29.69 44.19
C VAL C 66 11.53 -30.21 44.64
N GLY C 67 12.58 -29.46 44.36
CA GLY C 67 13.97 -29.80 44.51
C GLY C 67 14.49 -29.54 45.91
N ILE C 68 14.09 -28.39 46.60
CA ILE C 68 14.22 -28.16 48.01
C ILE C 68 13.51 -29.21 48.78
N CYS C 69 12.38 -29.67 48.34
CA CYS C 69 11.61 -30.73 49.03
C CYS C 69 12.22 -32.11 48.81
N ASP C 70 12.61 -32.46 47.56
CA ASP C 70 13.09 -33.79 47.25
C ASP C 70 14.34 -34.08 47.99
N LEU C 71 15.26 -33.12 48.15
CA LEU C 71 16.52 -33.28 48.88
C LEU C 71 16.29 -33.47 50.36
N ALA C 72 15.32 -32.65 50.85
CA ALA C 72 14.73 -32.94 52.14
C ALA C 72 14.05 -34.28 52.31
N ARG C 73 13.20 -34.82 51.41
CA ARG C 73 12.57 -36.18 51.46
C ARG C 73 13.68 -37.18 51.47
N LEU C 74 14.83 -36.92 50.73
CA LEU C 74 16.07 -37.75 50.71
C LEU C 74 16.89 -37.76 51.97
N GLY C 75 16.61 -36.78 52.92
CA GLY C 75 17.31 -36.85 54.19
C GLY C 75 16.64 -37.76 55.20
N PRO C 76 17.26 -38.20 56.36
CA PRO C 76 16.61 -39.08 57.25
C PRO C 76 15.33 -38.56 57.84
N PRO C 77 14.20 -39.32 57.65
CA PRO C 77 12.90 -38.64 57.57
C PRO C 77 12.35 -38.63 59.00
N GLU C 78 12.92 -37.79 59.87
CA GLU C 78 12.46 -37.52 61.14
C GLU C 78 11.02 -37.14 61.14
N PRO C 79 10.01 -37.75 61.81
CA PRO C 79 8.61 -37.51 61.52
C PRO C 79 8.08 -36.12 61.72
N MET C 80 8.66 -35.25 62.55
CA MET C 80 8.03 -33.97 62.57
C MET C 80 8.41 -33.22 61.33
N MET C 81 9.60 -33.52 60.72
CA MET C 81 10.08 -32.92 59.51
C MET C 81 9.30 -33.62 58.40
N ALA C 82 8.98 -34.89 58.52
CA ALA C 82 8.22 -35.66 57.57
C ALA C 82 6.78 -35.14 57.28
N GLU C 83 5.97 -34.80 58.32
CA GLU C 83 4.70 -34.16 58.07
C GLU C 83 4.93 -32.66 57.82
N CYS C 84 5.82 -31.88 58.52
CA CYS C 84 6.00 -30.42 58.23
C CYS C 84 6.43 -30.08 56.84
N LEU C 85 7.28 -30.94 56.28
CA LEU C 85 7.70 -30.76 54.92
C LEU C 85 6.65 -30.95 53.83
N GLU C 86 5.71 -31.87 53.98
CA GLU C 86 4.50 -31.98 53.21
C GLU C 86 3.51 -30.80 53.28
N LYS C 87 3.36 -30.30 54.51
CA LYS C 87 2.70 -29.05 54.74
C LYS C 87 3.36 -27.91 54.05
N PHE C 88 4.68 -27.84 54.09
CA PHE C 88 5.50 -26.81 53.44
C PHE C 88 5.24 -26.91 51.96
N THR C 89 5.27 -28.10 51.45
CA THR C 89 5.07 -28.39 50.00
C THR C 89 3.80 -27.82 49.46
N VAL C 90 2.67 -28.07 50.14
CA VAL C 90 1.35 -27.51 49.70
C VAL C 90 1.39 -26.02 49.86
N SER C 91 1.92 -25.37 50.94
CA SER C 91 2.08 -23.94 51.10
C SER C 91 2.89 -23.26 50.01
N LEU C 92 4.03 -23.86 49.73
CA LEU C 92 4.91 -23.30 48.74
C LEU C 92 4.17 -23.29 47.39
N ASN C 93 3.58 -24.44 46.98
CA ASN C 93 2.76 -24.53 45.74
C ASN C 93 1.46 -23.71 45.70
N HIS C 94 0.76 -23.54 46.83
CA HIS C 94 -0.50 -22.83 46.83
C HIS C 94 -0.29 -21.35 46.55
N LYS C 95 0.81 -20.79 47.15
CA LYS C 95 1.18 -19.38 46.93
C LYS C 95 1.64 -19.17 45.52
N LEU C 96 2.33 -20.18 44.89
CA LEU C 96 2.76 -20.11 43.53
C LEU C 96 1.60 -20.23 42.49
N ASP C 97 0.55 -21.01 42.87
CA ASP C 97 -0.60 -21.20 42.07
C ASP C 97 -1.49 -19.96 42.10
N SER C 98 -1.57 -19.29 43.29
CA SER C 98 -2.08 -17.93 43.44
C SER C 98 -1.23 -16.95 42.63
N HIS C 99 0.09 -17.06 42.47
CA HIS C 99 0.88 -16.06 41.82
C HIS C 99 0.73 -16.28 40.32
N ALA C 100 0.39 -17.57 39.90
CA ALA C 100 0.10 -17.89 38.49
C ALA C 100 -1.20 -17.41 37.97
N GLU C 101 -2.23 -17.55 38.75
CA GLU C 101 -3.54 -16.99 38.59
C GLU C 101 -3.59 -15.54 38.44
N LEU C 102 -2.79 -14.82 39.24
CA LEU C 102 -2.57 -13.38 39.12
C LEU C 102 -2.01 -12.96 37.74
N LEU C 103 -1.06 -13.73 37.09
CA LEU C 103 -0.65 -13.57 35.72
C LEU C 103 -1.75 -13.91 34.70
N ASP C 104 -2.55 -14.98 34.88
CA ASP C 104 -3.66 -15.14 33.97
C ASP C 104 -4.74 -14.05 34.04
N ALA C 105 -5.02 -13.55 35.24
CA ALA C 105 -5.87 -12.41 35.52
C ALA C 105 -5.35 -11.04 34.97
N THR C 106 -4.06 -10.82 35.08
CA THR C 106 -3.34 -9.76 34.49
C THR C 106 -3.43 -9.75 32.96
N GLN C 107 -3.16 -10.97 32.31
CA GLN C 107 -3.52 -11.14 30.91
C GLN C 107 -4.97 -10.88 30.54
N HIS C 108 -5.98 -11.40 31.28
CA HIS C 108 -7.36 -11.18 30.97
C HIS C 108 -7.79 -9.74 30.95
N THR C 109 -7.38 -8.96 31.96
CA THR C 109 -7.66 -7.57 31.96
C THR C 109 -6.96 -6.80 30.88
N LEU C 110 -5.74 -7.20 30.67
CA LEU C 110 -4.90 -6.67 29.61
C LEU C 110 -5.45 -6.75 28.22
N GLN C 111 -6.20 -7.83 27.89
CA GLN C 111 -7.09 -8.00 26.74
C GLN C 111 -8.32 -7.15 26.87
N GLN C 112 -9.00 -7.13 28.00
CA GLN C 112 -10.35 -6.50 28.16
C GLN C 112 -10.31 -5.05 27.94
N GLN C 113 -9.26 -4.41 28.52
CA GLN C 113 -8.96 -3.01 28.71
C GLN C 113 -8.03 -2.40 27.65
N ILE C 114 -6.66 -2.40 27.82
CA ILE C 114 -5.61 -1.87 27.00
C ILE C 114 -5.58 -2.39 25.55
N GLN C 115 -5.69 -3.74 25.35
CA GLN C 115 -5.79 -4.23 23.95
C GLN C 115 -7.11 -3.86 23.18
N THR C 116 -8.28 -4.01 23.82
CA THR C 116 -9.52 -3.41 23.30
C THR C 116 -9.55 -1.96 22.97
N LEU C 117 -9.00 -1.14 23.86
CA LEU C 117 -8.94 0.31 23.73
C LEU C 117 -8.23 0.74 22.46
N VAL C 118 -7.07 0.14 22.14
CA VAL C 118 -6.33 0.48 20.91
C VAL C 118 -6.89 -0.22 19.67
N LYS C 119 -7.37 -1.45 19.79
CA LYS C 119 -7.98 -2.29 18.74
C LYS C 119 -9.30 -1.82 18.24
N GLU C 120 -10.17 -1.59 19.16
CA GLU C 120 -11.55 -1.26 18.83
C GLU C 120 -11.76 0.29 18.80
N GLY C 121 -11.11 1.05 19.68
CA GLY C 121 -11.58 2.34 20.18
C GLY C 121 -11.18 3.48 19.27
N LEU C 122 -10.34 3.25 18.30
CA LEU C 122 -10.05 4.33 17.36
C LEU C 122 -10.60 4.03 15.94
N ARG C 123 -11.24 2.94 15.67
CA ARG C 123 -11.77 2.45 14.35
C ARG C 123 -12.81 3.41 13.71
N GLY C 124 -13.83 3.72 14.50
CA GLY C 124 -14.90 4.65 14.12
C GLY C 124 -14.44 6.07 13.94
N PHE C 125 -13.51 6.47 14.81
CA PHE C 125 -12.78 7.76 14.59
C PHE C 125 -12.02 7.75 13.25
N ARG C 126 -11.27 6.66 12.95
CA ARG C 126 -10.58 6.58 11.63
C ARG C 126 -11.47 6.53 10.41
N GLU C 127 -12.58 5.83 10.45
CA GLU C 127 -13.62 5.86 9.41
C GLU C 127 -14.26 7.17 9.15
N ALA C 128 -14.50 7.94 10.22
CA ALA C 128 -14.76 9.36 10.07
C ALA C 128 -13.64 10.25 9.60
N ARG C 129 -12.40 10.00 10.04
CA ARG C 129 -11.23 10.73 9.52
C ARG C 129 -10.94 10.59 8.06
N ARG C 130 -11.07 9.35 7.52
CA ARG C 130 -10.85 9.17 6.09
C ARG C 130 -11.78 9.80 5.11
N ASP C 131 -13.08 9.56 5.20
CA ASP C 131 -14.14 10.23 4.54
C ASP C 131 -14.29 11.77 4.77
N PHE C 132 -14.05 12.27 5.99
CA PHE C 132 -14.07 13.65 6.34
C PHE C 132 -12.96 14.43 5.61
N TRP C 133 -11.73 13.89 5.46
CA TRP C 133 -10.73 14.51 4.70
C TRP C 133 -10.83 14.27 3.20
N ARG C 134 -11.41 13.15 2.66
CA ARG C 134 -11.83 13.23 1.21
C ARG C 134 -12.83 14.33 0.84
N GLY C 135 -13.75 14.60 1.83
CA GLY C 135 -14.61 15.72 1.70
C GLY C 135 -14.02 17.07 2.01
N ALA C 136 -13.09 17.18 2.96
CA ALA C 136 -12.40 18.50 3.13
C ALA C 136 -11.62 18.85 1.88
N GLU C 137 -10.89 17.82 1.34
CA GLU C 137 -10.09 18.04 0.10
C GLU C 137 -10.93 18.50 -1.00
N SER C 138 -12.04 17.73 -1.18
CA SER C 138 -13.04 18.03 -2.17
C SER C 138 -13.69 19.39 -2.02
N LEU C 139 -14.08 19.77 -0.81
CA LEU C 139 -14.66 21.00 -0.54
C LEU C 139 -13.77 22.25 -0.86
N GLU C 140 -12.46 22.21 -0.49
CA GLU C 140 -11.45 23.17 -0.83
C GLU C 140 -11.12 23.30 -2.32
N ALA C 141 -11.01 22.15 -3.07
CA ALA C 141 -10.92 22.19 -4.53
C ALA C 141 -12.22 22.53 -5.28
N ALA C 142 -13.45 22.19 -4.84
CA ALA C 142 -14.78 22.72 -5.23
C ALA C 142 -14.95 24.27 -5.08
N LEU C 143 -14.58 24.82 -3.94
CA LEU C 143 -14.52 26.26 -3.68
C LEU C 143 -13.40 26.93 -4.51
N THR C 144 -12.20 26.32 -4.62
CA THR C 144 -11.20 26.87 -5.54
C THR C 144 -11.68 26.95 -6.99
N HIS C 145 -12.32 25.89 -7.48
CA HIS C 145 -12.77 25.84 -8.83
C HIS C 145 -14.02 26.68 -9.10
N ASN C 146 -14.80 26.93 -8.07
CA ASN C 146 -15.99 27.80 -8.19
C ASN C 146 -15.51 29.29 -8.25
N ALA C 147 -14.49 29.64 -7.42
CA ALA C 147 -14.02 30.99 -7.26
C ALA C 147 -13.22 31.48 -8.47
N GLU C 148 -12.47 30.56 -9.11
CA GLU C 148 -11.49 30.73 -10.19
C GLU C 148 -12.02 30.69 -11.62
N VAL C 149 -13.34 30.43 -11.75
CA VAL C 149 -13.92 30.16 -13.01
C VAL C 149 -14.68 31.49 -13.36
N PRO C 150 -14.44 32.26 -14.43
CA PRO C 150 -15.15 33.51 -14.74
C PRO C 150 -16.64 33.45 -14.79
N ARG C 151 -17.25 34.67 -14.82
CA ARG C 151 -18.63 34.87 -14.98
C ARG C 151 -19.22 34.36 -16.30
N ARG C 152 -18.49 34.52 -17.44
CA ARG C 152 -18.86 33.95 -18.71
C ARG C 152 -18.77 32.37 -18.77
N ARG C 153 -17.83 31.86 -17.99
CA ARG C 153 -17.63 30.40 -17.87
C ARG C 153 -18.54 29.76 -16.78
N ALA C 154 -19.73 30.33 -16.70
CA ALA C 154 -20.84 29.96 -15.99
C ALA C 154 -21.16 28.49 -15.80
N GLN C 155 -21.21 27.70 -16.94
CA GLN C 155 -21.51 26.26 -16.73
C GLN C 155 -20.55 25.51 -15.80
N GLU C 156 -19.26 25.67 -15.97
CA GLU C 156 -18.23 25.05 -15.14
C GLU C 156 -18.25 25.53 -13.73
N ALA C 157 -18.38 26.82 -13.54
CA ALA C 157 -18.51 27.40 -12.25
C ALA C 157 -19.78 26.95 -11.47
N GLU C 158 -20.96 26.85 -12.19
CA GLU C 158 -22.15 26.29 -11.56
C GLU C 158 -21.96 24.76 -11.08
N GLU C 159 -21.30 23.99 -11.99
CA GLU C 159 -20.83 22.63 -11.79
C GLU C 159 -19.94 22.46 -10.60
N ALA C 160 -18.96 23.41 -10.44
CA ALA C 160 -18.05 23.44 -9.39
C ALA C 160 -18.69 23.84 -8.05
N GLY C 161 -19.64 24.82 -8.06
CA GLY C 161 -20.42 25.04 -6.86
C GLY C 161 -21.38 23.86 -6.55
N ALA C 162 -21.83 23.07 -7.52
CA ALA C 162 -22.74 21.94 -7.27
C ALA C 162 -22.15 20.81 -6.42
N ALA C 163 -20.87 20.46 -6.87
CA ALA C 163 -19.94 19.67 -6.06
C ALA C 163 -19.59 20.27 -4.69
N LEU C 164 -19.41 21.61 -4.61
CA LEU C 164 -19.35 22.19 -3.28
C LEU C 164 -20.55 21.95 -2.35
N ARG C 165 -21.80 22.01 -2.87
CA ARG C 165 -22.93 21.67 -1.99
C ARG C 165 -22.88 20.23 -1.51
N THR C 166 -22.45 19.27 -2.40
CA THR C 166 -22.14 17.84 -2.06
C THR C 166 -21.11 17.68 -0.91
N ALA C 167 -19.92 18.21 -1.14
CA ALA C 167 -18.72 18.18 -0.32
C ALA C 167 -19.00 18.75 1.03
N ARG C 168 -19.57 19.98 1.07
CA ARG C 168 -19.99 20.64 2.34
C ARG C 168 -21.03 19.88 3.15
N ALA C 169 -22.07 19.41 2.52
CA ALA C 169 -23.07 18.55 3.12
C ALA C 169 -22.51 17.37 3.77
N GLY C 170 -21.68 16.56 3.00
CA GLY C 170 -21.19 15.34 3.58
C GLY C 170 -20.09 15.55 4.51
N TYR C 171 -19.35 16.58 4.25
CA TYR C 171 -18.40 17.10 5.27
C TYR C 171 -18.95 17.57 6.59
N ARG C 172 -20.09 18.22 6.57
CA ARG C 172 -20.90 18.38 7.74
C ARG C 172 -21.41 17.05 8.43
N GLY C 173 -21.91 16.11 7.63
CA GLY C 173 -22.25 14.72 8.08
C GLY C 173 -21.16 14.02 8.76
N ARG C 174 -19.98 14.02 8.13
CA ARG C 174 -18.84 13.66 8.74
C ARG C 174 -18.28 14.38 9.95
N ALA C 175 -18.56 15.72 10.03
CA ALA C 175 -18.09 16.61 11.10
C ALA C 175 -18.78 16.24 12.43
N LEU C 176 -20.06 16.04 12.37
CA LEU C 176 -20.82 15.34 13.32
C LEU C 176 -20.37 13.92 13.75
N ASP C 177 -19.85 13.07 12.85
CA ASP C 177 -19.26 11.78 13.29
C ASP C 177 -17.93 12.06 14.03
N TYR C 178 -17.08 12.98 13.61
CA TYR C 178 -15.82 13.43 14.22
C TYR C 178 -16.15 14.03 15.63
N ALA C 179 -17.14 14.85 15.75
CA ALA C 179 -17.63 15.31 17.04
C ALA C 179 -18.16 14.24 17.96
N LEU C 180 -18.93 13.28 17.46
CA LEU C 180 -19.32 12.09 18.23
C LEU C 180 -18.21 11.24 18.72
N GLN C 181 -17.18 10.92 17.90
CA GLN C 181 -16.24 9.89 18.12
C GLN C 181 -15.15 10.41 19.02
N ILE C 182 -14.70 11.66 18.76
CA ILE C 182 -13.92 12.44 19.64
C ILE C 182 -14.57 12.56 20.94
N ASN C 183 -15.85 12.85 21.15
CA ASN C 183 -16.45 13.00 22.49
C ASN C 183 -16.51 11.65 23.23
N VAL C 184 -16.72 10.47 22.55
CA VAL C 184 -16.56 9.13 23.05
C VAL C 184 -15.22 8.68 23.50
N ILE C 185 -14.18 9.02 22.74
CA ILE C 185 -12.90 8.55 23.10
C ILE C 185 -12.35 9.30 24.28
N GLU C 186 -12.76 10.60 24.41
CA GLU C 186 -12.51 11.45 25.51
C GLU C 186 -13.08 10.83 26.81
N ASP C 187 -14.30 10.30 26.82
CA ASP C 187 -14.75 9.56 27.95
C ASP C 187 -14.11 8.21 28.14
N LYS C 188 -14.03 7.37 27.09
CA LYS C 188 -13.58 6.04 27.00
C LYS C 188 -12.08 5.80 27.40
N ARG C 189 -11.09 6.68 26.98
CA ARG C 189 -9.68 6.53 27.44
C ARG C 189 -9.30 6.42 28.94
N LYS C 190 -9.90 7.31 29.78
CA LYS C 190 -9.70 7.37 31.25
C LYS C 190 -10.33 6.11 31.85
N PHE C 191 -11.50 5.72 31.35
CA PHE C 191 -12.26 4.74 32.08
C PHE C 191 -11.62 3.33 31.98
N ASP C 192 -11.28 2.91 30.78
CA ASP C 192 -10.64 1.63 30.41
C ASP C 192 -9.27 1.58 31.17
N ILE C 193 -8.52 2.62 31.15
CA ILE C 193 -7.19 2.68 31.84
C ILE C 193 -7.27 2.75 33.45
N MET C 194 -8.23 3.45 34.12
CA MET C 194 -8.63 3.28 35.52
C MET C 194 -9.12 1.82 35.86
N GLU C 195 -9.90 1.27 34.94
CA GLU C 195 -10.31 -0.14 35.05
C GLU C 195 -9.08 -1.08 35.02
N PHE C 196 -8.04 -0.81 34.23
CA PHE C 196 -6.86 -1.66 34.13
C PHE C 196 -6.10 -1.67 35.51
N VAL C 197 -5.96 -0.50 36.12
CA VAL C 197 -5.40 -0.51 37.45
C VAL C 197 -6.25 -1.13 38.50
N LEU C 198 -7.59 -0.91 38.51
CA LEU C 198 -8.50 -1.55 39.43
C LEU C 198 -8.36 -3.04 39.42
N ARG C 199 -8.48 -3.66 38.22
CA ARG C 199 -8.44 -5.04 37.95
C ARG C 199 -7.10 -5.70 38.21
N LEU C 200 -5.99 -5.02 37.87
CA LEU C 200 -4.63 -5.38 38.38
C LEU C 200 -4.53 -5.47 39.85
N VAL C 201 -4.80 -4.43 40.62
CA VAL C 201 -4.67 -4.51 42.13
C VAL C 201 -5.72 -5.22 42.83
N GLU C 202 -6.89 -5.50 42.29
CA GLU C 202 -7.90 -6.52 42.71
C GLU C 202 -7.38 -7.97 42.79
N ALA C 203 -6.77 -8.41 41.65
CA ALA C 203 -6.16 -9.75 41.55
C ALA C 203 -5.04 -9.87 42.55
N GLN C 204 -4.27 -8.76 42.72
CA GLN C 204 -3.20 -8.72 43.73
C GLN C 204 -3.68 -8.86 45.22
N ALA C 205 -4.72 -8.11 45.61
CA ALA C 205 -5.29 -8.23 46.87
C ALA C 205 -5.92 -9.58 47.21
N THR C 206 -6.61 -10.16 46.23
CA THR C 206 -7.17 -11.42 46.25
C THR C 206 -6.09 -12.52 46.35
N HIS C 207 -4.99 -12.46 45.59
CA HIS C 207 -3.78 -13.26 45.75
C HIS C 207 -3.02 -13.14 47.06
N PHE C 208 -2.81 -11.94 47.55
CA PHE C 208 -2.11 -11.75 48.78
C PHE C 208 -2.81 -12.24 50.00
N GLN C 209 -4.15 -12.25 49.84
CA GLN C 209 -5.12 -12.62 50.93
C GLN C 209 -5.13 -14.14 51.02
N GLN C 210 -5.13 -14.83 49.90
CA GLN C 210 -5.04 -16.25 49.84
C GLN C 210 -3.83 -16.88 50.59
N GLY C 211 -2.66 -16.18 50.44
CA GLY C 211 -1.36 -16.64 51.00
C GLY C 211 -1.23 -16.25 52.48
N HIS C 212 -2.15 -15.41 52.89
CA HIS C 212 -2.26 -14.91 54.26
C HIS C 212 -3.29 -15.85 54.98
N GLU C 213 -4.18 -16.50 54.18
CA GLU C 213 -5.21 -17.34 54.73
C GLU C 213 -4.67 -18.51 55.46
N GLU C 214 -3.63 -19.17 54.97
CA GLU C 214 -3.04 -20.34 55.56
C GLU C 214 -1.91 -19.97 56.67
N LEU C 215 -1.63 -18.68 56.85
CA LEU C 215 -0.60 -18.23 57.73
C LEU C 215 -0.53 -18.87 59.11
N SER C 216 -1.74 -18.95 59.78
CA SER C 216 -2.05 -19.58 61.06
C SER C 216 -1.71 -21.05 61.27
N ARG C 217 -2.09 -21.94 60.30
CA ARG C 217 -1.49 -23.28 60.15
C ARG C 217 0.01 -23.37 59.92
N LEU C 218 0.55 -22.47 59.07
CA LEU C 218 2.02 -22.50 58.73
C LEU C 218 2.99 -22.14 59.86
N SER C 219 2.56 -21.13 60.66
CA SER C 219 3.20 -20.59 61.86
C SER C 219 3.18 -21.78 62.87
N GLN C 220 2.09 -22.48 63.06
CA GLN C 220 2.09 -23.74 63.79
C GLN C 220 3.14 -24.77 63.32
N TYR C 221 3.33 -25.00 61.94
CA TYR C 221 4.32 -25.87 61.46
C TYR C 221 5.77 -25.33 61.61
N ARG C 222 5.99 -23.99 61.49
CA ARG C 222 7.24 -23.30 61.63
C ARG C 222 7.78 -23.44 63.10
N LYS C 223 6.89 -23.13 64.09
CA LYS C 223 7.12 -23.42 65.48
C LYS C 223 7.42 -24.89 65.75
N GLU C 224 6.53 -25.86 65.37
CA GLU C 224 6.72 -27.22 65.78
C GLU C 224 7.86 -27.93 65.14
N LEU C 225 8.12 -27.63 63.87
CA LEU C 225 9.43 -27.99 63.32
C LEU C 225 10.59 -27.27 64.02
N GLY C 226 10.55 -25.99 64.37
CA GLY C 226 11.60 -25.14 64.95
C GLY C 226 12.00 -25.57 66.36
N ALA C 227 11.08 -25.84 67.28
CA ALA C 227 11.39 -26.34 68.59
C ALA C 227 12.00 -27.75 68.58
N GLN C 228 11.55 -28.53 67.61
CA GLN C 228 12.09 -29.88 67.40
C GLN C 228 13.52 -29.91 66.80
N LEU C 229 13.75 -29.04 65.83
CA LEU C 229 15.07 -28.87 65.31
C LEU C 229 16.13 -28.42 66.35
N HIS C 230 15.67 -27.50 67.26
CA HIS C 230 16.44 -27.05 68.40
C HIS C 230 16.61 -28.11 69.51
N GLN C 231 15.65 -29.03 69.68
CA GLN C 231 15.88 -30.25 70.46
C GLN C 231 16.80 -31.25 69.86
N LEU C 232 16.67 -31.59 68.54
CA LEU C 232 17.61 -32.39 67.82
C LEU C 232 19.03 -31.91 67.86
N VAL C 233 19.24 -30.63 67.73
CA VAL C 233 20.56 -29.93 67.81
C VAL C 233 21.15 -30.15 69.20
N LEU C 234 20.37 -29.92 70.23
CA LEU C 234 20.73 -30.13 71.62
C LEU C 234 21.07 -31.58 71.93
N ASN C 235 20.37 -32.47 71.32
CA ASN C 235 20.61 -33.91 71.34
C ASN C 235 21.89 -34.27 70.66
N SER C 236 22.16 -33.58 69.48
CA SER C 236 23.40 -33.79 68.85
C SER C 236 24.63 -33.27 69.60
N ALA C 237 24.54 -32.09 70.21
CA ALA C 237 25.52 -31.53 71.11
C ALA C 237 25.91 -32.45 72.27
N ARG C 238 24.94 -32.90 73.03
CA ARG C 238 25.18 -33.95 73.99
C ARG C 238 25.78 -35.26 73.53
N GLU C 239 25.34 -35.78 72.40
CA GLU C 239 25.95 -36.97 71.76
C GLU C 239 27.37 -36.86 71.24
N LYS C 240 27.72 -35.74 70.58
CA LYS C 240 29.11 -35.53 70.14
C LYS C 240 30.05 -35.08 71.23
N ARG C 241 29.61 -34.38 72.31
CA ARG C 241 30.44 -34.32 73.52
C ARG C 241 30.69 -35.72 74.22
N ASP C 242 29.65 -36.57 74.45
CA ASP C 242 29.81 -37.95 75.06
C ASP C 242 30.74 -38.84 74.13
N MET C 243 30.53 -38.79 72.82
CA MET C 243 31.44 -39.41 71.87
C MET C 243 32.86 -38.92 71.85
N GLU C 244 33.13 -37.59 71.98
CA GLU C 244 34.45 -37.05 72.22
C GLU C 244 35.15 -37.54 73.53
N GLN C 245 34.48 -37.57 74.64
CA GLN C 245 35.18 -38.04 75.88
C GLN C 245 35.57 -39.49 75.87
N ARG C 246 34.63 -40.29 75.32
CA ARG C 246 34.84 -41.67 75.15
C ARG C 246 35.84 -41.99 74.06
N HIS C 247 36.02 -41.18 72.95
CA HIS C 247 37.16 -41.20 72.00
C HIS C 247 38.43 -40.97 72.73
N VAL C 248 38.50 -39.97 73.59
CA VAL C 248 39.65 -39.62 74.37
C VAL C 248 40.15 -40.64 75.28
N LEU C 249 39.24 -41.26 76.07
CA LEU C 249 39.52 -42.32 77.01
C LEU C 249 40.09 -43.49 76.28
N LEU C 250 39.58 -43.92 75.12
CA LEU C 250 40.13 -45.00 74.41
C LEU C 250 41.53 -44.84 73.90
N LYS C 251 41.93 -43.64 73.37
CA LYS C 251 43.18 -43.30 72.84
C LYS C 251 44.22 -43.19 73.93
N GLN C 252 43.76 -42.86 75.17
CA GLN C 252 44.54 -42.65 76.34
C GLN C 252 45.22 -43.92 76.85
N LYS C 253 44.50 -45.06 76.88
CA LYS C 253 44.93 -46.18 77.70
C LYS C 253 44.30 -47.54 77.27
N GLU C 254 43.58 -47.70 76.18
CA GLU C 254 43.01 -48.98 76.01
C GLU C 254 42.76 -49.40 74.59
N LEU C 255 43.32 -48.62 73.57
CA LEU C 255 43.05 -48.75 72.16
C LEU C 255 43.51 -50.02 71.53
N GLY C 256 44.69 -50.61 71.89
CA GLY C 256 45.26 -51.85 71.38
C GLY C 256 45.92 -51.77 69.97
N GLY C 257 46.98 -52.62 69.81
CA GLY C 257 47.76 -52.54 68.56
C GLY C 257 47.91 -53.96 68.03
N GLU C 258 47.39 -54.92 68.81
CA GLU C 258 47.42 -56.29 68.39
C GLU C 258 46.29 -56.63 67.46
N GLU C 259 46.42 -57.32 66.31
CA GLU C 259 45.51 -57.63 65.26
C GLU C 259 44.24 -58.28 65.84
N PRO C 260 43.04 -57.90 65.35
CA PRO C 260 41.83 -58.46 65.80
C PRO C 260 41.59 -59.95 65.59
N GLU C 261 41.03 -60.62 66.62
CA GLU C 261 40.87 -62.03 66.55
C GLU C 261 39.60 -62.50 65.77
N PRO C 262 39.68 -63.48 64.96
CA PRO C 262 38.57 -64.18 64.42
C PRO C 262 37.67 -64.88 65.51
N SER C 263 36.36 -64.87 65.26
CA SER C 263 35.21 -65.34 66.01
C SER C 263 34.93 -66.74 65.60
N LEU C 264 35.28 -67.74 66.33
CA LEU C 264 35.08 -69.18 66.03
C LEU C 264 33.71 -69.50 66.55
N ARG C 265 32.87 -70.18 65.69
CA ARG C 265 31.55 -70.57 66.18
C ARG C 265 30.99 -71.69 65.33
N GLU C 266 29.87 -72.24 65.77
CA GLU C 266 29.08 -73.30 65.12
C GLU C 266 29.49 -74.75 65.32
N GLY C 267 30.15 -74.98 66.46
CA GLY C 267 30.53 -76.40 66.85
C GLY C 267 31.70 -77.01 66.06
N PRO C 268 32.10 -78.32 66.20
CA PRO C 268 33.21 -78.99 65.53
C PRO C 268 32.97 -78.97 63.99
N GLY C 269 31.73 -79.11 63.48
CA GLY C 269 31.29 -79.44 62.14
C GLY C 269 30.80 -78.25 61.29
N GLY C 270 30.16 -77.28 62.00
CA GLY C 270 29.99 -75.97 61.30
C GLY C 270 31.27 -75.22 61.20
N LEU C 271 32.03 -75.18 62.35
CA LEU C 271 33.30 -74.43 62.65
C LEU C 271 33.62 -73.26 61.77
N VAL C 272 32.86 -72.19 61.98
CA VAL C 272 32.90 -71.04 61.15
C VAL C 272 33.90 -70.00 61.71
N MET C 273 34.93 -69.52 61.01
CA MET C 273 35.90 -68.49 61.46
C MET C 273 36.51 -67.79 60.27
N GLU C 274 36.45 -66.42 60.38
CA GLU C 274 37.05 -65.65 59.26
C GLU C 274 38.03 -64.51 59.69
N GLY C 275 39.08 -64.24 58.83
CA GLY C 275 40.25 -63.34 59.12
C GLY C 275 41.31 -63.50 58.07
N HIS C 276 42.17 -62.58 57.84
CA HIS C 276 43.02 -62.64 56.70
C HIS C 276 44.20 -63.44 57.18
N LEU C 277 44.96 -63.95 56.19
CA LEU C 277 46.19 -64.65 56.35
C LEU C 277 46.90 -64.21 55.07
N PHE C 278 48.22 -64.52 54.99
CA PHE C 278 49.08 -64.22 53.86
C PHE C 278 49.23 -65.66 53.28
N LYS C 279 49.07 -65.89 51.94
CA LYS C 279 49.08 -67.19 51.33
C LYS C 279 50.15 -67.43 50.33
N ARG C 280 50.66 -68.68 50.19
CA ARG C 280 51.52 -69.02 49.06
C ARG C 280 51.20 -70.44 48.53
N ALA C 281 51.01 -70.57 47.19
CA ALA C 281 50.82 -71.89 46.56
C ALA C 281 52.11 -72.09 45.73
N SER C 282 52.38 -73.39 45.52
CA SER C 282 53.52 -73.83 44.83
C SER C 282 53.57 -73.63 43.36
N ASN C 283 54.72 -73.03 42.93
CA ASN C 283 54.82 -72.79 41.50
C ASN C 283 56.33 -72.60 41.29
N ALA C 284 56.85 -72.68 40.00
CA ALA C 284 58.20 -72.47 39.59
C ALA C 284 58.81 -71.15 40.07
N PHE C 285 57.93 -70.11 40.04
CA PHE C 285 58.14 -68.71 40.56
C PHE C 285 56.84 -68.38 41.31
N LYS C 286 57.03 -67.89 42.57
CA LYS C 286 56.03 -68.16 43.61
C LYS C 286 55.87 -66.93 44.38
N THR C 287 54.61 -66.52 44.63
CA THR C 287 54.19 -65.26 45.37
C THR C 287 53.33 -65.23 46.64
N TRP C 288 53.73 -64.38 47.62
CA TRP C 288 52.84 -64.12 48.80
C TRP C 288 51.70 -63.18 48.49
N SER C 289 50.56 -63.42 49.12
CA SER C 289 49.47 -62.42 48.90
C SER C 289 48.59 -62.46 50.14
N ARG C 290 47.87 -61.43 50.45
CA ARG C 290 46.92 -61.48 51.50
C ARG C 290 45.48 -61.76 51.00
N ARG C 291 44.67 -62.51 51.67
CA ARG C 291 43.24 -62.67 51.28
C ARG C 291 42.52 -62.69 52.62
N TRP C 292 41.22 -62.39 52.49
CA TRP C 292 40.36 -62.51 53.65
C TRP C 292 39.89 -64.01 53.61
N PHE C 293 40.15 -64.80 54.72
CA PHE C 293 40.00 -66.25 54.77
C PHE C 293 38.73 -66.45 55.62
N THR C 294 38.07 -67.57 55.30
CA THR C 294 36.84 -68.06 55.94
C THR C 294 36.87 -69.54 55.92
N ILE C 295 36.73 -70.15 57.07
CA ILE C 295 36.58 -71.55 57.31
C ILE C 295 35.05 -71.72 57.48
N GLN C 296 34.34 -72.52 56.68
CA GLN C 296 32.91 -72.78 56.89
C GLN C 296 32.60 -74.25 56.56
N SER C 297 31.93 -74.97 57.44
CA SER C 297 31.52 -76.40 57.27
C SER C 297 32.64 -77.43 57.14
N ASN C 298 33.85 -76.98 57.69
CA ASN C 298 35.14 -77.61 57.64
C ASN C 298 35.68 -77.52 56.22
N GLN C 299 35.39 -76.41 55.49
CA GLN C 299 35.93 -76.10 54.10
C GLN C 299 36.73 -74.76 54.30
N LEU C 300 38.01 -74.81 53.98
CA LEU C 300 38.84 -73.61 53.96
C LEU C 300 38.82 -72.84 52.61
N VAL C 301 38.41 -71.56 52.68
CA VAL C 301 38.20 -70.82 51.46
C VAL C 301 38.64 -69.41 51.78
N TYR C 302 39.07 -68.62 50.76
CA TYR C 302 39.53 -67.30 50.91
C TYR C 302 38.97 -66.36 49.84
N GLN C 303 39.12 -65.04 50.06
CA GLN C 303 38.67 -64.05 49.09
C GLN C 303 39.52 -62.78 49.27
N LYS C 304 40.03 -62.10 48.17
CA LYS C 304 40.94 -61.03 48.47
C LYS C 304 40.52 -59.93 49.44
N LYS C 305 39.25 -59.49 49.34
CA LYS C 305 38.66 -58.46 50.21
C LYS C 305 37.39 -59.05 50.80
N TYR C 306 36.94 -58.45 51.93
CA TYR C 306 35.70 -58.76 52.61
C TYR C 306 34.48 -58.86 51.77
N LYS C 307 34.50 -58.14 50.65
CA LYS C 307 33.46 -58.09 49.65
C LYS C 307 33.68 -58.93 48.36
N ASP C 308 34.78 -59.62 48.20
CA ASP C 308 35.03 -60.50 47.05
C ASP C 308 34.31 -61.88 47.19
N PRO C 309 34.02 -62.55 46.11
CA PRO C 309 33.65 -63.95 46.07
C PRO C 309 34.64 -64.91 46.64
N VAL C 310 34.34 -66.19 46.95
CA VAL C 310 35.37 -67.03 47.65
C VAL C 310 36.05 -68.01 46.71
N THR C 311 37.27 -68.47 46.84
CA THR C 311 37.83 -69.58 46.10
C THR C 311 38.33 -70.60 47.08
N VAL C 312 38.12 -71.92 46.86
CA VAL C 312 38.65 -73.00 47.69
C VAL C 312 40.17 -73.06 47.80
N VAL C 313 40.61 -73.22 49.10
CA VAL C 313 42.03 -73.56 49.50
C VAL C 313 42.08 -74.98 49.64
N VAL C 314 41.40 -75.52 50.66
CA VAL C 314 41.24 -76.97 50.93
C VAL C 314 39.81 -77.08 51.17
N ASP C 315 39.15 -77.90 50.36
CA ASP C 315 37.70 -78.22 50.35
C ASP C 315 37.33 -79.27 51.48
N ASP C 316 38.25 -80.10 51.92
CA ASP C 316 37.98 -81.24 52.81
C ASP C 316 39.20 -81.45 53.75
N LEU C 317 39.01 -81.54 55.03
CA LEU C 317 40.05 -81.64 56.02
C LEU C 317 40.02 -82.99 56.70
N ARG C 318 39.42 -83.98 56.05
CA ARG C 318 39.34 -85.31 56.64
C ARG C 318 40.65 -86.13 56.55
N LEU C 319 41.46 -85.79 55.60
CA LEU C 319 42.69 -86.51 55.32
C LEU C 319 43.69 -85.43 55.00
N CYS C 320 43.82 -84.55 55.97
CA CYS C 320 44.59 -83.33 55.98
C CYS C 320 45.36 -83.33 57.21
N THR C 321 46.53 -82.60 57.21
CA THR C 321 47.42 -82.32 58.30
C THR C 321 48.12 -80.97 58.23
N VAL C 322 48.38 -80.40 59.38
CA VAL C 322 49.08 -79.12 59.49
C VAL C 322 50.55 -79.31 59.84
N LYS C 323 51.44 -78.52 59.23
CA LYS C 323 52.84 -78.51 59.54
C LYS C 323 53.19 -77.11 59.92
N LEU C 324 53.63 -76.89 61.16
CA LEU C 324 54.07 -75.54 61.55
C LEU C 324 55.58 -75.42 61.23
N CYS C 325 55.95 -74.69 60.18
CA CYS C 325 57.26 -74.36 59.65
C CYS C 325 58.35 -74.15 60.76
N PRO C 326 59.46 -74.99 60.87
CA PRO C 326 60.65 -74.71 61.71
C PRO C 326 61.55 -73.90 60.90
N ASP C 327 61.30 -73.89 59.54
CA ASP C 327 62.11 -73.11 58.61
C ASP C 327 61.09 -72.62 57.53
N SER C 328 61.44 -71.57 56.76
CA SER C 328 60.61 -70.88 55.75
C SER C 328 61.12 -69.48 55.64
N GLU C 329 60.91 -68.83 54.47
CA GLU C 329 61.31 -67.40 54.33
C GLU C 329 60.46 -66.36 55.07
N ARG C 330 59.42 -66.93 55.67
CA ARG C 330 58.43 -66.24 56.42
C ARG C 330 58.18 -66.83 57.83
N ARG C 331 58.32 -66.02 58.88
CA ARG C 331 57.92 -66.27 60.25
C ARG C 331 56.44 -66.41 60.41
N PHE C 332 56.02 -67.16 61.49
CA PHE C 332 54.62 -67.37 61.81
C PHE C 332 53.84 -68.00 60.74
N CYS C 333 54.41 -69.08 60.15
CA CYS C 333 54.07 -69.69 58.93
C CYS C 333 53.67 -71.09 59.15
N PHE C 334 52.66 -71.63 58.43
CA PHE C 334 52.22 -73.02 58.59
C PHE C 334 51.92 -73.48 57.16
N GLU C 335 51.82 -74.78 56.95
CA GLU C 335 51.57 -75.46 55.72
C GLU C 335 50.46 -76.37 56.02
N VAL C 336 49.57 -76.55 55.07
CA VAL C 336 48.33 -77.22 55.20
C VAL C 336 48.29 -78.13 54.01
N VAL C 337 48.43 -79.47 54.36
CA VAL C 337 48.57 -80.45 53.29
C VAL C 337 47.45 -81.42 53.27
N SER C 338 46.96 -81.71 52.04
CA SER C 338 45.87 -82.52 51.88
C SER C 338 46.10 -83.39 50.72
N THR C 339 45.26 -84.39 50.69
CA THR C 339 45.05 -85.29 49.55
C THR C 339 44.74 -84.58 48.22
N SER C 340 43.90 -83.52 48.25
CA SER C 340 43.65 -82.73 47.11
C SER C 340 43.76 -81.30 47.50
N LYS C 341 44.87 -80.62 47.00
CA LYS C 341 45.35 -79.29 47.27
C LYS C 341 46.10 -79.06 48.58
N SER C 342 47.35 -78.71 48.43
CA SER C 342 48.27 -78.50 49.48
C SER C 342 48.79 -77.10 49.25
N CYS C 343 49.05 -76.35 50.34
CA CYS C 343 49.21 -74.99 50.24
C CYS C 343 49.94 -74.42 51.55
N LEU C 344 50.46 -73.17 51.57
CA LEU C 344 51.21 -72.51 52.62
C LEU C 344 50.46 -71.28 53.15
N LEU C 345 50.51 -71.10 54.52
CA LEU C 345 49.76 -69.98 55.12
C LEU C 345 50.70 -69.20 56.00
N GLN C 346 50.52 -67.91 56.23
CA GLN C 346 51.23 -67.28 57.27
C GLN C 346 50.23 -66.35 57.95
N ALA C 347 50.40 -66.34 59.29
CA ALA C 347 49.45 -65.61 60.12
C ALA C 347 50.26 -64.52 60.77
N ASP C 348 49.59 -63.38 61.02
CA ASP C 348 50.19 -62.08 61.14
C ASP C 348 50.92 -61.89 62.53
N SER C 349 50.48 -62.68 63.56
CA SER C 349 50.90 -62.39 64.89
C SER C 349 50.78 -63.68 65.66
N GLU C 350 51.34 -63.60 66.86
CA GLU C 350 51.57 -64.71 67.67
C GLU C 350 50.30 -65.43 68.05
N ARG C 351 49.24 -64.71 68.35
CA ARG C 351 47.95 -65.25 68.72
C ARG C 351 47.09 -65.71 67.58
N LEU C 352 47.24 -65.06 66.41
CA LEU C 352 46.65 -65.61 65.24
C LEU C 352 47.17 -66.98 64.78
N LEU C 353 48.51 -67.15 64.74
CA LEU C 353 49.15 -68.37 64.50
C LEU C 353 48.66 -69.48 65.45
N GLN C 354 48.53 -69.23 66.79
CA GLN C 354 47.96 -70.27 67.68
C GLN C 354 46.50 -70.56 67.34
N LEU C 355 45.66 -69.52 67.20
CA LEU C 355 44.22 -69.67 67.00
C LEU C 355 43.89 -70.30 65.66
N TRP C 356 44.52 -69.87 64.60
CA TRP C 356 44.37 -70.39 63.25
C TRP C 356 44.78 -71.92 63.18
N VAL C 357 45.99 -72.22 63.72
CA VAL C 357 46.39 -73.57 63.79
C VAL C 357 45.49 -74.43 64.65
N SER C 358 45.00 -73.84 65.73
CA SER C 358 44.01 -74.57 66.59
C SER C 358 42.75 -74.83 65.97
N ALA C 359 42.11 -73.80 65.30
CA ALA C 359 40.86 -73.94 64.61
C ALA C 359 40.92 -74.95 63.41
N VAL C 360 42.02 -74.89 62.63
CA VAL C 360 42.20 -75.70 61.48
C VAL C 360 42.41 -77.11 61.93
N GLN C 361 43.24 -77.41 63.00
CA GLN C 361 43.44 -78.73 63.68
C GLN C 361 42.17 -79.29 64.32
N SER C 362 41.36 -78.44 64.91
CA SER C 362 40.01 -78.77 65.37
C SER C 362 39.15 -79.33 64.25
N SER C 363 39.11 -78.50 63.15
CA SER C 363 38.38 -78.89 61.95
C SER C 363 38.76 -80.25 61.32
N ILE C 364 40.06 -80.55 61.39
CA ILE C 364 40.56 -81.87 61.02
C ILE C 364 40.06 -82.97 61.91
N ALA C 365 39.99 -82.73 63.21
CA ALA C 365 39.40 -83.81 64.05
C ALA C 365 37.93 -84.12 63.74
N SER C 366 37.13 -83.08 63.55
CA SER C 366 35.76 -83.07 63.11
C SER C 366 35.56 -83.77 61.77
N ALA C 367 36.31 -83.43 60.75
CA ALA C 367 36.32 -84.01 59.42
C ALA C 367 36.63 -85.51 59.37
N PHE C 368 37.59 -85.92 60.26
CA PHE C 368 38.02 -87.27 60.47
C PHE C 368 37.02 -88.11 61.25
N SER C 369 36.16 -87.50 61.97
CA SER C 369 35.09 -88.18 62.69
C SER C 369 34.09 -88.99 61.80
N MET D 6 20.55 -42.73 54.48
CA MET D 6 21.86 -42.37 55.06
C MET D 6 22.46 -43.30 56.03
N THR D 7 23.82 -43.26 56.26
CA THR D 7 24.55 -44.17 57.20
C THR D 7 24.20 -44.02 58.69
N VAL D 8 24.14 -45.17 59.41
CA VAL D 8 23.88 -45.34 60.75
C VAL D 8 24.87 -44.71 61.77
N LYS D 9 24.54 -44.66 63.10
CA LYS D 9 25.46 -43.97 64.04
C LYS D 9 26.65 -44.81 64.45
N LEU D 10 27.80 -44.56 63.86
CA LEU D 10 29.13 -45.27 63.99
C LEU D 10 29.85 -44.92 65.29
N ASP D 11 30.30 -45.92 66.10
CA ASP D 11 31.03 -45.68 67.35
C ASP D 11 32.10 -46.70 67.52
N PHE D 12 32.83 -46.62 68.66
CA PHE D 12 34.26 -47.03 68.63
C PHE D 12 34.46 -48.57 68.61
N GLU D 13 33.44 -49.35 69.04
CA GLU D 13 33.49 -50.87 69.02
C GLU D 13 33.84 -51.49 67.56
N GLU D 14 33.20 -50.95 66.57
CA GLU D 14 33.34 -51.37 65.25
C GLU D 14 34.80 -51.02 64.66
N CYS D 15 35.46 -49.91 65.11
CA CYS D 15 36.83 -49.43 64.82
C CYS D 15 37.87 -50.36 65.38
N LEU D 16 37.64 -50.77 66.71
CA LEU D 16 38.70 -51.57 67.27
C LEU D 16 38.70 -52.98 66.93
N LYS D 17 37.57 -53.43 66.33
CA LYS D 17 37.61 -54.78 65.77
C LYS D 17 37.74 -54.76 64.33
N ASP D 18 37.88 -53.63 63.61
CA ASP D 18 38.10 -53.55 62.14
C ASP D 18 36.92 -54.20 61.40
N SER D 19 35.68 -53.71 61.68
CA SER D 19 34.45 -54.30 61.16
C SER D 19 34.31 -54.35 59.68
N PRO D 20 33.82 -55.45 59.06
CA PRO D 20 33.63 -55.46 57.63
C PRO D 20 32.42 -54.58 57.25
N ARG D 21 31.40 -54.50 58.21
CA ARG D 21 30.27 -53.56 58.19
C ARG D 21 30.80 -52.14 58.25
N PHE D 22 31.71 -51.70 59.17
CA PHE D 22 32.37 -50.44 59.17
C PHE D 22 32.91 -50.08 57.79
N ARG D 23 33.75 -51.05 57.28
CA ARG D 23 34.30 -50.94 55.92
C ARG D 23 33.28 -50.68 54.79
N ALA D 24 32.13 -51.32 54.85
CA ALA D 24 30.96 -51.08 53.92
C ALA D 24 30.17 -49.80 54.18
N SER D 25 30.05 -49.38 55.46
CA SER D 25 29.45 -48.07 55.84
C SER D 25 30.20 -46.81 55.50
N ILE D 26 31.51 -46.93 55.45
CA ILE D 26 32.39 -45.91 54.94
C ILE D 26 32.30 -45.83 53.41
N GLU D 27 32.09 -46.95 52.71
CA GLU D 27 31.71 -47.01 51.34
C GLU D 27 30.38 -46.30 51.12
N LEU D 28 29.40 -46.47 51.97
CA LEU D 28 28.02 -46.03 51.88
C LEU D 28 27.82 -44.66 52.37
N VAL D 29 28.67 -44.03 53.28
CA VAL D 29 28.65 -42.61 53.62
C VAL D 29 29.27 -41.81 52.46
N GLU D 30 30.28 -42.40 51.72
CA GLU D 30 30.77 -41.70 50.55
C GLU D 30 29.87 -41.63 49.33
N ALA D 31 29.08 -42.74 49.10
CA ALA D 31 28.09 -42.85 48.08
C ALA D 31 26.87 -41.97 48.37
N GLU D 32 26.51 -41.86 49.71
CA GLU D 32 25.51 -40.87 50.11
C GLU D 32 25.91 -39.40 49.98
N VAL D 33 27.14 -39.09 50.37
CA VAL D 33 27.73 -37.72 50.25
C VAL D 33 27.78 -37.34 48.79
N SER D 34 28.14 -38.23 47.90
CA SER D 34 28.09 -37.96 46.46
C SER D 34 26.72 -37.67 45.94
N GLU D 35 25.70 -38.32 46.38
CA GLU D 35 24.35 -37.96 46.03
C GLU D 35 24.00 -36.55 46.50
N LEU D 36 24.38 -36.22 47.76
CA LEU D 36 24.12 -34.97 48.40
C LEU D 36 24.80 -33.77 47.71
N GLU D 37 26.14 -33.90 47.25
CA GLU D 37 26.83 -32.80 46.57
C GLU D 37 26.17 -32.58 45.17
N THR D 38 25.73 -33.71 44.46
CA THR D 38 24.98 -33.46 43.25
C THR D 38 23.68 -32.66 43.46
N ARG D 39 22.87 -32.99 44.48
CA ARG D 39 21.68 -32.25 44.73
C ARG D 39 21.87 -30.80 45.19
N LEU D 40 22.81 -30.51 46.06
CA LEU D 40 23.27 -29.14 46.34
C LEU D 40 23.72 -28.32 45.13
N GLU D 41 24.57 -28.89 44.29
CA GLU D 41 25.16 -28.18 43.15
C GLU D 41 24.04 -27.93 42.05
N LYS D 42 23.09 -28.87 41.96
CA LYS D 42 21.86 -28.57 41.24
C LYS D 42 20.95 -27.46 41.81
N LEU D 43 20.72 -27.52 43.16
CA LEU D 43 20.02 -26.49 43.83
C LEU D 43 20.60 -25.03 43.73
N LEU D 44 21.92 -24.92 43.72
CA LEU D 44 22.74 -23.77 43.32
C LEU D 44 22.38 -23.30 41.91
N LYS D 45 22.52 -24.23 40.91
CA LYS D 45 22.18 -23.93 39.48
C LYS D 45 20.73 -23.57 39.27
N LEU D 46 19.79 -24.29 39.89
CA LEU D 46 18.34 -24.02 39.84
C LEU D 46 17.91 -22.75 40.47
N GLY D 47 18.45 -22.52 41.73
CA GLY D 47 18.28 -21.28 42.41
C GLY D 47 18.86 -20.07 41.87
N THR D 48 20.00 -20.24 41.13
CA THR D 48 20.63 -19.27 40.32
C THR D 48 19.68 -18.88 39.24
N GLY D 49 19.07 -19.86 38.53
CA GLY D 49 18.14 -19.54 37.46
C GLY D 49 16.87 -18.90 37.89
N LEU D 50 16.33 -19.28 39.08
CA LEU D 50 15.20 -18.64 39.66
C LEU D 50 15.33 -17.16 40.00
N LEU D 51 16.47 -16.82 40.62
CA LEU D 51 16.86 -15.49 40.85
C LEU D 51 16.99 -14.64 39.60
N GLU D 52 17.60 -15.15 38.50
CA GLU D 52 17.65 -14.42 37.24
C GLU D 52 16.28 -14.26 36.65
N SER D 53 15.43 -15.34 36.58
CA SER D 53 14.06 -15.19 36.12
C SER D 53 13.18 -14.27 36.97
N GLY D 54 13.22 -14.25 38.29
CA GLY D 54 12.60 -13.12 39.06
C GLY D 54 13.23 -11.77 38.67
N ARG D 55 14.57 -11.58 38.48
CA ARG D 55 15.06 -10.20 38.33
C ARG D 55 14.70 -9.64 36.94
N HIS D 56 14.59 -10.51 35.90
CA HIS D 56 13.85 -10.22 34.64
C HIS D 56 12.32 -9.90 34.84
N TYR D 57 11.59 -10.61 35.67
CA TYR D 57 10.21 -10.38 36.00
C TYR D 57 10.02 -9.08 36.79
N LEU D 58 10.72 -8.82 37.84
CA LEU D 58 10.69 -7.57 38.44
C LEU D 58 11.01 -6.43 37.55
N ALA D 59 12.05 -6.54 36.76
CA ALA D 59 12.41 -5.44 35.79
C ALA D 59 11.38 -5.23 34.72
N ALA D 60 10.74 -6.29 34.13
CA ALA D 60 9.57 -6.28 33.27
C ALA D 60 8.35 -5.59 33.89
N SER D 61 8.05 -5.97 35.15
CA SER D 61 7.06 -5.20 35.87
C SER D 61 7.36 -3.72 36.11
N ARG D 62 8.60 -3.33 36.45
CA ARG D 62 9.06 -2.05 36.75
C ARG D 62 8.87 -1.09 35.59
N ALA D 63 9.27 -1.57 34.39
CA ALA D 63 9.08 -1.01 33.00
C ALA D 63 7.54 -0.92 32.61
N PHE D 64 6.69 -1.92 32.95
CA PHE D 64 5.24 -1.94 32.88
C PHE D 64 4.59 -0.87 33.70
N VAL D 65 5.08 -0.63 34.95
CA VAL D 65 4.59 0.49 35.74
C VAL D 65 4.98 1.80 35.13
N VAL D 66 6.19 1.93 34.46
CA VAL D 66 6.43 3.25 33.72
C VAL D 66 5.50 3.59 32.57
N GLY D 67 5.13 2.50 31.76
CA GLY D 67 4.09 2.58 30.75
C GLY D 67 2.76 3.01 31.21
N ILE D 68 2.35 2.71 32.41
CA ILE D 68 1.11 3.10 33.02
C ILE D 68 1.16 4.56 33.50
N CYS D 69 2.28 5.00 34.08
CA CYS D 69 2.43 6.38 34.33
C CYS D 69 2.24 7.25 33.12
N ASP D 70 2.54 6.75 31.90
CA ASP D 70 2.63 7.64 30.77
C ASP D 70 1.17 7.93 30.29
N LEU D 71 0.28 6.99 30.59
CA LEU D 71 -1.18 7.05 30.41
C LEU D 71 -1.70 8.16 31.29
N ALA D 72 -1.25 8.34 32.56
CA ALA D 72 -1.83 9.29 33.53
C ALA D 72 -1.66 10.77 33.19
N ARG D 73 -0.43 11.10 32.81
CA ARG D 73 0.01 12.42 32.39
C ARG D 73 -0.48 12.89 31.09
N LEU D 74 -0.89 11.94 30.25
CA LEU D 74 -1.58 12.28 29.00
C LEU D 74 -3.08 12.52 29.26
N GLY D 75 -3.62 11.64 30.14
CA GLY D 75 -5.01 11.65 30.63
C GLY D 75 -5.43 12.94 31.31
N PRO D 76 -6.75 13.16 31.54
CA PRO D 76 -7.26 14.32 32.31
C PRO D 76 -6.56 14.59 33.66
N PRO D 77 -6.72 15.77 34.32
CA PRO D 77 -6.30 16.02 35.72
C PRO D 77 -7.37 15.72 36.76
N GLU D 78 -8.46 15.00 36.38
CA GLU D 78 -9.51 14.56 37.25
C GLU D 78 -9.01 13.67 38.48
N PRO D 79 -9.65 13.73 39.66
CA PRO D 79 -9.42 12.98 40.93
C PRO D 79 -8.93 11.60 40.87
N MET D 80 -9.57 10.74 40.08
CA MET D 80 -9.16 9.40 39.90
C MET D 80 -7.80 9.22 39.19
N MET D 81 -7.44 10.00 38.15
CA MET D 81 -6.13 9.83 37.47
C MET D 81 -4.92 10.36 38.30
N ALA D 82 -5.18 11.61 38.80
CA ALA D 82 -4.24 12.35 39.63
C ALA D 82 -3.85 11.77 40.99
N GLU D 83 -4.80 11.23 41.79
CA GLU D 83 -4.53 10.76 43.12
C GLU D 83 -4.62 9.22 43.11
N CYS D 84 -5.83 8.75 42.73
CA CYS D 84 -6.16 7.30 42.88
C CYS D 84 -5.26 6.39 42.00
N LEU D 85 -5.10 6.68 40.74
CA LEU D 85 -4.31 5.87 39.86
C LEU D 85 -2.86 5.82 40.19
N GLU D 86 -2.24 6.95 40.60
CA GLU D 86 -0.83 6.95 41.05
C GLU D 86 -0.68 6.24 42.40
N LYS D 87 -1.68 6.34 43.32
CA LYS D 87 -1.44 5.61 44.58
C LYS D 87 -1.65 4.11 44.38
N PHE D 88 -2.50 3.63 43.45
CA PHE D 88 -2.68 2.19 43.24
C PHE D 88 -1.45 1.59 42.62
N THR D 89 -0.71 2.30 41.67
CA THR D 89 0.42 1.75 40.89
C THR D 89 1.67 1.83 41.74
N VAL D 90 1.77 2.84 42.59
CA VAL D 90 2.89 2.97 43.53
C VAL D 90 2.84 1.93 44.57
N SER D 91 1.68 1.53 45.12
CA SER D 91 1.54 0.30 45.89
C SER D 91 1.92 -1.00 45.30
N LEU D 92 1.58 -1.19 44.01
CA LEU D 92 2.05 -2.29 43.20
C LEU D 92 3.58 -2.30 43.13
N ASN D 93 4.20 -1.13 43.06
CA ASN D 93 5.60 -0.91 42.92
C ASN D 93 6.37 -1.18 44.22
N HIS D 94 5.71 -0.86 45.36
CA HIS D 94 6.07 -1.29 46.65
C HIS D 94 6.06 -2.78 46.81
N LYS D 95 5.02 -3.46 46.38
CA LYS D 95 4.89 -4.90 46.29
C LYS D 95 6.03 -5.47 45.44
N LEU D 96 6.45 -4.80 44.38
CA LEU D 96 7.58 -5.22 43.53
C LEU D 96 8.87 -5.32 44.21
N ASP D 97 9.24 -4.25 44.89
CA ASP D 97 10.28 -3.97 45.85
C ASP D 97 10.24 -4.95 47.04
N SER D 98 9.04 -5.28 47.54
CA SER D 98 8.88 -6.34 48.56
C SER D 98 9.19 -7.66 47.85
N HIS D 99 8.80 -7.89 46.62
CA HIS D 99 9.21 -9.06 45.83
C HIS D 99 10.70 -9.12 45.54
N ALA D 100 11.35 -7.92 45.29
CA ALA D 100 12.81 -7.74 45.25
C ALA D 100 13.43 -8.19 46.60
N GLU D 101 12.83 -7.81 47.73
CA GLU D 101 13.24 -8.33 49.01
C GLU D 101 13.06 -9.81 49.22
N LEU D 102 12.02 -10.40 48.59
CA LEU D 102 11.81 -11.82 48.53
C LEU D 102 12.88 -12.61 47.72
N LEU D 103 13.37 -12.09 46.62
CA LEU D 103 14.58 -12.64 45.96
C LEU D 103 15.89 -12.42 46.72
N ASP D 104 16.03 -11.31 47.41
CA ASP D 104 17.09 -11.17 48.42
C ASP D 104 17.05 -12.14 49.55
N ALA D 105 15.87 -12.41 50.06
CA ALA D 105 15.78 -13.42 51.06
C ALA D 105 16.00 -14.90 50.51
N THR D 106 15.45 -15.19 49.30
CA THR D 106 15.71 -16.54 48.60
C THR D 106 17.15 -16.94 48.43
N GLN D 107 17.82 -15.93 47.97
CA GLN D 107 19.25 -15.92 47.82
C GLN D 107 20.02 -16.14 49.16
N HIS D 108 19.64 -15.42 50.20
CA HIS D 108 20.22 -15.54 51.52
C HIS D 108 20.07 -16.93 52.02
N THR D 109 18.86 -17.48 51.95
CA THR D 109 18.53 -18.89 52.20
C THR D 109 19.44 -19.89 51.43
N LEU D 110 19.60 -19.73 50.11
CA LEU D 110 20.49 -20.64 49.37
C LEU D 110 22.00 -20.49 49.76
N GLN D 111 22.59 -19.26 49.85
CA GLN D 111 23.96 -19.02 50.31
C GLN D 111 24.27 -19.43 51.72
N GLN D 112 23.36 -19.27 52.67
CA GLN D 112 23.48 -19.88 54.02
C GLN D 112 23.68 -21.36 54.12
N GLN D 113 22.75 -22.12 53.52
CA GLN D 113 22.59 -23.51 53.80
C GLN D 113 23.31 -24.31 52.69
N ILE D 114 22.93 -24.14 51.40
CA ILE D 114 23.40 -25.05 50.40
C ILE D 114 24.82 -24.76 49.89
N GLN D 115 25.13 -23.50 49.74
CA GLN D 115 26.42 -23.07 49.43
C GLN D 115 27.41 -23.36 50.56
N THR D 116 26.98 -23.04 51.80
CA THR D 116 27.80 -23.42 52.93
C THR D 116 28.08 -24.96 53.11
N LEU D 117 27.01 -25.81 52.96
CA LEU D 117 27.07 -27.21 53.17
C LEU D 117 28.03 -27.78 52.08
N VAL D 118 27.85 -27.47 50.80
CA VAL D 118 28.67 -27.92 49.69
C VAL D 118 30.16 -27.51 49.89
N LYS D 119 30.40 -26.23 50.20
CA LYS D 119 31.69 -25.62 50.35
C LYS D 119 32.49 -26.14 51.59
N GLU D 120 31.83 -26.37 52.71
CA GLU D 120 32.57 -26.71 53.91
C GLU D 120 31.77 -27.53 55.01
N GLY D 121 30.69 -28.21 54.60
CA GLY D 121 29.81 -29.00 55.46
C GLY D 121 30.08 -30.50 55.36
N LEU D 122 30.91 -30.90 54.32
CA LEU D 122 31.34 -32.28 54.02
C LEU D 122 32.79 -32.43 54.29
N ARG D 123 33.51 -31.30 54.67
CA ARG D 123 34.97 -31.01 54.69
C ARG D 123 35.82 -31.76 55.73
N GLY D 124 35.32 -31.93 56.98
CA GLY D 124 35.90 -32.65 58.11
C GLY D 124 35.64 -34.15 58.01
N PHE D 125 34.54 -34.56 57.37
CA PHE D 125 34.35 -35.94 56.97
C PHE D 125 35.41 -36.42 55.97
N ARG D 126 35.81 -35.62 54.99
CA ARG D 126 36.76 -36.04 54.00
C ARG D 126 38.22 -35.96 54.45
N GLU D 127 38.59 -34.92 55.28
CA GLU D 127 39.77 -34.95 56.03
C GLU D 127 39.95 -36.28 56.77
N ALA D 128 38.90 -36.67 57.52
CA ALA D 128 38.93 -37.82 58.35
C ALA D 128 39.11 -39.11 57.46
N ARG D 129 38.31 -39.14 56.34
CA ARG D 129 38.37 -40.24 55.37
C ARG D 129 39.66 -40.55 54.76
N ARG D 130 40.34 -39.53 54.24
CA ARG D 130 41.60 -39.58 53.52
C ARG D 130 42.72 -40.03 54.51
N ASP D 131 42.64 -39.59 55.81
CA ASP D 131 43.50 -40.01 56.86
C ASP D 131 43.33 -41.43 57.20
N PHE D 132 42.04 -41.91 57.35
CA PHE D 132 41.79 -43.29 57.58
C PHE D 132 42.32 -44.24 56.48
N TRP D 133 42.00 -43.83 55.23
CA TRP D 133 42.46 -44.61 54.10
C TRP D 133 44.00 -44.65 53.96
N ARG D 134 44.69 -43.53 54.24
CA ARG D 134 46.15 -43.63 54.48
C ARG D 134 46.59 -44.55 55.54
N GLY D 135 45.99 -44.48 56.69
CA GLY D 135 46.30 -45.42 57.75
C GLY D 135 46.17 -46.90 57.48
N ALA D 136 45.17 -47.33 56.63
CA ALA D 136 44.95 -48.68 56.21
C ALA D 136 45.77 -49.15 55.02
N GLU D 137 46.27 -48.16 54.26
CA GLU D 137 47.37 -48.43 53.34
C GLU D 137 48.63 -48.76 53.95
N SER D 138 49.06 -47.94 54.96
CA SER D 138 50.21 -48.12 55.73
C SER D 138 50.23 -49.41 56.58
N LEU D 139 49.00 -49.79 57.12
CA LEU D 139 48.80 -51.06 57.72
C LEU D 139 48.82 -52.21 56.78
N GLU D 140 48.28 -52.07 55.60
CA GLU D 140 48.39 -53.15 54.59
C GLU D 140 49.84 -53.48 54.19
N ALA D 141 50.72 -52.53 53.94
CA ALA D 141 52.16 -52.70 53.71
C ALA D 141 52.93 -53.21 54.98
N ALA D 142 52.53 -52.63 56.14
CA ALA D 142 53.20 -53.06 57.33
C ALA D 142 52.85 -54.51 57.81
N LEU D 143 51.67 -55.07 57.54
CA LEU D 143 51.37 -56.53 57.74
C LEU D 143 52.35 -57.31 56.84
N THR D 144 52.59 -56.82 55.58
CA THR D 144 53.66 -57.39 54.73
C THR D 144 55.14 -57.28 55.26
N HIS D 145 55.51 -56.08 55.83
CA HIS D 145 56.82 -55.80 56.49
C HIS D 145 57.05 -56.65 57.69
N ASN D 146 55.99 -56.96 58.51
CA ASN D 146 55.96 -57.84 59.61
C ASN D 146 56.22 -59.34 59.23
N ALA D 147 56.03 -59.67 58.01
CA ALA D 147 55.84 -61.02 57.54
C ALA D 147 56.97 -61.47 56.64
N GLU D 148 57.74 -60.55 56.06
CA GLU D 148 58.96 -60.81 55.30
C GLU D 148 60.12 -60.87 56.23
N VAL D 149 60.03 -61.88 57.17
CA VAL D 149 61.06 -62.19 58.04
C VAL D 149 61.35 -63.69 57.96
N PRO D 150 62.50 -64.18 57.54
CA PRO D 150 62.89 -65.62 57.69
C PRO D 150 62.61 -66.29 59.02
N ARG D 151 61.98 -67.48 58.97
CA ARG D 151 61.45 -68.27 60.01
C ARG D 151 62.37 -68.47 61.26
N ARG D 152 63.69 -68.88 61.02
CA ARG D 152 64.69 -69.02 62.11
C ARG D 152 64.92 -67.69 62.95
N ARG D 153 65.03 -66.50 62.25
CA ARG D 153 65.43 -65.26 62.86
C ARG D 153 64.59 -64.76 64.09
N ALA D 154 65.17 -63.94 65.04
CA ALA D 154 64.44 -63.60 66.23
C ALA D 154 64.59 -62.09 66.43
N GLN D 155 65.74 -61.47 66.06
CA GLN D 155 65.87 -60.07 66.28
C GLN D 155 65.18 -59.29 65.23
N GLU D 156 65.15 -59.70 63.91
CA GLU D 156 64.39 -59.11 62.85
C GLU D 156 62.90 -59.25 63.11
N ALA D 157 62.42 -60.41 63.60
CA ALA D 157 61.05 -60.82 63.97
C ALA D 157 60.36 -60.01 65.10
N GLU D 158 61.20 -59.66 66.06
CA GLU D 158 60.72 -58.76 67.18
C GLU D 158 60.71 -57.32 66.73
N GLU D 159 61.62 -56.86 65.87
CA GLU D 159 61.65 -55.55 65.30
C GLU D 159 60.44 -55.34 64.33
N ALA D 160 60.22 -56.40 63.52
CA ALA D 160 59.14 -56.47 62.57
C ALA D 160 57.77 -56.43 63.31
N GLY D 161 57.55 -57.17 64.39
CA GLY D 161 56.31 -57.25 65.14
C GLY D 161 55.90 -55.88 65.82
N ALA D 162 56.84 -55.02 66.19
CA ALA D 162 56.63 -53.65 66.67
C ALA D 162 56.00 -52.73 65.53
N ALA D 163 56.45 -52.88 64.33
CA ALA D 163 55.97 -52.26 63.08
C ALA D 163 54.54 -52.54 62.68
N LEU D 164 54.09 -53.83 62.87
CA LEU D 164 52.70 -54.12 62.90
C LEU D 164 51.82 -53.56 63.96
N ARG D 165 52.25 -53.59 65.20
CA ARG D 165 51.47 -53.20 66.40
C ARG D 165 50.93 -51.77 66.27
N THR D 166 51.85 -50.86 65.87
CA THR D 166 51.72 -49.42 65.68
C THR D 166 51.05 -49.06 64.43
N ALA D 167 51.24 -49.73 63.33
CA ALA D 167 50.41 -49.63 62.07
C ALA D 167 48.93 -49.95 62.34
N ARG D 168 48.72 -51.01 63.18
CA ARG D 168 47.39 -51.35 63.64
C ARG D 168 46.78 -50.42 64.64
N ALA D 169 47.55 -49.91 65.59
CA ALA D 169 47.14 -48.89 66.62
C ALA D 169 46.80 -47.55 66.10
N GLY D 170 47.56 -47.07 65.07
CA GLY D 170 47.34 -45.78 64.36
C GLY D 170 46.19 -45.91 63.47
N TYR D 171 45.96 -47.08 62.77
CA TYR D 171 44.74 -47.34 62.07
C TYR D 171 43.49 -47.19 62.92
N ARG D 172 43.57 -47.70 64.19
CA ARG D 172 42.44 -47.72 65.10
C ARG D 172 42.13 -46.28 65.56
N GLY D 173 43.32 -45.57 65.75
CA GLY D 173 43.16 -44.15 66.11
C GLY D 173 42.60 -43.24 65.01
N ARG D 174 42.96 -43.46 63.74
CA ARG D 174 42.42 -42.74 62.59
C ARG D 174 40.93 -43.16 62.40
N ALA D 175 40.60 -44.45 62.65
CA ALA D 175 39.25 -44.94 62.60
C ALA D 175 38.24 -44.32 63.50
N LEU D 176 38.62 -44.17 64.82
CA LEU D 176 37.80 -43.48 65.84
C LEU D 176 37.43 -42.05 65.34
N ASP D 177 38.44 -41.36 64.76
CA ASP D 177 38.24 -40.11 64.11
C ASP D 177 37.43 -40.17 62.94
N TYR D 178 37.47 -41.23 62.11
CA TYR D 178 36.59 -41.32 60.94
C TYR D 178 35.12 -41.51 61.36
N ALA D 179 34.88 -42.45 62.29
CA ALA D 179 33.53 -42.80 62.80
C ALA D 179 32.76 -41.61 63.38
N LEU D 180 33.45 -40.84 64.21
CA LEU D 180 32.86 -39.63 64.70
C LEU D 180 32.50 -38.48 63.73
N GLN D 181 33.29 -38.27 62.71
CA GLN D 181 33.05 -37.33 61.62
C GLN D 181 31.93 -37.85 60.60
N ILE D 182 31.63 -39.13 60.55
CA ILE D 182 30.51 -39.57 59.83
C ILE D 182 29.24 -39.26 60.64
N ASN D 183 29.21 -39.34 61.98
CA ASN D 183 28.04 -38.89 62.80
C ASN D 183 27.86 -37.36 62.74
N VAL D 184 28.98 -36.60 62.77
CA VAL D 184 28.91 -35.19 62.55
C VAL D 184 28.34 -34.78 61.25
N ILE D 185 28.73 -35.42 60.08
CA ILE D 185 28.14 -35.15 58.77
C ILE D 185 26.67 -35.50 58.60
N GLU D 186 26.21 -36.51 59.32
CA GLU D 186 24.88 -36.95 59.25
C GLU D 186 23.87 -35.99 59.94
N ASP D 187 24.28 -35.44 61.10
CA ASP D 187 23.58 -34.33 61.73
C ASP D 187 23.76 -33.02 61.03
N LYS D 188 24.93 -32.66 60.47
CA LYS D 188 25.02 -31.51 59.56
C LYS D 188 24.17 -31.53 58.28
N ARG D 189 24.16 -32.74 57.59
CA ARG D 189 23.20 -32.95 56.46
C ARG D 189 21.77 -32.83 56.88
N LYS D 190 21.42 -33.39 58.08
CA LYS D 190 20.02 -33.04 58.49
C LYS D 190 19.77 -31.54 58.69
N PHE D 191 20.59 -30.89 59.51
CA PHE D 191 20.06 -29.66 60.11
C PHE D 191 20.06 -28.49 59.23
N ASP D 192 21.10 -28.48 58.31
CA ASP D 192 21.15 -27.42 57.30
C ASP D 192 19.96 -27.54 56.35
N ILE D 193 19.61 -28.79 56.01
CA ILE D 193 18.48 -28.94 55.06
C ILE D 193 17.04 -28.69 55.73
N MET D 194 16.83 -29.14 57.01
CA MET D 194 15.57 -28.90 57.75
C MET D 194 15.38 -27.36 57.89
N GLU D 195 16.41 -26.62 58.23
CA GLU D 195 16.38 -25.18 58.28
C GLU D 195 16.15 -24.41 57.00
N PHE D 196 16.83 -24.84 55.90
CA PHE D 196 16.59 -24.36 54.53
C PHE D 196 15.20 -24.32 54.06
N VAL D 197 14.45 -25.43 54.09
CA VAL D 197 13.03 -25.43 53.74
C VAL D 197 12.20 -24.57 54.69
N LEU D 198 12.45 -24.73 56.02
CA LEU D 198 11.73 -23.96 57.05
C LEU D 198 11.91 -22.45 56.98
N ARG D 199 13.10 -21.91 56.69
CA ARG D 199 13.25 -20.51 56.34
C ARG D 199 12.66 -20.08 55.05
N LEU D 200 12.81 -20.80 53.91
CA LEU D 200 12.30 -20.39 52.63
C LEU D 200 10.81 -20.33 52.66
N VAL D 201 10.12 -21.33 53.25
CA VAL D 201 8.63 -21.27 53.44
C VAL D 201 8.10 -20.17 54.27
N GLU D 202 8.83 -19.82 55.34
CA GLU D 202 8.59 -18.69 56.16
C GLU D 202 8.76 -17.31 55.41
N ALA D 203 9.89 -17.14 54.70
CA ALA D 203 10.22 -15.91 54.06
C ALA D 203 9.24 -15.68 52.91
N GLN D 204 8.85 -16.77 52.23
CA GLN D 204 7.78 -16.75 51.29
C GLN D 204 6.40 -16.28 51.91
N ALA D 205 5.96 -16.75 53.06
CA ALA D 205 4.71 -16.34 53.69
C ALA D 205 4.70 -14.85 53.98
N THR D 206 5.87 -14.31 54.39
CA THR D 206 6.23 -12.94 54.74
C THR D 206 5.98 -11.95 53.59
N HIS D 207 6.33 -12.33 52.33
CA HIS D 207 6.12 -11.51 51.15
C HIS D 207 4.70 -11.31 50.91
N PHE D 208 3.89 -12.33 51.05
CA PHE D 208 2.45 -12.27 51.12
C PHE D 208 1.88 -11.46 52.29
N GLN D 209 2.42 -11.53 53.55
CA GLN D 209 2.05 -10.65 54.72
C GLN D 209 2.18 -9.15 54.33
N GLN D 210 3.40 -8.72 53.77
CA GLN D 210 3.75 -7.37 53.43
C GLN D 210 2.78 -6.87 52.30
N GLY D 211 2.30 -7.83 51.44
CA GLY D 211 1.41 -7.58 50.34
C GLY D 211 0.01 -7.26 50.96
N HIS D 212 -0.53 -8.21 51.76
CA HIS D 212 -1.90 -8.04 52.30
C HIS D 212 -2.18 -6.82 53.19
N GLU D 213 -1.24 -6.40 54.09
CA GLU D 213 -1.28 -5.16 54.92
C GLU D 213 -1.70 -3.94 54.09
N GLU D 214 -0.83 -3.74 53.03
CA GLU D 214 -1.00 -2.69 52.00
C GLU D 214 -2.28 -2.92 51.12
N LEU D 215 -2.40 -4.19 50.56
CA LEU D 215 -3.45 -4.36 49.53
C LEU D 215 -4.84 -4.38 50.15
N SER D 216 -4.98 -4.70 51.44
CA SER D 216 -6.30 -4.64 52.11
C SER D 216 -6.80 -3.24 52.31
N ARG D 217 -5.96 -2.31 52.67
CA ARG D 217 -6.26 -0.84 52.65
C ARG D 217 -6.55 -0.36 51.31
N LEU D 218 -5.68 -0.75 50.32
CA LEU D 218 -5.96 -0.55 48.89
C LEU D 218 -7.24 -1.14 48.33
N SER D 219 -7.62 -2.36 48.80
CA SER D 219 -8.87 -3.01 48.40
C SER D 219 -10.16 -2.16 48.75
N GLN D 220 -10.19 -1.52 49.95
CA GLN D 220 -11.23 -0.61 50.27
C GLN D 220 -11.30 0.56 49.37
N TYR D 221 -10.15 1.13 48.97
CA TYR D 221 -10.15 2.23 48.00
C TYR D 221 -10.67 1.69 46.66
N ARG D 222 -10.22 0.51 46.26
CA ARG D 222 -10.49 -0.18 45.00
C ARG D 222 -12.01 -0.34 44.71
N LYS D 223 -12.83 -0.96 45.63
CA LYS D 223 -14.28 -1.01 45.61
C LYS D 223 -15.00 0.26 45.73
N GLU D 224 -14.50 1.22 46.54
CA GLU D 224 -15.07 2.54 46.59
C GLU D 224 -14.94 3.28 45.28
N LEU D 225 -13.72 3.34 44.70
CA LEU D 225 -13.53 3.85 43.37
C LEU D 225 -14.25 3.19 42.23
N GLY D 226 -14.30 1.91 42.24
CA GLY D 226 -14.90 1.10 41.19
C GLY D 226 -16.39 1.22 40.95
N ALA D 227 -17.03 1.45 42.08
CA ALA D 227 -18.41 1.59 42.25
C ALA D 227 -18.77 2.97 41.78
N GLN D 228 -17.96 4.05 42.08
CA GLN D 228 -18.11 5.34 41.36
C GLN D 228 -17.88 5.30 39.84
N LEU D 229 -16.85 4.53 39.44
CA LEU D 229 -16.44 4.27 38.08
C LEU D 229 -17.53 3.64 37.29
N HIS D 230 -18.30 2.68 37.83
CA HIS D 230 -19.37 2.04 37.05
C HIS D 230 -20.45 3.03 36.68
N GLN D 231 -20.84 3.92 37.65
CA GLN D 231 -21.82 4.94 37.38
C GLN D 231 -21.31 5.94 36.39
N LEU D 232 -20.04 6.43 36.43
CA LEU D 232 -19.55 7.33 35.45
C LEU D 232 -19.59 6.84 33.97
N VAL D 233 -19.20 5.57 33.67
CA VAL D 233 -19.23 4.99 32.33
C VAL D 233 -20.66 4.59 31.94
N LEU D 234 -21.59 4.24 32.87
CA LEU D 234 -23.04 4.15 32.55
C LEU D 234 -23.71 5.49 32.17
N ASN D 235 -23.50 6.54 33.02
CA ASN D 235 -23.78 7.88 32.67
C ASN D 235 -23.29 8.34 31.29
N SER D 236 -21.95 8.10 31.00
CA SER D 236 -21.39 8.24 29.68
C SER D 236 -22.04 7.42 28.54
N ALA D 237 -22.40 6.17 28.66
CA ALA D 237 -23.13 5.34 27.69
C ALA D 237 -24.54 5.89 27.28
N ARG D 238 -25.30 6.31 28.31
CA ARG D 238 -26.53 7.11 28.08
C ARG D 238 -26.36 8.43 27.41
N GLU D 239 -25.48 9.26 27.94
CA GLU D 239 -25.02 10.49 27.32
C GLU D 239 -24.60 10.39 25.89
N LYS D 240 -23.69 9.48 25.56
CA LYS D 240 -23.25 9.49 24.22
C LYS D 240 -24.22 8.80 23.26
N ARG D 241 -25.10 7.94 23.73
CA ARG D 241 -26.10 7.30 22.85
C ARG D 241 -27.20 8.30 22.42
N ASP D 242 -27.67 9.24 23.41
CA ASP D 242 -28.44 10.42 23.08
C ASP D 242 -27.81 11.33 22.11
N MET D 243 -26.48 11.58 22.22
CA MET D 243 -25.75 12.37 21.17
C MET D 243 -25.84 11.72 19.76
N GLU D 244 -25.72 10.39 19.73
CA GLU D 244 -25.85 9.60 18.58
C GLU D 244 -27.28 9.71 18.05
N GLN D 245 -28.28 9.75 18.89
CA GLN D 245 -29.75 9.87 18.44
C GLN D 245 -29.99 11.23 17.84
N ARG D 246 -29.49 12.32 18.46
CA ARG D 246 -29.46 13.61 17.80
C ARG D 246 -28.64 13.76 16.59
N HIS D 247 -27.39 13.15 16.47
CA HIS D 247 -26.61 13.26 15.24
C HIS D 247 -27.27 12.54 14.08
N VAL D 248 -27.85 11.34 14.24
CA VAL D 248 -28.40 10.57 13.07
C VAL D 248 -29.57 11.35 12.61
N LEU D 249 -30.31 12.05 13.52
CA LEU D 249 -31.43 12.97 13.35
C LEU D 249 -31.03 14.28 12.68
N LEU D 250 -29.87 14.89 13.02
CA LEU D 250 -29.29 16.03 12.31
C LEU D 250 -28.95 15.83 10.92
N LYS D 251 -28.21 14.68 10.67
CA LYS D 251 -27.77 14.20 9.37
C LYS D 251 -28.95 13.99 8.45
N GLN D 252 -30.06 13.37 8.96
CA GLN D 252 -31.18 13.07 8.11
C GLN D 252 -32.08 14.32 7.75
N LYS D 253 -32.30 15.22 8.74
CA LYS D 253 -33.31 16.30 8.71
C LYS D 253 -32.80 17.72 8.65
N GLU D 254 -31.71 18.01 9.28
CA GLU D 254 -31.23 19.40 9.42
C GLU D 254 -29.92 19.70 8.79
N LEU D 255 -29.30 18.74 8.06
CA LEU D 255 -27.90 18.86 7.50
C LEU D 255 -27.89 19.75 6.29
N GLY D 256 -27.35 20.92 6.42
CA GLY D 256 -27.45 21.91 5.31
C GLY D 256 -26.38 21.61 4.19
N GLY D 257 -26.76 21.94 2.95
CA GLY D 257 -25.75 21.86 1.87
C GLY D 257 -25.15 23.21 1.55
N GLU D 258 -25.71 24.36 1.95
CA GLU D 258 -25.12 25.65 1.49
C GLU D 258 -23.89 26.03 2.32
N GLU D 259 -23.03 26.95 1.77
CA GLU D 259 -21.84 27.51 2.47
C GLU D 259 -22.23 28.14 3.80
N PRO D 260 -21.41 28.26 4.82
CA PRO D 260 -21.63 29.22 5.90
C PRO D 260 -22.06 30.62 5.50
N GLU D 261 -22.90 31.31 6.24
CA GLU D 261 -23.32 32.69 5.94
C GLU D 261 -23.07 33.65 7.05
N PRO D 262 -22.21 34.66 7.02
CA PRO D 262 -22.12 35.82 7.86
C PRO D 262 -23.43 36.44 8.37
N SER D 263 -23.32 37.05 9.52
CA SER D 263 -24.52 37.55 10.20
C SER D 263 -24.29 39.05 10.67
N LEU D 264 -25.14 39.94 10.03
CA LEU D 264 -25.11 41.37 10.21
C LEU D 264 -25.90 41.75 11.45
N ARG D 265 -25.35 42.49 12.39
CA ARG D 265 -25.96 42.96 13.66
C ARG D 265 -25.33 44.20 14.20
N GLU D 266 -26.10 44.88 15.07
CA GLU D 266 -25.55 45.96 15.86
C GLU D 266 -24.41 45.54 16.83
N GLY D 267 -23.40 46.43 17.18
CA GLY D 267 -22.28 45.98 18.03
C GLY D 267 -21.49 47.15 18.53
N PRO D 268 -20.35 46.88 19.22
CA PRO D 268 -19.60 47.97 19.81
C PRO D 268 -19.05 49.06 18.81
N GLY D 269 -19.61 50.25 18.75
CA GLY D 269 -19.26 51.44 17.92
C GLY D 269 -19.59 51.16 16.46
N GLY D 270 -20.67 50.43 16.25
CA GLY D 270 -21.25 50.13 14.97
C GLY D 270 -21.24 48.64 14.70
N LEU D 271 -21.87 48.24 13.59
CA LEU D 271 -22.35 46.93 13.15
C LEU D 271 -21.21 45.95 12.99
N VAL D 272 -21.45 44.66 13.33
CA VAL D 272 -20.43 43.60 13.33
C VAL D 272 -20.90 42.58 12.27
N MET D 273 -19.96 42.18 11.34
CA MET D 273 -20.13 41.07 10.48
C MET D 273 -18.83 40.44 10.17
N GLU D 274 -18.71 39.12 10.12
CA GLU D 274 -17.39 38.54 9.94
C GLU D 274 -17.49 37.31 9.02
N GLY D 275 -16.48 37.04 8.21
CA GLY D 275 -16.53 35.89 7.31
C GLY D 275 -15.53 35.82 6.26
N HIS D 276 -15.36 34.58 5.67
CA HIS D 276 -14.34 34.41 4.66
C HIS D 276 -14.62 35.28 3.45
N LEU D 277 -13.65 35.88 2.79
CA LEU D 277 -13.82 36.50 1.49
C LEU D 277 -12.52 36.31 0.72
N PHE D 278 -12.52 36.35 -0.63
CA PHE D 278 -11.28 36.33 -1.46
C PHE D 278 -11.01 37.85 -1.70
N LYS D 279 -9.71 38.14 -1.84
CA LYS D 279 -9.08 39.40 -1.79
C LYS D 279 -7.92 39.34 -2.80
N ARG D 280 -7.20 40.40 -3.01
CA ARG D 280 -6.08 40.49 -3.94
C ARG D 280 -4.83 40.54 -3.15
N ALA D 281 -3.82 39.77 -3.63
CA ALA D 281 -2.57 39.58 -3.00
C ALA D 281 -1.55 40.32 -3.81
N SER D 282 -0.34 39.81 -3.86
CA SER D 282 0.73 40.51 -4.56
C SER D 282 1.29 39.69 -5.73
N ASN D 283 0.58 38.62 -6.07
CA ASN D 283 0.80 37.83 -7.24
C ASN D 283 0.13 38.28 -8.58
N ALA D 284 0.84 38.24 -9.70
CA ALA D 284 0.50 38.56 -11.11
C ALA D 284 -0.41 39.82 -11.23
N PHE D 285 -1.41 39.73 -12.13
CA PHE D 285 -2.37 40.75 -12.41
C PHE D 285 -3.50 40.82 -11.32
N LYS D 286 -3.01 41.23 -10.06
CA LYS D 286 -3.83 41.48 -8.93
C LYS D 286 -4.56 40.23 -8.48
N THR D 287 -3.88 39.08 -8.33
CA THR D 287 -4.63 37.82 -8.34
C THR D 287 -5.08 37.37 -6.96
N TRP D 288 -6.22 36.70 -6.96
CA TRP D 288 -7.04 36.42 -5.82
C TRP D 288 -6.48 35.39 -4.81
N SER D 289 -6.85 35.49 -3.48
CA SER D 289 -6.49 34.64 -2.33
C SER D 289 -7.47 34.84 -1.26
N ARG D 290 -7.81 33.83 -0.39
CA ARG D 290 -8.88 33.80 0.53
C ARG D 290 -8.56 34.22 2.00
N ARG D 291 -9.22 35.23 2.69
CA ARG D 291 -8.95 35.74 4.02
C ARG D 291 -10.20 35.97 4.73
N TRP D 292 -10.12 36.13 6.13
CA TRP D 292 -11.33 36.29 6.96
C TRP D 292 -11.43 37.75 7.27
N PHE D 293 -12.56 38.39 6.89
CA PHE D 293 -12.78 39.80 7.07
C PHE D 293 -13.82 40.04 8.14
N THR D 294 -13.57 40.99 8.96
CA THR D 294 -14.47 41.44 9.99
C THR D 294 -14.87 42.89 9.70
N ILE D 295 -16.16 43.25 9.71
CA ILE D 295 -16.63 44.58 9.75
C ILE D 295 -16.97 44.85 11.20
N GLN D 296 -16.26 45.88 11.76
CA GLN D 296 -16.48 46.19 13.19
C GLN D 296 -16.03 47.58 13.45
N SER D 297 -16.71 48.41 14.30
CA SER D 297 -16.32 49.73 14.66
C SER D 297 -16.53 50.91 13.71
N ASN D 298 -17.33 50.68 12.72
CA ASN D 298 -17.47 51.52 11.52
C ASN D 298 -16.31 51.31 10.68
N GLN D 299 -15.59 50.14 10.77
CA GLN D 299 -14.45 49.92 9.94
C GLN D 299 -14.38 48.50 9.48
N LEU D 300 -13.45 48.26 8.58
CA LEU D 300 -13.16 46.95 8.03
C LEU D 300 -11.75 46.55 8.31
N VAL D 301 -11.53 45.45 9.07
CA VAL D 301 -10.27 44.84 9.41
C VAL D 301 -10.22 43.42 8.81
N TYR D 302 -9.06 42.82 8.68
CA TYR D 302 -9.02 41.44 8.17
C TYR D 302 -8.12 40.74 9.12
N GLN D 303 -8.43 39.49 9.29
CA GLN D 303 -7.66 38.56 10.10
C GLN D 303 -6.84 37.70 9.17
N LYS D 304 -5.59 37.42 9.58
CA LYS D 304 -4.64 36.63 8.79
C LYS D 304 -4.66 35.34 9.59
N LYS D 305 -3.98 35.23 10.77
CA LYS D 305 -4.26 34.18 11.65
C LYS D 305 -5.60 34.53 12.39
N TYR D 306 -6.55 33.58 12.31
CA TYR D 306 -7.88 33.80 12.96
C TYR D 306 -7.77 33.81 14.57
N LYS D 307 -8.42 34.81 15.15
CA LYS D 307 -8.33 35.15 16.61
C LYS D 307 -6.95 35.64 17.05
N ASP D 308 -6.18 36.26 16.15
CA ASP D 308 -4.94 36.89 16.39
C ASP D 308 -5.04 38.25 15.73
N PRO D 309 -4.15 39.27 16.10
CA PRO D 309 -4.09 40.66 15.58
C PRO D 309 -4.46 40.85 14.12
N VAL D 310 -5.35 41.86 13.82
CA VAL D 310 -5.86 42.20 12.53
C VAL D 310 -5.07 43.25 11.81
N THR D 311 -5.29 43.45 10.53
CA THR D 311 -4.76 44.50 9.70
C THR D 311 -5.94 45.27 9.15
N VAL D 312 -5.87 46.62 9.16
CA VAL D 312 -6.90 47.46 8.56
C VAL D 312 -7.07 47.46 7.11
N VAL D 313 -8.35 47.36 6.56
CA VAL D 313 -8.45 47.46 5.15
C VAL D 313 -9.10 48.85 4.74
N VAL D 314 -10.10 49.31 5.42
CA VAL D 314 -10.57 50.72 5.23
C VAL D 314 -10.73 51.36 6.56
N ASP D 315 -10.15 52.53 6.85
CA ASP D 315 -10.15 53.18 8.10
C ASP D 315 -11.49 53.72 8.58
N ASP D 316 -12.36 53.95 7.66
CA ASP D 316 -13.82 54.20 7.87
C ASP D 316 -14.68 53.59 6.80
N LEU D 317 -15.96 53.27 7.07
CA LEU D 317 -16.95 52.74 6.10
C LEU D 317 -17.99 53.73 5.77
N ARG D 318 -18.09 54.85 6.46
CA ARG D 318 -19.18 55.73 6.31
C ARG D 318 -19.05 56.64 5.11
N LEU D 319 -17.72 56.73 4.72
CA LEU D 319 -17.20 57.53 3.62
C LEU D 319 -16.76 56.59 2.48
N CYS D 320 -17.23 55.33 2.58
CA CYS D 320 -17.01 54.25 1.62
C CYS D 320 -18.12 54.28 0.62
N THR D 321 -17.90 53.65 -0.58
CA THR D 321 -18.80 53.29 -1.61
C THR D 321 -18.43 51.89 -1.95
N VAL D 322 -19.38 51.16 -2.51
CA VAL D 322 -19.28 49.71 -2.80
C VAL D 322 -19.84 49.42 -4.18
N LYS D 323 -18.84 49.02 -4.95
CA LYS D 323 -18.96 48.83 -6.38
C LYS D 323 -19.23 47.34 -6.71
N LEU D 324 -20.27 47.02 -7.51
CA LEU D 324 -20.54 45.59 -7.76
C LEU D 324 -19.88 45.22 -9.07
N CYS D 325 -18.97 46.07 -9.53
CA CYS D 325 -17.94 45.75 -10.58
C CYS D 325 -18.33 44.91 -11.80
N PRO D 326 -19.16 45.43 -12.70
CA PRO D 326 -19.76 44.66 -13.74
C PRO D 326 -18.79 44.42 -14.86
N ASP D 327 -17.61 44.98 -14.81
CA ASP D 327 -16.54 44.90 -15.78
C ASP D 327 -15.38 44.09 -15.34
N SER D 328 -15.57 43.35 -14.29
CA SER D 328 -14.64 42.22 -14.00
C SER D 328 -15.01 40.94 -14.55
N GLU D 329 -14.03 40.11 -14.94
CA GLU D 329 -14.33 38.79 -15.28
C GLU D 329 -14.66 37.89 -14.06
N ARG D 330 -14.32 38.27 -12.87
CA ARG D 330 -14.43 37.42 -11.74
C ARG D 330 -15.86 37.25 -11.18
N ARG D 331 -16.20 36.01 -10.77
CA ARG D 331 -17.56 35.73 -10.48
C ARG D 331 -17.76 36.09 -8.99
N PHE D 332 -18.64 37.07 -8.85
CA PHE D 332 -19.16 37.72 -7.64
C PHE D 332 -18.07 38.59 -6.96
N CYS D 333 -17.57 39.61 -7.77
CA CYS D 333 -16.52 40.46 -7.26
C CYS D 333 -17.20 41.73 -6.81
N PHE D 334 -16.51 42.45 -5.86
CA PHE D 334 -16.83 43.76 -5.39
C PHE D 334 -15.54 44.64 -5.20
N GLU D 335 -15.72 45.94 -5.10
CA GLU D 335 -14.68 46.93 -4.78
C GLU D 335 -15.11 47.88 -3.69
N VAL D 336 -14.33 48.14 -2.59
CA VAL D 336 -14.70 49.16 -1.57
C VAL D 336 -13.73 50.24 -1.72
N VAL D 337 -14.20 51.49 -2.00
CA VAL D 337 -13.39 52.67 -2.08
C VAL D 337 -13.75 53.69 -0.98
N SER D 338 -12.88 53.94 -0.04
CA SER D 338 -13.05 54.80 1.13
C SER D 338 -11.97 55.85 1.04
N THR D 339 -12.10 56.95 1.84
CA THR D 339 -11.26 58.21 1.64
C THR D 339 -9.72 58.00 1.59
N SER D 340 -9.22 57.22 2.52
CA SER D 340 -7.79 56.93 2.56
C SER D 340 -7.40 55.59 1.89
N LYS D 341 -8.29 54.60 1.67
CA LYS D 341 -7.88 53.22 1.30
C LYS D 341 -8.93 52.60 0.39
N SER D 342 -8.47 51.87 -0.65
CA SER D 342 -9.33 51.02 -1.50
C SER D 342 -9.01 49.50 -1.31
N CYS D 343 -9.92 48.57 -1.65
CA CYS D 343 -9.76 47.16 -1.61
C CYS D 343 -10.67 46.48 -2.59
N LEU D 344 -10.17 45.52 -3.45
CA LEU D 344 -10.89 44.55 -4.15
C LEU D 344 -11.28 43.32 -3.25
N LEU D 345 -12.47 42.73 -3.52
CA LEU D 345 -13.00 41.70 -2.71
C LEU D 345 -13.79 40.77 -3.55
N GLN D 346 -13.97 39.55 -3.03
CA GLN D 346 -14.75 38.54 -3.81
C GLN D 346 -15.52 37.66 -2.90
N ALA D 347 -16.84 37.43 -3.24
CA ALA D 347 -17.67 36.57 -2.46
C ALA D 347 -17.83 35.23 -3.21
N ASP D 348 -18.48 34.24 -2.52
CA ASP D 348 -18.45 32.82 -2.99
C ASP D 348 -19.70 32.49 -3.71
N SER D 349 -20.68 33.39 -3.67
CA SER D 349 -21.94 33.11 -4.18
C SER D 349 -22.54 34.49 -4.33
N GLU D 350 -23.69 34.54 -5.14
CA GLU D 350 -24.36 35.79 -5.51
C GLU D 350 -25.05 36.34 -4.24
N ARG D 351 -25.59 35.44 -3.40
CA ARG D 351 -25.98 35.77 -1.99
C ARG D 351 -24.94 36.35 -1.09
N LEU D 352 -23.72 35.72 -0.98
CA LEU D 352 -22.73 36.26 -0.12
C LEU D 352 -22.15 37.59 -0.64
N LEU D 353 -22.20 37.81 -1.99
CA LEU D 353 -21.93 39.18 -2.52
C LEU D 353 -22.84 40.17 -2.03
N GLN D 354 -24.19 39.97 -2.14
CA GLN D 354 -25.26 40.92 -1.89
C GLN D 354 -25.34 41.19 -0.38
N LEU D 355 -25.10 40.21 0.44
CA LEU D 355 -25.00 40.27 1.86
C LEU D 355 -23.78 41.08 2.30
N TRP D 356 -22.61 40.85 1.71
CA TRP D 356 -21.50 41.78 1.94
C TRP D 356 -21.74 43.19 1.36
N VAL D 357 -22.47 43.34 0.25
CA VAL D 357 -22.73 44.64 -0.30
C VAL D 357 -23.68 45.41 0.54
N SER D 358 -24.73 44.70 0.99
CA SER D 358 -25.62 45.25 2.02
C SER D 358 -25.09 45.48 3.46
N ALA D 359 -24.22 44.61 3.89
CA ALA D 359 -23.55 44.74 5.16
C ALA D 359 -22.58 46.00 5.13
N VAL D 360 -21.87 46.27 4.02
CA VAL D 360 -21.06 47.51 3.73
C VAL D 360 -22.06 48.67 3.59
N GLN D 361 -23.24 48.50 2.94
CA GLN D 361 -24.17 49.59 2.81
C GLN D 361 -24.86 50.12 4.04
N SER D 362 -25.10 49.13 4.92
CA SER D 362 -25.52 49.49 6.31
C SER D 362 -24.40 50.20 7.03
N SER D 363 -23.18 49.69 6.86
CA SER D 363 -21.98 50.35 7.42
C SER D 363 -21.74 51.76 6.86
N ILE D 364 -21.94 52.07 5.60
CA ILE D 364 -21.95 53.37 5.00
C ILE D 364 -23.09 54.33 5.48
N ALA D 365 -24.24 53.70 5.81
CA ALA D 365 -25.31 54.46 6.42
C ALA D 365 -25.13 54.54 7.89
N SER D 366 -24.04 54.11 8.53
CA SER D 366 -23.97 54.17 10.04
C SER D 366 -23.32 55.56 10.55
#